data_8J9V
#
_entry.id   8J9V
#
loop_
_entity.id
_entity.type
_entity.pdbx_description
1 polymer 'DNA topoisomerase 2'
2 polymer "DNA (5'-D(*GP*AP*GP*GP*TP*AP*TP*GP*TP*AP*GP*GP*C)-3')"
3 polymer "DNA (5'-D(*GP*GP*CP*CP*GP*CP*CP*TP*AP*CP*AP*TP*AP*CP*CP*TP*C)-3')"
4 non-polymer 'MAGNESIUM ION'
5 non-polymer "(5S,5aR,8aR,9R)-9-(4-hydroxy-3,5-dimethoxyphenyl)-8-oxo-5,5a,6,8,8a,9-hexahydrofuro[3',4':6,7]naphtho[2,3-d][1,3]dioxol -5-yl 4,6-O-[(1R)-ethylidene]-beta-D-glucopyranoside"
#
loop_
_entity_poly.entity_id
_entity_poly.type
_entity_poly.pdbx_seq_one_letter_code
_entity_poly.pdbx_strand_id
1 'polypeptide(L)'
;MEAFEISDFKEHAKKKSMWAGALNKVTISGLMGVFTEDEDLMALPIHRDHCPALLKIFDELIVNATDHERACHSKTKKVT
YIKISFDKGVFSCENDGPGIPIAKHEQASLIAKRDVYVPEVASCFFLAGTNINKAKDCIKGGTNGVGLKLAMVHSQWAIL
TTADGAQKYVQQINQRLDIIEPPTITPSREMFTRIELMPVYQELGYAEPLSETEQADLSAWIYLRACQCAAYVGKGTTIY
YNDKPCRTGSVMALAKMYTLLSAPNSTIHTATIKADAKPYSLHPLQVAAVVSPKFKKFEHVSIINGVNCVKGEHVTFLKK
TINEMVIKKFQQTIKDKNRKTTLRDSCSNIFVVIVGSIPGIEWTGQRKDELSIAENVFKTHYSIPSSFLTSMTRSIVDIL
LQSISKKDNHKQVDVDKYTRARNAGGKRAQDCMLLAAEGDSALSLLRTGLTLGKSNPSGPSFDFCGMISLGGVIMNACKK
VTNITTDSGETIMVRNEQLTNNKVLQGIVQVLGLDFNCHYKTQEERAKLRYGCIVACVDQDLDGCGKILGLLLAYFHLFW
PQLIIHGFVKRLLTPLIRVYEKGKTMPVEFYYEQEFDAWAKKQTSLVNHTVKYYKGLAAHDTHEVKSMFKHFDNMVYTFT
LDDSAKELFHIYFGGESELRKRELCTGVVPLTETQTQSIHSVRRIPCSLHLQVDTKAYKLDAIERQIPNFLDGMTRARRK
ILAGGVKCFASNNRERKVFQFGGYVADHMFYHHGDMSLNTSIIKAAQYYPGSSHLYPVFIGIGSFGSRHLGGKDAGSPRY
ISVQLASEFIKTMFPAEDSWLLPYVFEDGQRAEPEYYVPVLPLAIMEYGANPSEGWKYTTWARQLEDILALVRAYVDKDN
PKHELLHYAIKHKITILPLRPSNYNFKGHLKRFGQYYYSYGTYDISEQRNIITITELPLRVPTVAYIESIKKSSNRMTFI
EEIIDYSSSETIEILVKLKPNSLNRIVEEFKETEEQDSIENFLRLRNCLHSHLNFVKPKGGIIEFNSYYEILYAWLPYRR
ELYQKRLMREHAVLKLRIIMETAIVRYINESAELNLSHYEDEKEASRILSEHGFPPLNHTLIISPEFASIEELNQKALQG
CYTYILSLQARELLIAAKTRRVEKIKKMQARLDKVEQLLQESPFPGASVWLEEIDAVEKAIIKGRNTQWKFHHHHHH
;
A,B
2 'polydeoxyribonucleotide' (DG)(DA)(DG)(DG)(DT)(DA)(DT)(DG)(DT)(DA)(DG)(DG)(DC) C,E
3 'polydeoxyribonucleotide' (DG)(DG)(DC)(DC)(DG)(DC)(DC)(DT)(DA)(DC)(DA)(DT)(DA)(DC)(DC)(DT)(DC) D,F
#
loop_
_chem_comp.id
_chem_comp.type
_chem_comp.name
_chem_comp.formula
DA DNA linking 2'-DEOXYADENOSINE-5'-MONOPHOSPHATE 'C10 H14 N5 O6 P'
DC DNA linking 2'-DEOXYCYTIDINE-5'-MONOPHOSPHATE 'C9 H14 N3 O7 P'
DG DNA linking 2'-DEOXYGUANOSINE-5'-MONOPHOSPHATE 'C10 H14 N5 O7 P'
DT DNA linking THYMIDINE-5'-MONOPHOSPHATE 'C10 H15 N2 O8 P'
EVP non-polymer '(5S,5aR,8aR,9R)-9-(4-hydroxy-3,5-dimethoxyphenyl)-8-oxo-5,5a,6,8,8a,9-hexahydrofuro[3',4':6,7]naphtho[2,3-d][1,3]dioxol -5-yl 4,6-O-[(1R)-ethylidene]-beta-D-glucopyranoside' 'C29 H32 O13'
MG non-polymer 'MAGNESIUM ION' 'Mg 2'
#
# COMPACT_ATOMS: atom_id res chain seq x y z
N VAL A 415 14.89 -27.23 12.22
CA VAL A 415 14.70 -25.84 12.63
C VAL A 415 14.61 -24.96 11.39
N ASP A 416 13.47 -24.27 11.24
CA ASP A 416 13.27 -23.44 10.07
C ASP A 416 14.01 -22.10 10.21
N LYS A 417 14.26 -21.47 9.06
CA LYS A 417 14.97 -20.19 8.99
C LYS A 417 16.31 -20.26 9.68
N TYR A 418 16.99 -21.40 9.56
CA TYR A 418 18.29 -21.64 10.19
C TYR A 418 19.24 -22.21 9.16
N THR A 419 20.17 -21.38 8.69
CA THR A 419 21.23 -21.83 7.79
C THR A 419 22.44 -22.20 8.64
N ARG A 420 22.68 -23.50 8.78
CA ARG A 420 23.76 -23.97 9.63
C ARG A 420 25.11 -23.47 9.16
N ALA A 421 25.92 -22.96 10.09
CA ALA A 421 27.30 -22.60 9.80
C ALA A 421 28.13 -23.86 9.67
N ARG A 422 28.92 -23.94 8.60
CA ARG A 422 29.86 -25.04 8.48
C ARG A 422 30.95 -24.93 9.55
N ASN A 423 31.53 -26.09 9.87
CA ASN A 423 32.56 -26.19 10.90
C ASN A 423 32.02 -25.78 12.28
N ALA A 424 30.72 -25.93 12.49
CA ALA A 424 30.07 -25.65 13.76
C ALA A 424 29.53 -26.93 14.37
N GLY A 425 29.60 -27.01 15.69
CA GLY A 425 29.23 -28.22 16.40
C GLY A 425 30.34 -29.24 16.56
N GLY A 426 31.50 -29.01 15.95
CA GLY A 426 32.62 -29.92 16.07
C GLY A 426 33.71 -29.39 16.99
N LYS A 427 34.96 -29.75 16.70
CA LYS A 427 36.08 -29.27 17.49
C LYS A 427 36.30 -27.77 17.36
N ARG A 428 35.82 -27.17 16.27
CA ARG A 428 35.96 -25.74 16.04
C ARG A 428 34.72 -24.95 16.44
N ALA A 429 33.75 -25.61 17.08
CA ALA A 429 32.49 -24.95 17.42
C ALA A 429 32.70 -23.73 18.30
N GLN A 430 33.74 -23.74 19.14
CA GLN A 430 34.00 -22.61 20.02
C GLN A 430 34.35 -21.35 19.25
N ASP A 431 34.74 -21.48 17.98
CA ASP A 431 35.06 -20.32 17.15
C ASP A 431 33.88 -19.84 16.32
N CYS A 432 32.73 -20.49 16.42
CA CYS A 432 31.56 -20.12 15.64
C CYS A 432 30.59 -19.30 16.48
N MET A 433 29.96 -18.32 15.85
CA MET A 433 28.96 -17.50 16.50
C MET A 433 27.63 -17.65 15.78
N LEU A 434 26.54 -17.54 16.54
CA LEU A 434 25.20 -17.64 15.99
C LEU A 434 24.58 -16.26 15.93
N LEU A 435 24.04 -15.90 14.77
CA LEU A 435 23.46 -14.58 14.55
C LEU A 435 21.95 -14.69 14.69
N ALA A 436 21.43 -14.22 15.82
CA ALA A 436 20.00 -14.26 16.10
C ALA A 436 19.36 -13.00 15.54
N ALA A 437 18.55 -13.16 14.51
CA ALA A 437 17.90 -12.04 13.83
C ALA A 437 16.46 -11.91 14.32
N GLU A 438 16.04 -10.67 14.58
CA GLU A 438 14.66 -10.44 15.01
C GLU A 438 13.66 -10.61 13.88
N GLY A 439 14.13 -10.60 12.63
CA GLY A 439 13.22 -10.72 11.50
C GLY A 439 13.95 -11.13 10.24
N ASP A 440 13.18 -11.22 9.16
CA ASP A 440 13.72 -11.66 7.88
C ASP A 440 14.49 -10.56 7.15
N SER A 441 14.21 -9.28 7.43
CA SER A 441 15.04 -8.22 6.87
C SER A 441 16.44 -8.29 7.43
N ALA A 442 16.56 -8.51 8.75
CA ALA A 442 17.87 -8.76 9.33
C ALA A 442 18.51 -10.00 8.75
N LEU A 443 17.70 -11.02 8.45
CA LEU A 443 18.22 -12.21 7.79
C LEU A 443 18.83 -11.88 6.44
N SER A 444 18.15 -11.05 5.65
CA SER A 444 18.67 -10.67 4.34
C SER A 444 19.95 -9.86 4.47
N LEU A 445 19.99 -8.94 5.44
CA LEU A 445 21.22 -8.18 5.67
C LEU A 445 22.38 -9.10 6.03
N LEU A 446 22.13 -10.06 6.92
CA LEU A 446 23.17 -11.01 7.31
C LEU A 446 23.61 -11.86 6.13
N ARG A 447 22.66 -12.28 5.29
CA ARG A 447 23.01 -13.06 4.11
C ARG A 447 23.91 -12.27 3.18
N THR A 448 23.57 -11.00 2.94
CA THR A 448 24.42 -10.17 2.08
C THR A 448 25.82 -10.02 2.68
N GLY A 449 25.88 -9.73 3.99
CA GLY A 449 27.17 -9.54 4.63
C GLY A 449 28.05 -10.78 4.60
N LEU A 450 27.45 -11.94 4.87
CA LEU A 450 28.22 -13.18 4.90
C LEU A 450 28.54 -13.69 3.50
N THR A 451 27.71 -13.36 2.51
CA THR A 451 27.96 -13.75 1.13
C THR A 451 28.78 -12.73 0.38
N LEU A 452 29.22 -11.66 1.04
CA LEU A 452 30.27 -10.81 0.46
C LEU A 452 31.45 -11.67 0.04
N GLY A 453 31.90 -12.57 0.91
CA GLY A 453 32.86 -13.60 0.56
C GLY A 453 34.18 -13.08 0.02
N LYS A 454 34.38 -13.26 -1.28
CA LYS A 454 35.62 -12.82 -1.92
C LYS A 454 35.74 -11.30 -1.85
N SER A 455 36.97 -10.83 -1.99
CA SER A 455 37.34 -9.41 -1.96
C SER A 455 37.14 -8.83 -0.57
N ASN A 456 36.63 -9.62 0.37
CA ASN A 456 36.48 -9.23 1.76
C ASN A 456 36.92 -10.38 2.65
N PRO A 457 38.22 -10.70 2.66
CA PRO A 457 38.67 -11.86 3.45
C PRO A 457 38.68 -11.60 4.94
N SER A 458 38.86 -10.35 5.37
CA SER A 458 38.85 -10.05 6.79
C SER A 458 37.48 -10.25 7.41
N GLY A 459 36.42 -9.92 6.68
CA GLY A 459 35.07 -10.07 7.18
C GLY A 459 34.65 -11.52 7.28
N PRO A 460 33.59 -11.78 8.03
CA PRO A 460 33.13 -13.16 8.23
C PRO A 460 32.33 -13.67 7.04
N SER A 461 32.28 -15.00 6.94
CA SER A 461 31.45 -15.67 5.95
C SER A 461 30.55 -16.66 6.66
N PHE A 462 29.84 -17.52 5.92
CA PHE A 462 28.94 -18.46 6.54
C PHE A 462 29.66 -19.51 7.38
N ASP A 463 30.96 -19.68 7.21
CA ASP A 463 31.72 -20.48 8.17
C ASP A 463 31.93 -19.67 9.44
N PHE A 464 31.84 -20.34 10.59
CA PHE A 464 31.99 -19.72 11.91
C PHE A 464 30.90 -18.70 12.21
N CYS A 465 29.86 -18.63 11.38
CA CYS A 465 28.77 -17.68 11.60
C CYS A 465 27.45 -18.34 11.18
N GLY A 466 26.68 -18.77 12.17
CA GLY A 466 25.35 -19.30 11.93
C GLY A 466 24.32 -18.20 11.96
N MET A 467 23.17 -18.47 11.35
CA MET A 467 22.10 -17.49 11.22
C MET A 467 20.77 -18.12 11.60
N ILE A 468 20.02 -17.42 12.45
CA ILE A 468 18.72 -17.88 12.94
C ILE A 468 17.83 -16.67 13.14
N SER A 469 16.53 -16.85 12.90
CA SER A 469 15.55 -15.79 13.03
C SER A 469 14.76 -15.96 14.33
N LEU A 470 14.51 -14.84 15.02
CA LEU A 470 13.69 -14.85 16.21
C LEU A 470 12.19 -14.80 15.91
N GLY A 471 11.81 -14.54 14.67
CA GLY A 471 10.41 -14.49 14.30
C GLY A 471 9.63 -13.38 15.00
N GLY A 472 10.17 -12.17 14.99
CA GLY A 472 9.57 -11.09 15.74
C GLY A 472 9.95 -11.17 17.21
N VAL A 473 9.03 -10.69 18.06
CA VAL A 473 9.26 -10.83 19.49
C VAL A 473 9.13 -12.29 19.89
N ILE A 474 9.73 -12.62 21.05
CA ILE A 474 9.70 -14.00 21.53
C ILE A 474 8.82 -14.05 22.76
N MET A 475 8.66 -15.24 23.32
CA MET A 475 7.80 -15.42 24.48
C MET A 475 8.57 -15.23 25.78
N ASN A 476 7.93 -14.55 26.73
CA ASN A 476 8.54 -14.19 28.01
C ASN A 476 8.53 -15.42 28.90
N ALA A 477 9.70 -16.02 29.13
CA ALA A 477 9.77 -17.24 29.93
C ALA A 477 9.72 -16.98 31.42
N CYS A 478 9.90 -15.73 31.85
CA CYS A 478 9.86 -15.42 33.28
C CYS A 478 8.46 -15.65 33.85
N LYS A 479 7.44 -15.51 32.99
CA LYS A 479 6.06 -15.70 33.41
C LYS A 479 5.56 -17.12 33.18
N LYS A 480 6.39 -17.97 32.57
CA LYS A 480 5.99 -19.35 32.30
C LYS A 480 6.58 -20.33 33.29
N VAL A 481 7.79 -20.08 33.79
CA VAL A 481 8.39 -20.97 34.76
C VAL A 481 7.61 -20.91 36.07
N THR A 482 7.59 -22.04 36.78
CA THR A 482 6.79 -22.16 37.99
C THR A 482 7.60 -22.21 39.27
N ASN A 483 8.82 -22.76 39.22
CA ASN A 483 9.70 -22.84 40.39
C ASN A 483 9.04 -23.58 41.55
N ILE A 484 8.31 -24.64 41.22
CA ILE A 484 7.58 -25.42 42.21
C ILE A 484 8.51 -26.43 42.89
N THR A 485 7.99 -27.06 43.94
CA THR A 485 8.66 -28.13 44.71
C THR A 485 10.15 -27.87 44.92
N THR A 486 10.45 -26.68 45.43
CA THR A 486 11.80 -26.34 45.85
C THR A 486 12.11 -26.82 47.27
N ASP A 487 11.13 -27.43 47.94
CA ASP A 487 11.29 -27.86 49.32
C ASP A 487 12.15 -29.11 49.49
N SER A 488 12.55 -29.75 48.39
CA SER A 488 13.36 -30.97 48.44
C SER A 488 14.84 -30.68 48.70
N GLY A 489 15.17 -29.48 49.15
CA GLY A 489 16.55 -29.10 49.37
C GLY A 489 17.22 -28.47 48.17
N GLU A 490 16.59 -28.50 47.00
CA GLU A 490 17.11 -27.88 45.79
C GLU A 490 15.99 -27.13 45.10
N THR A 491 16.31 -25.94 44.59
CA THR A 491 15.34 -25.11 43.88
C THR A 491 15.25 -25.59 42.45
N ILE A 492 14.22 -26.37 42.14
CA ILE A 492 13.99 -26.89 40.79
C ILE A 492 12.96 -26.00 40.10
N MET A 493 13.25 -25.62 38.87
CA MET A 493 12.38 -24.74 38.10
C MET A 493 11.73 -25.56 36.98
N VAL A 494 10.40 -25.57 36.96
CA VAL A 494 9.64 -26.37 36.02
C VAL A 494 9.14 -25.47 34.89
N ARG A 495 9.45 -25.85 33.66
CA ARG A 495 9.03 -25.08 32.51
C ARG A 495 7.58 -25.38 32.14
N ASN A 496 6.84 -24.34 31.78
CA ASN A 496 5.44 -24.49 31.41
C ASN A 496 5.33 -25.23 30.08
N GLU A 497 4.25 -25.99 29.91
CA GLU A 497 4.05 -26.73 28.66
C GLU A 497 3.97 -25.81 27.47
N GLN A 498 3.37 -24.63 27.62
CA GLN A 498 3.45 -23.62 26.58
C GLN A 498 4.89 -23.17 26.38
N LEU A 499 5.66 -23.08 27.46
CA LEU A 499 7.07 -22.74 27.33
C LEU A 499 7.86 -23.88 26.67
N THR A 500 7.48 -25.13 26.94
CA THR A 500 8.18 -26.25 26.31
C THR A 500 7.89 -26.32 24.81
N ASN A 501 6.66 -26.02 24.41
CA ASN A 501 6.23 -26.27 23.03
C ASN A 501 6.48 -25.11 22.09
N ASN A 502 7.09 -24.02 22.56
CA ASN A 502 7.37 -22.89 21.67
C ASN A 502 8.39 -23.29 20.60
N LYS A 503 8.08 -22.91 19.35
CA LYS A 503 8.92 -23.33 18.23
C LYS A 503 10.28 -22.64 18.25
N VAL A 504 10.30 -21.31 18.41
CA VAL A 504 11.54 -20.56 18.25
C VAL A 504 12.51 -20.86 19.38
N LEU A 505 12.02 -20.92 20.62
CA LEU A 505 12.91 -21.16 21.76
C LEU A 505 13.50 -22.57 21.71
N GLN A 506 12.68 -23.56 21.38
CA GLN A 506 13.20 -24.92 21.28
C GLN A 506 14.13 -25.06 20.08
N GLY A 507 13.88 -24.32 19.00
CA GLY A 507 14.81 -24.33 17.89
C GLY A 507 16.15 -23.75 18.26
N ILE A 508 16.15 -22.64 19.01
CA ILE A 508 17.41 -22.06 19.48
C ILE A 508 18.12 -23.03 20.41
N VAL A 509 17.38 -23.68 21.31
CA VAL A 509 17.99 -24.64 22.23
C VAL A 509 18.63 -25.79 21.45
N GLN A 510 17.93 -26.30 20.43
CA GLN A 510 18.49 -27.37 19.61
C GLN A 510 19.73 -26.91 18.88
N VAL A 511 19.70 -25.69 18.32
CA VAL A 511 20.84 -25.19 17.55
C VAL A 511 22.07 -25.05 18.45
N LEU A 512 21.88 -24.50 19.65
CA LEU A 512 23.03 -24.31 20.53
C LEU A 512 23.48 -25.62 21.16
N GLY A 513 22.50 -26.47 21.39
CA GLY A 513 22.76 -27.71 22.05
C GLY A 513 22.83 -27.37 23.52
N LEU A 514 21.82 -26.68 24.00
CA LEU A 514 21.81 -26.30 25.39
C LEU A 514 20.89 -27.16 26.16
N ASP A 515 21.27 -27.61 27.33
CA ASP A 515 20.26 -28.28 28.13
C ASP A 515 19.95 -27.45 29.37
N PHE A 516 18.71 -27.56 29.85
CA PHE A 516 18.28 -26.75 30.99
C PHE A 516 18.85 -27.26 32.30
N ASN A 517 19.11 -28.56 32.41
CA ASN A 517 19.54 -29.12 33.69
C ASN A 517 20.95 -28.67 34.05
N CYS A 518 21.82 -28.51 33.07
CA CYS A 518 23.22 -28.24 33.33
C CYS A 518 23.47 -26.77 33.65
N HIS A 519 24.35 -26.55 34.63
CA HIS A 519 24.87 -25.22 34.94
C HIS A 519 26.25 -25.08 34.29
N TYR A 520 26.42 -24.05 33.49
CA TYR A 520 27.63 -23.89 32.69
C TYR A 520 28.70 -23.13 33.48
N LYS A 521 29.12 -23.75 34.58
CA LYS A 521 30.12 -23.15 35.44
C LYS A 521 31.52 -23.24 34.84
N THR A 522 32.02 -24.46 34.65
CA THR A 522 33.39 -24.65 34.20
C THR A 522 33.49 -24.48 32.69
N GLN A 523 34.73 -24.48 32.21
CA GLN A 523 35.01 -24.29 30.79
C GLN A 523 34.54 -25.44 29.90
N GLU A 524 34.53 -26.65 30.43
CA GLU A 524 34.11 -27.81 29.63
C GLU A 524 32.63 -27.74 29.29
N GLU A 525 31.80 -27.31 30.24
CA GLU A 525 30.37 -27.22 30.00
C GLU A 525 30.06 -26.25 28.88
N ARG A 526 30.73 -25.09 28.87
CA ARG A 526 30.57 -24.16 27.76
C ARG A 526 31.13 -24.71 26.47
N ALA A 527 32.21 -25.51 26.56
CA ALA A 527 32.76 -26.16 25.38
C ALA A 527 31.80 -27.18 24.79
N LYS A 528 30.88 -27.72 25.59
CA LYS A 528 29.87 -28.64 25.06
C LYS A 528 28.90 -27.94 24.12
N LEU A 529 28.85 -26.62 24.12
CA LEU A 529 27.94 -25.88 23.26
C LEU A 529 28.32 -26.05 21.80
N ARG A 530 27.31 -26.00 20.93
CA ARG A 530 27.54 -26.12 19.50
C ARG A 530 28.00 -24.82 18.86
N TYR A 531 27.93 -23.70 19.57
CA TYR A 531 28.42 -22.42 19.09
C TYR A 531 29.21 -21.74 20.19
N GLY A 532 30.18 -20.92 19.78
CA GLY A 532 30.99 -20.21 20.75
C GLY A 532 30.21 -19.15 21.50
N CYS A 533 29.32 -18.44 20.78
CA CYS A 533 28.52 -17.38 21.39
C CYS A 533 27.32 -17.12 20.50
N ILE A 534 26.35 -16.39 21.06
CA ILE A 534 25.16 -15.99 20.33
C ILE A 534 25.14 -14.47 20.21
N VAL A 535 25.01 -13.99 18.98
CA VAL A 535 25.01 -12.57 18.67
C VAL A 535 23.62 -12.19 18.17
N ALA A 536 23.02 -11.20 18.81
CA ALA A 536 21.69 -10.71 18.46
C ALA A 536 21.82 -9.49 17.55
N CYS A 537 21.07 -9.50 16.44
CA CYS A 537 21.00 -8.36 15.55
C CYS A 537 19.54 -7.91 15.48
N VAL A 538 19.30 -6.68 15.91
CA VAL A 538 17.96 -6.12 15.94
C VAL A 538 18.01 -4.69 15.38
N ASP A 539 16.84 -4.19 15.00
CA ASP A 539 16.75 -2.82 14.55
C ASP A 539 17.11 -1.88 15.69
N GLN A 540 17.77 -0.77 15.37
CA GLN A 540 18.16 0.20 16.37
C GLN A 540 16.95 1.09 16.67
N ASP A 541 16.02 0.54 17.44
CA ASP A 541 14.82 1.25 17.84
C ASP A 541 14.32 0.62 19.13
N LEU A 542 13.30 1.24 19.72
CA LEU A 542 12.77 0.75 20.98
C LEU A 542 12.17 -0.65 20.83
N ASP A 543 11.47 -0.89 19.73
CA ASP A 543 10.90 -2.21 19.45
C ASP A 543 12.00 -3.07 18.82
N GLY A 544 12.69 -3.82 19.66
CA GLY A 544 13.75 -4.70 19.19
C GLY A 544 15.03 -4.54 19.97
N CYS A 545 15.38 -3.32 20.32
CA CYS A 545 16.50 -3.02 21.21
C CYS A 545 15.90 -2.56 22.53
N GLY A 546 15.56 -3.51 23.38
CA GLY A 546 14.87 -3.26 24.62
C GLY A 546 13.65 -4.14 24.84
N LYS A 547 13.03 -4.64 23.78
CA LYS A 547 11.90 -5.55 23.89
C LYS A 547 12.27 -6.96 23.43
N ILE A 548 12.72 -7.12 22.19
CA ILE A 548 13.11 -8.44 21.71
C ILE A 548 14.43 -8.86 22.34
N LEU A 549 15.43 -7.96 22.29
CA LEU A 549 16.71 -8.24 22.93
C LEU A 549 16.55 -8.33 24.43
N GLY A 550 15.69 -7.49 25.01
CA GLY A 550 15.44 -7.59 26.44
C GLY A 550 14.83 -8.91 26.83
N LEU A 551 13.86 -9.40 26.05
CA LEU A 551 13.26 -10.70 26.34
C LEU A 551 14.26 -11.83 26.19
N LEU A 552 15.10 -11.78 25.16
CA LEU A 552 16.12 -12.81 24.98
C LEU A 552 17.12 -12.80 26.14
N LEU A 553 17.55 -11.61 26.56
CA LEU A 553 18.46 -11.50 27.69
C LEU A 553 17.80 -12.02 28.96
N ALA A 554 16.52 -11.73 29.15
CA ALA A 554 15.80 -12.23 30.32
C ALA A 554 15.72 -13.75 30.30
N TYR A 555 15.47 -14.33 29.13
CA TYR A 555 15.44 -15.78 29.00
C TYR A 555 16.78 -16.39 29.40
N PHE A 556 17.87 -15.88 28.84
CA PHE A 556 19.19 -16.44 29.13
C PHE A 556 19.56 -16.24 30.59
N HIS A 557 19.25 -15.07 31.15
CA HIS A 557 19.54 -14.83 32.56
C HIS A 557 18.71 -15.74 33.47
N LEU A 558 17.46 -15.98 33.10
CA LEU A 558 16.59 -16.83 33.91
C LEU A 558 17.09 -18.26 33.93
N PHE A 559 17.54 -18.78 32.78
CA PHE A 559 17.91 -20.19 32.76
C PHE A 559 19.40 -20.41 32.99
N TRP A 560 20.27 -19.68 32.30
CA TRP A 560 21.72 -19.89 32.38
C TRP A 560 22.42 -18.56 32.63
N PRO A 561 22.45 -18.10 33.89
CA PRO A 561 23.20 -16.86 34.19
C PRO A 561 24.68 -16.96 33.90
N GLN A 562 25.27 -18.15 34.02
CA GLN A 562 26.71 -18.30 33.82
C GLN A 562 27.11 -18.00 32.38
N LEU A 563 26.20 -18.22 31.43
CA LEU A 563 26.49 -17.85 30.04
C LEU A 563 26.66 -16.35 29.89
N ILE A 564 25.77 -15.58 30.50
CA ILE A 564 25.91 -14.12 30.46
C ILE A 564 27.16 -13.69 31.22
N ILE A 565 27.44 -14.33 32.36
CA ILE A 565 28.60 -13.98 33.17
C ILE A 565 29.88 -14.20 32.37
N HIS A 566 29.98 -15.34 31.70
CA HIS A 566 31.17 -15.68 30.93
C HIS A 566 31.10 -15.19 29.49
N GLY A 567 30.29 -14.18 29.22
CA GLY A 567 30.28 -13.53 27.92
C GLY A 567 29.82 -14.39 26.76
N PHE A 568 28.84 -15.26 26.99
CA PHE A 568 28.28 -16.05 25.89
C PHE A 568 27.30 -15.27 25.04
N VAL A 569 26.67 -14.24 25.59
CA VAL A 569 25.63 -13.48 24.91
C VAL A 569 26.19 -12.13 24.51
N LYS A 570 25.98 -11.76 23.25
CA LYS A 570 26.45 -10.48 22.73
C LYS A 570 25.52 -10.03 21.62
N ARG A 571 25.67 -8.77 21.23
CA ARG A 571 24.82 -8.20 20.20
C ARG A 571 25.68 -7.42 19.22
N LEU A 572 25.20 -7.29 17.99
CA LEU A 572 25.84 -6.39 17.04
C LEU A 572 25.03 -5.10 16.96
N LEU A 573 25.72 -3.98 17.13
CA LEU A 573 25.09 -2.67 17.23
C LEU A 573 25.22 -1.95 15.91
N THR A 574 24.12 -1.37 15.43
CA THR A 574 24.10 -0.69 14.16
C THR A 574 23.80 0.80 14.35
N PRO A 575 24.32 1.66 13.49
CA PRO A 575 24.08 3.10 13.64
C PRO A 575 22.64 3.47 13.30
N LEU A 576 22.00 4.20 14.21
CA LEU A 576 20.65 4.67 13.96
C LEU A 576 20.64 5.83 12.97
N ILE A 577 21.57 6.77 13.13
CA ILE A 577 21.64 7.98 12.31
C ILE A 577 23.06 8.13 11.79
N ARG A 578 23.20 8.48 10.51
CA ARG A 578 24.49 8.76 9.92
C ARG A 578 24.48 10.13 9.28
N VAL A 579 25.47 10.96 9.63
CA VAL A 579 25.64 12.28 9.05
C VAL A 579 26.92 12.28 8.23
N TYR A 580 26.78 12.54 6.93
CA TYR A 580 27.92 12.59 6.01
C TYR A 580 28.24 14.03 5.68
N GLU A 581 29.50 14.42 5.86
CA GLU A 581 29.97 15.73 5.44
C GLU A 581 30.52 15.64 4.03
N LYS A 582 30.20 16.65 3.21
CA LYS A 582 30.59 16.63 1.81
C LYS A 582 32.11 16.59 1.67
N GLY A 583 32.59 15.67 0.83
CA GLY A 583 34.01 15.48 0.63
C GLY A 583 34.66 14.48 1.57
N LYS A 584 33.94 13.98 2.56
CA LYS A 584 34.45 12.99 3.50
C LYS A 584 33.57 11.75 3.42
N THR A 585 34.21 10.58 3.34
CA THR A 585 33.48 9.33 3.17
C THR A 585 33.09 8.67 4.48
N MET A 586 33.64 9.12 5.61
CA MET A 586 33.33 8.49 6.90
C MET A 586 32.17 9.22 7.56
N PRO A 587 31.18 8.51 8.10
CA PRO A 587 30.08 9.19 8.79
C PRO A 587 30.32 9.31 10.28
N VAL A 588 29.38 9.93 11.00
CA VAL A 588 29.49 10.04 12.45
C VAL A 588 28.77 8.91 13.18
N GLU A 589 27.90 8.16 12.48
CA GLU A 589 27.19 6.98 12.97
C GLU A 589 26.69 7.11 14.41
N PHE A 590 25.79 8.05 14.66
CA PHE A 590 25.21 8.21 15.99
C PHE A 590 24.14 7.16 16.23
N TYR A 591 24.03 6.74 17.49
CA TYR A 591 23.21 5.58 17.86
C TYR A 591 21.90 5.95 18.52
N TYR A 592 21.81 7.10 19.17
CA TYR A 592 20.60 7.52 19.87
C TYR A 592 20.17 8.90 19.39
N GLU A 593 18.87 9.18 19.54
CA GLU A 593 18.35 10.49 19.15
C GLU A 593 18.93 11.60 20.01
N GLN A 594 19.09 11.35 21.31
CA GLN A 594 19.63 12.38 22.20
C GLN A 594 21.06 12.73 21.82
N GLU A 595 21.87 11.72 21.51
CA GLU A 595 23.26 11.97 21.11
C GLU A 595 23.31 12.78 19.82
N PHE A 596 22.46 12.44 18.85
CA PHE A 596 22.44 13.18 17.60
C PHE A 596 21.99 14.62 17.81
N ASP A 597 20.99 14.83 18.68
CA ASP A 597 20.54 16.19 18.96
C ASP A 597 21.65 17.00 19.65
N ALA A 598 22.36 16.38 20.59
CA ALA A 598 23.46 17.08 21.25
C ALA A 598 24.55 17.43 20.25
N TRP A 599 24.87 16.51 19.33
CA TRP A 599 25.88 16.81 18.31
C TRP A 599 25.41 17.93 17.40
N ALA A 600 24.15 17.90 16.98
CA ALA A 600 23.63 18.93 16.08
C ALA A 600 23.63 20.31 16.73
N LYS A 601 23.21 20.39 18.00
CA LYS A 601 23.25 21.67 18.68
C LYS A 601 24.68 22.10 18.98
N LYS A 602 25.61 21.14 19.10
CA LYS A 602 27.01 21.50 19.25
C LYS A 602 27.57 22.02 17.93
N GLN A 603 27.07 21.53 16.81
CA GLN A 603 27.52 22.01 15.51
C GLN A 603 27.08 23.46 15.29
N THR A 604 27.96 24.24 14.67
CA THR A 604 27.63 25.64 14.38
C THR A 604 26.48 25.72 13.38
N SER A 605 26.50 24.90 12.34
CA SER A 605 25.45 24.90 11.34
C SER A 605 25.46 23.57 10.61
N LEU A 606 24.32 23.24 10.00
CA LEU A 606 24.20 22.01 9.20
C LEU A 606 24.44 22.32 7.73
N VAL A 607 25.70 22.61 7.43
CA VAL A 607 26.14 22.96 6.08
C VAL A 607 26.92 21.79 5.52
N ASN A 608 26.59 21.39 4.29
CA ASN A 608 27.23 20.27 3.60
C ASN A 608 27.10 18.97 4.39
N HIS A 609 26.05 18.85 5.19
CA HIS A 609 25.79 17.66 5.99
C HIS A 609 24.52 17.00 5.51
N THR A 610 24.61 15.70 5.20
CA THR A 610 23.46 14.90 4.81
C THR A 610 23.16 13.93 5.93
N VAL A 611 21.93 13.98 6.45
CA VAL A 611 21.51 13.16 7.58
C VAL A 611 20.62 12.05 7.06
N LYS A 612 20.96 10.81 7.42
CA LYS A 612 20.21 9.63 7.01
C LYS A 612 19.79 8.86 8.25
N TYR A 613 18.52 8.50 8.32
CA TYR A 613 17.97 7.73 9.42
C TYR A 613 17.77 6.28 8.96
N TYR A 614 18.20 5.34 9.79
CA TYR A 614 18.07 3.92 9.49
C TYR A 614 17.12 3.32 10.53
N LYS A 615 15.82 3.40 10.23
CA LYS A 615 14.79 2.87 11.11
C LYS A 615 14.48 1.42 10.74
N GLY A 616 15.51 0.59 10.86
CA GLY A 616 15.42 -0.82 10.50
C GLY A 616 16.72 -1.22 9.82
N LEU A 617 17.07 -2.50 9.97
CA LEU A 617 18.32 -2.99 9.38
C LEU A 617 18.27 -2.98 7.86
N ALA A 618 17.10 -3.27 7.28
CA ALA A 618 16.98 -3.32 5.83
C ALA A 618 17.14 -1.96 5.17
N ALA A 619 17.12 -0.87 5.94
CA ALA A 619 17.29 0.45 5.37
C ALA A 619 18.73 0.70 4.90
N HIS A 620 19.69 -0.09 5.37
CA HIS A 620 21.07 0.10 4.98
C HIS A 620 21.28 -0.29 3.53
N ASP A 621 22.20 0.41 2.87
CA ASP A 621 22.47 0.20 1.45
C ASP A 621 23.62 -0.81 1.27
N THR A 622 23.86 -1.17 0.01
CA THR A 622 24.85 -2.20 -0.30
C THR A 622 26.25 -1.75 0.12
N HIS A 623 26.64 -0.53 -0.25
CA HIS A 623 27.94 -0.03 0.17
C HIS A 623 27.99 0.13 1.68
N GLU A 624 26.87 0.53 2.28
CA GLU A 624 26.82 0.68 3.74
C GLU A 624 27.01 -0.65 4.45
N VAL A 625 26.33 -1.70 3.99
CA VAL A 625 26.49 -3.00 4.63
C VAL A 625 27.88 -3.56 4.35
N LYS A 626 28.45 -3.28 3.17
CA LYS A 626 29.81 -3.72 2.90
C LYS A 626 30.80 -3.05 3.86
N SER A 627 30.63 -1.74 4.09
CA SER A 627 31.49 -1.04 5.03
C SER A 627 31.31 -1.56 6.45
N MET A 628 30.06 -1.86 6.82
CA MET A 628 29.80 -2.39 8.16
C MET A 628 30.47 -3.75 8.35
N PHE A 629 30.30 -4.66 7.39
CA PHE A 629 30.87 -6.00 7.51
C PHE A 629 32.37 -6.02 7.30
N LYS A 630 32.94 -4.96 6.71
CA LYS A 630 34.39 -4.85 6.65
C LYS A 630 34.98 -4.76 8.06
N HIS A 631 34.31 -4.02 8.94
CA HIS A 631 34.70 -3.90 10.35
C HIS A 631 33.78 -4.70 11.25
N PHE A 632 33.36 -5.88 10.81
CA PHE A 632 32.41 -6.69 11.58
C PHE A 632 32.98 -7.12 12.92
N ASP A 633 34.31 -7.20 13.04
CA ASP A 633 34.91 -7.49 14.34
C ASP A 633 34.56 -6.42 15.36
N ASN A 634 34.34 -5.19 14.91
CA ASN A 634 33.85 -4.11 15.76
C ASN A 634 32.34 -4.26 15.89
N MET A 635 31.70 -3.23 16.44
CA MET A 635 30.23 -3.14 16.65
C MET A 635 29.65 -4.43 17.22
N VAL A 636 30.44 -5.18 17.99
CA VAL A 636 29.98 -6.40 18.64
C VAL A 636 30.24 -6.23 20.12
N TYR A 637 29.18 -6.14 20.91
CA TYR A 637 29.26 -5.81 22.33
C TYR A 637 28.76 -6.98 23.15
N THR A 638 29.57 -7.41 24.11
CA THR A 638 29.27 -8.56 24.94
C THR A 638 28.50 -8.10 26.18
N PHE A 639 27.43 -8.83 26.52
CA PHE A 639 26.67 -8.51 27.71
C PHE A 639 27.33 -9.08 28.95
N THR A 640 27.38 -8.27 30.00
CA THR A 640 27.96 -8.65 31.28
C THR A 640 26.89 -8.58 32.36
N LEU A 641 26.94 -9.51 33.29
CA LEU A 641 25.94 -9.59 34.36
C LEU A 641 26.50 -9.00 35.64
N ASP A 642 25.71 -8.13 36.27
CA ASP A 642 26.06 -7.53 37.55
C ASP A 642 25.19 -8.10 38.65
N ASP A 643 25.55 -7.78 39.89
CA ASP A 643 24.78 -8.25 41.03
C ASP A 643 23.40 -7.58 41.10
N SER A 644 23.29 -6.35 40.63
CA SER A 644 22.02 -5.62 40.65
C SER A 644 21.11 -5.98 39.48
N ALA A 645 21.57 -6.81 38.54
CA ALA A 645 20.77 -7.13 37.37
C ALA A 645 19.61 -8.09 37.70
N LYS A 646 19.71 -8.87 38.76
CA LYS A 646 18.67 -9.84 39.08
C LYS A 646 17.35 -9.14 39.40
N GLU A 647 17.39 -8.14 40.29
CA GLU A 647 16.18 -7.43 40.64
C GLU A 647 15.62 -6.65 39.45
N LEU A 648 16.50 -6.08 38.61
CA LEU A 648 16.03 -5.37 37.43
C LEU A 648 15.31 -6.33 36.47
N PHE A 649 15.88 -7.51 36.26
CA PHE A 649 15.24 -8.50 35.40
C PHE A 649 13.90 -8.93 35.97
N HIS A 650 13.83 -9.12 37.29
CA HIS A 650 12.56 -9.48 37.91
C HIS A 650 11.54 -8.37 37.76
N ILE A 651 11.97 -7.11 37.90
CA ILE A 651 11.05 -5.98 37.83
C ILE A 651 10.50 -5.84 36.41
N TYR A 652 11.38 -5.86 35.41
CA TYR A 652 10.93 -5.57 34.05
C TYR A 652 10.20 -6.75 33.42
N PHE A 653 10.58 -7.98 33.74
CA PHE A 653 9.98 -9.16 33.14
C PHE A 653 9.54 -10.11 34.25
N GLY A 654 8.32 -10.62 34.12
CA GLY A 654 7.81 -11.60 35.07
C GLY A 654 7.35 -10.97 36.37
N GLY A 655 6.70 -11.79 37.17
CA GLY A 655 6.26 -11.38 38.48
C GLY A 655 5.04 -10.46 38.44
N GLU A 656 4.85 -9.77 39.56
CA GLU A 656 3.72 -8.87 39.72
C GLU A 656 3.89 -7.62 38.87
N SER A 657 2.76 -7.08 38.42
CA SER A 657 2.79 -5.89 37.58
C SER A 657 3.09 -4.64 38.39
N GLU A 658 2.56 -4.56 39.62
CA GLU A 658 2.73 -3.38 40.44
C GLU A 658 4.20 -3.05 40.66
N LEU A 659 5.05 -4.09 40.77
CA LEU A 659 6.48 -3.87 40.97
C LEU A 659 7.09 -3.03 39.86
N ARG A 660 6.54 -3.10 38.65
CA ARG A 660 7.00 -2.25 37.57
C ARG A 660 6.16 -0.99 37.39
N LYS A 661 4.93 -0.97 37.94
CA LYS A 661 4.13 0.25 37.90
C LYS A 661 4.90 1.42 38.49
N ARG A 662 5.31 1.30 39.75
CA ARG A 662 6.10 2.33 40.38
C ARG A 662 7.47 2.49 39.73
N GLU A 663 7.88 1.53 38.90
CA GLU A 663 9.12 1.67 38.16
C GLU A 663 8.94 2.44 36.86
N LEU A 664 7.72 2.46 36.30
CA LEU A 664 7.48 3.12 35.03
C LEU A 664 6.79 4.46 35.17
N CYS A 665 6.70 5.01 36.38
CA CYS A 665 6.11 6.32 36.60
C CYS A 665 7.16 7.40 36.78
N THR A 666 8.43 7.11 36.52
CA THR A 666 9.52 8.05 36.74
C THR A 666 10.07 8.61 35.44
N GLY A 667 10.50 7.75 34.52
CA GLY A 667 11.12 8.21 33.29
C GLY A 667 12.52 7.65 33.11
N VAL A 668 12.99 7.58 31.86
CA VAL A 668 14.27 6.97 31.57
C VAL A 668 15.40 7.88 32.04
N VAL A 669 16.38 7.30 32.71
CA VAL A 669 17.56 8.03 33.16
C VAL A 669 18.66 7.83 32.12
N PRO A 670 19.13 8.88 31.46
CA PRO A 670 20.15 8.70 30.42
C PRO A 670 21.48 8.25 31.00
N LEU A 671 22.23 7.53 30.18
CA LEU A 671 23.55 7.06 30.59
C LEU A 671 24.51 8.23 30.78
N THR A 672 25.37 8.12 31.79
CA THR A 672 26.40 9.12 31.98
C THR A 672 27.43 9.04 30.86
N GLU A 673 28.17 10.14 30.68
CA GLU A 673 29.20 10.17 29.63
C GLU A 673 30.29 9.15 29.90
N THR A 674 30.67 8.99 31.18
CA THR A 674 31.68 8.00 31.52
C THR A 674 31.22 6.59 31.19
N GLN A 675 29.95 6.28 31.47
CA GLN A 675 29.43 4.95 31.16
C GLN A 675 29.43 4.67 29.66
N THR A 676 29.00 5.65 28.86
CA THR A 676 29.01 5.46 27.41
C THR A 676 30.43 5.34 26.88
N GLN A 677 31.36 6.12 27.44
CA GLN A 677 32.76 6.00 27.04
C GLN A 677 33.31 4.62 27.38
N SER A 678 32.94 4.08 28.55
CA SER A 678 33.36 2.73 28.91
C SER A 678 32.76 1.70 27.98
N ILE A 679 31.49 1.89 27.59
CA ILE A 679 30.84 0.95 26.67
C ILE A 679 31.56 0.94 25.33
N HIS A 680 31.87 2.12 24.79
CA HIS A 680 32.48 2.18 23.47
C HIS A 680 33.96 1.85 23.49
N SER A 681 34.63 2.03 24.64
CA SER A 681 36.04 1.67 24.73
C SER A 681 36.22 0.16 24.71
N VAL A 682 35.68 -0.53 25.71
CA VAL A 682 35.63 -1.98 25.73
C VAL A 682 34.17 -2.39 25.58
N ARG A 683 33.89 -3.21 24.57
CA ARG A 683 32.52 -3.54 24.19
C ARG A 683 31.95 -4.51 25.21
N ARG A 684 31.64 -3.98 26.39
CA ARG A 684 31.12 -4.76 27.51
C ARG A 684 29.93 -3.99 28.07
N ILE A 685 28.73 -4.33 27.60
CA ILE A 685 27.50 -3.67 28.03
C ILE A 685 26.97 -4.40 29.27
N PRO A 686 26.85 -3.74 30.41
CA PRO A 686 26.17 -4.37 31.54
C PRO A 686 24.69 -4.57 31.23
N CYS A 687 24.14 -5.67 31.74
CA CYS A 687 22.71 -5.92 31.55
C CYS A 687 21.86 -4.90 32.29
N SER A 688 22.33 -4.45 33.46
CA SER A 688 21.57 -3.47 34.24
C SER A 688 21.40 -2.17 33.47
N LEU A 689 22.46 -1.70 32.81
CA LEU A 689 22.36 -0.47 32.03
C LEU A 689 21.39 -0.63 30.86
N HIS A 690 21.45 -1.79 30.18
CA HIS A 690 20.54 -2.03 29.06
C HIS A 690 19.09 -2.02 29.54
N LEU A 691 18.80 -2.71 30.63
CA LEU A 691 17.45 -2.71 31.18
C LEU A 691 17.02 -1.32 31.61
N GLN A 692 17.95 -0.57 32.22
CA GLN A 692 17.63 0.77 32.68
C GLN A 692 17.30 1.71 31.54
N VAL A 693 18.00 1.59 30.42
CA VAL A 693 17.82 2.57 29.34
C VAL A 693 16.88 2.05 28.26
N ASP A 694 17.29 1.01 27.55
CA ASP A 694 16.57 0.63 26.33
C ASP A 694 15.23 -0.03 26.68
N THR A 695 15.24 -0.97 27.63
CA THR A 695 14.00 -1.64 27.99
C THR A 695 13.01 -0.66 28.61
N LYS A 696 13.48 0.22 29.49
CA LYS A 696 12.58 1.19 30.11
C LYS A 696 12.02 2.17 29.08
N ALA A 697 12.86 2.59 28.13
CA ALA A 697 12.37 3.47 27.07
C ALA A 697 11.31 2.77 26.23
N TYR A 698 11.52 1.48 25.92
CA TYR A 698 10.50 0.74 25.20
C TYR A 698 9.20 0.64 26.00
N LYS A 699 9.31 0.38 27.30
CA LYS A 699 8.11 0.28 28.12
C LYS A 699 7.34 1.59 28.15
N LEU A 700 8.04 2.71 28.31
CA LEU A 700 7.38 4.01 28.30
C LEU A 700 6.73 4.30 26.96
N ASP A 701 7.44 3.98 25.86
CA ASP A 701 6.87 4.20 24.54
C ASP A 701 5.63 3.35 24.32
N ALA A 702 5.66 2.09 24.77
CA ALA A 702 4.50 1.22 24.62
C ALA A 702 3.33 1.70 25.45
N ILE A 703 3.62 2.25 26.64
CA ILE A 703 2.57 2.85 27.45
C ILE A 703 1.93 4.01 26.72
N GLU A 704 2.76 4.89 26.15
CA GLU A 704 2.24 6.02 25.40
C GLU A 704 1.60 5.61 24.09
N ARG A 705 1.85 4.40 23.62
CA ARG A 705 1.34 3.93 22.33
C ARG A 705 0.04 3.16 22.47
N GLN A 706 -0.18 2.49 23.60
CA GLN A 706 -1.35 1.63 23.79
C GLN A 706 -2.35 2.17 24.79
N ILE A 707 -2.06 3.29 25.44
CA ILE A 707 -2.96 3.89 26.43
C ILE A 707 -3.47 5.21 25.87
N PRO A 708 -4.78 5.41 25.78
CA PRO A 708 -5.29 6.65 25.19
C PRO A 708 -5.05 7.86 26.08
N ASN A 709 -5.00 9.03 25.44
CA ASN A 709 -4.95 10.29 26.16
C ASN A 709 -6.36 10.71 26.57
N PHE A 710 -6.52 11.10 27.83
CA PHE A 710 -7.84 11.37 28.36
C PHE A 710 -8.50 12.58 27.70
N LEU A 711 -7.72 13.46 27.06
CA LEU A 711 -8.31 14.62 26.41
C LEU A 711 -9.09 14.23 25.17
N ASP A 712 -8.50 13.39 24.31
CA ASP A 712 -9.17 12.96 23.10
C ASP A 712 -9.62 11.51 23.12
N GLY A 713 -9.22 10.74 24.13
CA GLY A 713 -9.67 9.37 24.26
C GLY A 713 -9.13 8.42 23.22
N MET A 714 -8.08 8.80 22.50
CA MET A 714 -7.53 7.98 21.43
C MET A 714 -6.02 7.90 21.55
N THR A 715 -5.48 6.77 21.14
CA THR A 715 -4.05 6.51 21.25
C THR A 715 -3.29 7.28 20.18
N ARG A 716 -1.96 7.17 20.21
CA ARG A 716 -1.13 7.88 19.24
C ARG A 716 -1.42 7.43 17.82
N ALA A 717 -1.51 6.11 17.61
CA ALA A 717 -1.83 5.61 16.28
C ALA A 717 -3.21 6.05 15.83
N ARG A 718 -4.19 6.03 16.74
CA ARG A 718 -5.56 6.37 16.36
C ARG A 718 -5.67 7.86 16.02
N ARG A 719 -5.04 8.73 16.79
CA ARG A 719 -5.09 10.15 16.46
C ARG A 719 -4.27 10.47 15.22
N LYS A 720 -3.19 9.70 14.99
CA LYS A 720 -2.46 9.81 13.75
C LYS A 720 -3.35 9.47 12.56
N ILE A 721 -4.14 8.40 12.68
CA ILE A 721 -5.07 8.01 11.65
C ILE A 721 -6.13 9.10 11.45
N LEU A 722 -6.62 9.68 12.54
CA LEU A 722 -7.63 10.73 12.43
C LEU A 722 -7.08 11.95 11.70
N ALA A 723 -5.87 12.38 12.05
CA ALA A 723 -5.27 13.53 11.36
C ALA A 723 -5.02 13.22 9.89
N GLY A 724 -4.53 12.01 9.60
CA GLY A 724 -4.34 11.62 8.21
C GLY A 724 -5.62 11.62 7.42
N GLY A 725 -6.71 11.14 8.03
CA GLY A 725 -8.00 11.16 7.35
C GLY A 725 -8.52 12.56 7.15
N VAL A 726 -8.33 13.44 8.14
CA VAL A 726 -8.74 14.82 7.99
C VAL A 726 -8.02 15.48 6.82
N LYS A 727 -6.71 15.23 6.70
CA LYS A 727 -5.97 15.80 5.58
C LYS A 727 -6.37 15.16 4.26
N CYS A 728 -6.61 13.85 4.26
CA CYS A 728 -6.84 13.14 3.00
C CYS A 728 -8.21 13.47 2.41
N PHE A 729 -9.25 13.46 3.26
CA PHE A 729 -10.61 13.65 2.78
C PHE A 729 -11.07 15.10 2.83
N ALA A 730 -10.18 16.03 3.15
CA ALA A 730 -10.55 17.44 3.18
C ALA A 730 -10.95 17.93 1.79
N SER A 731 -10.15 17.61 0.78
CA SER A 731 -10.44 18.06 -0.57
C SER A 731 -11.68 17.36 -1.13
N ASN A 732 -11.75 16.04 -1.00
CA ASN A 732 -12.87 15.27 -1.50
C ASN A 732 -13.10 14.08 -0.59
N ASN A 733 -14.37 13.82 -0.29
CA ASN A 733 -14.75 12.73 0.60
C ASN A 733 -14.96 11.41 -0.14
N ARG A 734 -14.31 11.24 -1.28
CA ARG A 734 -14.45 10.03 -2.07
C ARG A 734 -13.94 8.81 -1.29
N GLU A 735 -14.59 7.68 -1.51
CA GLU A 735 -14.22 6.45 -0.82
C GLU A 735 -12.79 6.06 -1.17
N ARG A 736 -12.05 5.62 -0.15
CA ARG A 736 -10.66 5.19 -0.32
C ARG A 736 -10.49 3.81 0.29
N LYS A 737 -9.74 2.96 -0.40
CA LYS A 737 -9.47 1.63 0.12
C LYS A 737 -8.66 1.71 1.40
N VAL A 738 -8.84 0.71 2.27
CA VAL A 738 -8.20 0.74 3.57
C VAL A 738 -6.68 0.71 3.43
N PHE A 739 -6.17 -0.13 2.53
CA PHE A 739 -4.73 -0.19 2.35
C PHE A 739 -4.18 1.10 1.73
N GLN A 740 -4.92 1.69 0.79
CA GLN A 740 -4.50 2.96 0.22
C GLN A 740 -4.48 4.06 1.28
N PHE A 741 -5.52 4.11 2.12
CA PHE A 741 -5.57 5.11 3.17
C PHE A 741 -4.47 4.90 4.20
N GLY A 742 -4.17 3.63 4.52
CA GLY A 742 -3.06 3.36 5.43
C GLY A 742 -1.73 3.78 4.85
N GLY A 743 -1.52 3.53 3.55
CA GLY A 743 -0.31 4.03 2.92
C GLY A 743 -0.21 5.54 2.94
N TYR A 744 -1.34 6.22 2.70
CA TYR A 744 -1.35 7.68 2.78
C TYR A 744 -1.00 8.15 4.18
N VAL A 745 -1.56 7.52 5.21
CA VAL A 745 -1.29 7.92 6.59
C VAL A 745 0.19 7.71 6.91
N ALA A 746 0.73 6.56 6.52
CA ALA A 746 2.14 6.28 6.78
C ALA A 746 3.04 7.27 6.05
N ASP A 747 2.68 7.64 4.83
CA ASP A 747 3.50 8.57 4.06
C ASP A 747 3.46 9.97 4.65
N HIS A 748 2.27 10.44 5.03
CA HIS A 748 2.11 11.84 5.43
C HIS A 748 2.26 12.06 6.92
N MET A 749 1.84 11.11 7.75
CA MET A 749 1.94 11.25 9.19
C MET A 749 3.18 10.58 9.78
N PHE A 750 4.06 10.05 8.93
CA PHE A 750 5.33 9.48 9.35
C PHE A 750 5.15 8.34 10.34
N TYR A 751 4.33 7.36 9.96
CA TYR A 751 4.15 6.14 10.74
C TYR A 751 5.19 5.13 10.27
N HIS A 752 6.18 4.87 11.12
CA HIS A 752 7.35 4.07 10.75
C HIS A 752 7.35 2.70 11.42
N HIS A 753 6.19 2.07 11.50
CA HIS A 753 6.06 0.74 12.08
C HIS A 753 5.66 -0.31 11.06
N GLY A 754 4.64 -0.02 10.25
CA GLY A 754 4.16 -0.98 9.27
C GLY A 754 2.84 -0.53 8.71
N ASP A 755 2.09 -1.48 8.16
CA ASP A 755 0.73 -1.17 7.73
C ASP A 755 -0.25 -2.26 8.13
N MET A 756 0.25 -3.42 8.56
CA MET A 756 -0.65 -4.45 9.09
C MET A 756 -1.39 -3.93 10.31
N SER A 757 -0.64 -3.44 11.31
CA SER A 757 -1.26 -2.86 12.49
C SER A 757 -2.02 -1.59 12.13
N LEU A 758 -1.50 -0.81 11.19
CA LEU A 758 -2.19 0.41 10.79
C LEU A 758 -3.53 0.10 10.12
N ASN A 759 -3.54 -0.87 9.21
CA ASN A 759 -4.81 -1.24 8.57
C ASN A 759 -5.78 -1.84 9.58
N THR A 760 -5.28 -2.65 10.51
CA THR A 760 -6.15 -3.18 11.56
C THR A 760 -6.75 -2.07 12.40
N SER A 761 -5.95 -1.06 12.75
CA SER A 761 -6.45 0.06 13.53
C SER A 761 -7.48 0.86 12.74
N ILE A 762 -7.25 1.06 11.45
CA ILE A 762 -8.22 1.75 10.62
C ILE A 762 -9.54 1.00 10.58
N ILE A 763 -9.47 -0.33 10.40
CA ILE A 763 -10.67 -1.15 10.37
C ILE A 763 -11.42 -1.05 11.69
N LYS A 764 -10.69 -1.15 12.81
CA LYS A 764 -11.33 -1.07 14.12
C LYS A 764 -11.95 0.31 14.33
N ALA A 765 -11.30 1.37 13.86
CA ALA A 765 -11.84 2.72 14.03
C ALA A 765 -13.10 2.91 13.19
N ALA A 766 -13.17 2.28 12.02
CA ALA A 766 -14.33 2.44 11.15
C ALA A 766 -15.46 1.47 11.46
N GLN A 767 -15.25 0.53 12.40
CA GLN A 767 -16.30 -0.42 12.73
C GLN A 767 -17.43 0.24 13.49
N TYR A 768 -18.65 -0.24 13.25
CA TYR A 768 -19.83 0.27 13.95
C TYR A 768 -20.86 -0.83 14.04
N TYR A 769 -21.07 -1.37 15.24
CA TYR A 769 -22.09 -2.37 15.49
C TYR A 769 -22.40 -2.35 16.99
N PRO A 770 -23.53 -2.92 17.40
CA PRO A 770 -23.84 -2.96 18.84
C PRO A 770 -22.74 -3.67 19.62
N GLY A 771 -22.23 -3.00 20.63
CA GLY A 771 -21.13 -3.51 21.43
C GLY A 771 -19.75 -3.23 20.88
N SER A 772 -19.63 -2.48 19.79
CA SER A 772 -18.32 -2.15 19.25
C SER A 772 -17.60 -1.17 20.16
N SER A 773 -16.27 -1.13 20.03
CA SER A 773 -15.46 -0.26 20.88
C SER A 773 -15.78 1.21 20.63
N HIS A 774 -15.98 1.59 19.37
CA HIS A 774 -16.20 2.99 19.00
C HIS A 774 -17.70 3.25 18.92
N LEU A 775 -18.22 4.00 19.90
CA LEU A 775 -19.62 4.40 19.86
C LEU A 775 -19.87 5.48 18.82
N TYR A 776 -18.89 6.35 18.60
CA TYR A 776 -18.96 7.40 17.57
C TYR A 776 -17.70 7.30 16.72
N PRO A 777 -17.71 6.45 15.70
CA PRO A 777 -16.51 6.29 14.88
C PRO A 777 -16.17 7.55 14.11
N VAL A 778 -14.90 7.70 13.76
CA VAL A 778 -14.46 8.83 12.96
C VAL A 778 -14.57 8.57 11.47
N PHE A 779 -14.90 7.34 11.08
CA PHE A 779 -15.03 6.96 9.68
C PHE A 779 -16.36 6.26 9.47
N ILE A 780 -16.89 6.40 8.25
CA ILE A 780 -18.01 5.60 7.80
C ILE A 780 -17.48 4.57 6.80
N GLY A 781 -17.76 3.29 7.06
CA GLY A 781 -17.15 2.21 6.33
C GLY A 781 -18.05 1.65 5.25
N ILE A 782 -17.49 1.51 4.05
CA ILE A 782 -18.18 0.91 2.92
C ILE A 782 -17.54 -0.46 2.70
N GLY A 783 -18.33 -1.51 2.93
CA GLY A 783 -17.87 -2.87 2.86
C GLY A 783 -18.38 -3.64 4.05
N SER A 784 -17.72 -4.76 4.33
CA SER A 784 -18.07 -5.63 5.46
C SER A 784 -17.01 -5.46 6.55
N PHE A 785 -17.35 -4.68 7.57
CA PHE A 785 -16.44 -4.44 8.68
C PHE A 785 -16.65 -5.39 9.84
N GLY A 786 -17.54 -6.37 9.71
CA GLY A 786 -17.76 -7.32 10.78
C GLY A 786 -18.96 -6.99 11.63
N SER A 787 -19.67 -8.02 12.07
CA SER A 787 -20.86 -7.85 12.90
C SER A 787 -20.52 -8.11 14.35
N ARG A 788 -21.51 -7.91 15.22
CA ARG A 788 -21.33 -8.15 16.64
C ARG A 788 -21.11 -9.63 16.96
N HIS A 789 -21.46 -10.52 16.03
CA HIS A 789 -21.39 -11.95 16.31
C HIS A 789 -19.95 -12.44 16.40
N LEU A 790 -19.07 -11.96 15.53
CA LEU A 790 -17.66 -12.33 15.62
C LEU A 790 -16.84 -11.32 16.40
N GLY A 791 -17.47 -10.29 16.97
CA GLY A 791 -16.73 -9.28 17.70
C GLY A 791 -15.80 -8.48 16.82
N GLY A 792 -16.19 -8.22 15.58
CA GLY A 792 -15.35 -7.49 14.65
C GLY A 792 -14.28 -8.32 13.96
N LYS A 793 -14.22 -9.62 14.24
CA LYS A 793 -13.20 -10.47 13.63
C LYS A 793 -13.58 -10.95 12.24
N ASP A 794 -14.83 -10.74 11.81
CA ASP A 794 -15.29 -11.19 10.51
C ASP A 794 -15.17 -10.12 9.44
N ALA A 795 -14.42 -9.06 9.70
CA ALA A 795 -14.21 -8.02 8.70
C ALA A 795 -13.40 -8.57 7.53
N GLY A 796 -13.67 -8.02 6.35
CA GLY A 796 -12.97 -8.44 5.15
C GLY A 796 -11.55 -7.89 5.11
N SER A 797 -10.82 -8.30 4.08
CA SER A 797 -9.45 -7.86 3.92
C SER A 797 -9.41 -6.37 3.60
N PRO A 798 -8.34 -5.68 4.01
CA PRO A 798 -8.26 -4.23 3.76
C PRO A 798 -8.23 -3.87 2.28
N ARG A 799 -7.86 -4.81 1.41
CA ARG A 799 -7.75 -4.48 -0.01
C ARG A 799 -9.11 -4.16 -0.63
N TYR A 800 -10.16 -4.88 -0.24
CA TYR A 800 -11.47 -4.72 -0.84
C TYR A 800 -12.46 -4.04 0.11
N ILE A 801 -11.98 -3.14 0.95
CA ILE A 801 -12.81 -2.42 1.91
C ILE A 801 -12.49 -0.93 1.82
N SER A 802 -13.52 -0.11 1.78
CA SER A 802 -13.36 1.33 1.62
C SER A 802 -13.82 2.08 2.87
N VAL A 803 -13.29 3.27 3.05
CA VAL A 803 -13.67 4.14 4.17
C VAL A 803 -13.90 5.55 3.65
N GLN A 804 -14.70 6.31 4.39
CA GLN A 804 -14.88 7.73 4.16
C GLN A 804 -14.82 8.45 5.50
N LEU A 805 -14.46 9.73 5.45
CA LEU A 805 -14.44 10.54 6.66
C LEU A 805 -15.85 11.02 6.98
N ALA A 806 -16.25 10.86 8.25
CA ALA A 806 -17.51 11.42 8.71
C ALA A 806 -17.32 12.92 8.84
N SER A 807 -17.41 13.60 7.69
CA SER A 807 -16.95 14.98 7.59
C SER A 807 -17.70 15.91 8.53
N GLU A 808 -19.03 15.79 8.57
CA GLU A 808 -19.81 16.69 9.41
C GLU A 808 -19.64 16.37 10.89
N PHE A 809 -19.59 15.09 11.25
CA PHE A 809 -19.37 14.73 12.65
C PHE A 809 -18.01 15.21 13.13
N ILE A 810 -16.97 14.99 12.33
CA ILE A 810 -15.63 15.43 12.72
C ILE A 810 -15.55 16.95 12.77
N LYS A 811 -16.11 17.63 11.77
CA LYS A 811 -16.04 19.08 11.73
C LYS A 811 -16.84 19.74 12.83
N THR A 812 -17.88 19.07 13.34
CA THR A 812 -18.60 19.58 14.50
C THR A 812 -17.99 19.13 15.82
N MET A 813 -17.12 18.11 15.79
CA MET A 813 -16.54 17.57 17.01
C MET A 813 -15.07 17.93 17.17
N PHE A 814 -14.33 18.06 16.05
CA PHE A 814 -12.95 18.53 16.03
C PHE A 814 -12.86 19.72 15.08
N PRO A 815 -13.17 20.93 15.56
CA PRO A 815 -13.10 22.10 14.68
C PRO A 815 -11.68 22.35 14.18
N ALA A 816 -11.60 22.85 12.95
CA ALA A 816 -10.30 23.11 12.34
C ALA A 816 -9.58 24.28 13.01
N GLU A 817 -10.33 25.32 13.36
CA GLU A 817 -9.72 26.45 14.08
C GLU A 817 -9.12 26.00 15.40
N ASP A 818 -9.73 25.00 16.04
CA ASP A 818 -9.10 24.39 17.21
C ASP A 818 -7.82 23.67 16.83
N SER A 819 -7.81 22.97 15.70
CA SER A 819 -6.64 22.23 15.28
C SER A 819 -5.47 23.14 14.94
N TRP A 820 -5.74 24.38 14.56
CA TRP A 820 -4.66 25.32 14.28
C TRP A 820 -3.85 25.63 15.55
N LEU A 821 -4.50 25.60 16.70
CA LEU A 821 -3.88 26.05 17.94
C LEU A 821 -3.43 24.91 18.85
N LEU A 822 -3.55 23.66 18.40
CA LEU A 822 -3.11 22.55 19.22
C LEU A 822 -1.59 22.44 19.20
N PRO A 823 -0.98 21.90 20.27
CA PRO A 823 0.43 21.51 20.19
C PRO A 823 0.60 20.32 19.26
N TYR A 824 1.73 20.29 18.58
CA TYR A 824 1.95 19.33 17.51
C TYR A 824 3.19 18.49 17.77
N VAL A 825 3.19 17.28 17.23
CA VAL A 825 4.33 16.39 17.30
C VAL A 825 5.16 16.59 16.03
N PHE A 826 6.45 16.84 16.20
CA PHE A 826 7.37 17.05 15.09
C PHE A 826 8.26 15.82 14.96
N GLU A 827 8.26 15.21 13.78
CA GLU A 827 9.08 14.05 13.49
C GLU A 827 10.18 14.46 12.52
N ASP A 828 11.42 14.39 12.98
CA ASP A 828 12.59 14.77 12.20
C ASP A 828 12.47 16.20 11.67
N GLY A 829 11.95 17.09 12.52
CA GLY A 829 11.79 18.48 12.15
C GLY A 829 10.62 18.79 11.25
N GLN A 830 9.76 17.80 10.98
CA GLN A 830 8.59 18.00 10.13
C GLN A 830 7.33 17.77 10.95
N ARG A 831 6.33 18.62 10.71
CA ARG A 831 5.09 18.55 11.47
C ARG A 831 4.34 17.26 11.15
N ALA A 832 3.64 16.75 12.16
CA ALA A 832 2.93 15.49 12.07
C ALA A 832 1.58 15.68 12.76
N GLU A 833 0.93 14.57 13.13
CA GLU A 833 -0.36 14.66 13.78
C GLU A 833 -0.24 15.42 15.10
N PRO A 834 -1.30 16.07 15.56
CA PRO A 834 -1.23 16.88 16.78
C PRO A 834 -0.85 16.04 17.98
N GLU A 835 -0.23 16.69 18.97
CA GLU A 835 0.15 16.01 20.20
C GLU A 835 -1.07 15.43 20.89
N TYR A 836 -2.17 16.19 20.92
CA TYR A 836 -3.44 15.68 21.40
C TYR A 836 -4.55 16.54 20.83
N TYR A 837 -5.71 15.93 20.64
CA TYR A 837 -6.93 16.66 20.32
C TYR A 837 -7.69 16.96 21.60
N VAL A 838 -8.38 18.09 21.62
CA VAL A 838 -9.29 18.45 22.70
C VAL A 838 -10.66 18.80 22.10
N PRO A 839 -11.53 17.83 21.95
CA PRO A 839 -12.82 18.05 21.27
C PRO A 839 -13.81 18.76 22.20
N VAL A 840 -15.00 19.02 21.65
CA VAL A 840 -16.04 19.71 22.41
C VAL A 840 -16.71 18.80 23.42
N LEU A 841 -16.58 17.48 23.26
CA LEU A 841 -17.08 16.52 24.23
C LEU A 841 -16.05 15.43 24.45
N PRO A 842 -15.91 14.95 25.69
CA PRO A 842 -14.80 14.03 26.00
C PRO A 842 -15.00 12.63 25.43
N LEU A 843 -14.19 12.27 24.43
CA LEU A 843 -14.28 10.92 23.85
C LEU A 843 -13.84 9.85 24.83
N ALA A 844 -12.91 10.16 25.75
CA ALA A 844 -12.44 9.18 26.70
C ALA A 844 -13.57 8.66 27.59
N ILE A 845 -14.67 9.40 27.67
CA ILE A 845 -15.82 9.00 28.48
C ILE A 845 -16.91 8.35 27.65
N MET A 846 -16.91 8.55 26.33
CA MET A 846 -18.03 8.14 25.49
C MET A 846 -17.71 6.91 24.64
N GLU A 847 -16.68 6.16 24.97
CA GLU A 847 -16.28 5.03 24.14
C GLU A 847 -16.00 3.82 25.02
N TYR A 848 -15.71 2.69 24.37
CA TYR A 848 -15.32 1.46 25.04
C TYR A 848 -13.87 1.14 24.71
N GLY A 849 -13.27 0.29 25.55
CA GLY A 849 -11.91 -0.14 25.33
C GLY A 849 -11.41 -1.07 26.41
N ALA A 850 -10.54 -2.02 26.04
CA ALA A 850 -9.95 -2.93 27.02
C ALA A 850 -8.59 -3.37 26.48
N ASN A 851 -7.53 -2.69 26.94
CA ASN A 851 -6.18 -2.92 26.42
C ASN A 851 -5.19 -3.03 27.57
N PRO A 852 -4.34 -4.06 27.57
CA PRO A 852 -3.18 -4.04 28.47
C PRO A 852 -2.04 -3.27 27.85
N SER A 853 -1.21 -2.67 28.72
CA SER A 853 -0.03 -1.96 28.22
C SER A 853 1.00 -1.89 29.36
N GLU A 854 1.97 -2.81 29.32
CA GLU A 854 3.24 -2.71 30.04
C GLU A 854 3.08 -2.10 31.43
N GLY A 855 2.20 -2.68 32.22
CA GLY A 855 2.07 -2.23 33.60
C GLY A 855 0.70 -1.71 33.97
N TRP A 856 -0.05 -1.19 33.00
CA TRP A 856 -1.36 -0.63 33.26
C TRP A 856 -2.39 -1.18 32.28
N LYS A 857 -3.57 -1.49 32.80
CA LYS A 857 -4.68 -1.91 31.97
C LYS A 857 -5.65 -0.74 31.81
N TYR A 858 -6.27 -0.64 30.64
CA TYR A 858 -7.19 0.43 30.31
C TYR A 858 -8.52 -0.20 29.95
N THR A 859 -9.54 0.01 30.78
CA THR A 859 -10.89 -0.44 30.50
C THR A 859 -11.85 0.73 30.75
N THR A 860 -12.69 1.01 29.77
CA THR A 860 -13.64 2.11 29.86
C THR A 860 -14.99 1.67 29.32
N TRP A 861 -16.05 2.01 30.04
CA TRP A 861 -17.42 1.77 29.61
C TRP A 861 -18.10 3.12 29.36
N ALA A 862 -18.62 3.29 28.15
CA ALA A 862 -19.14 4.59 27.74
C ALA A 862 -20.31 5.03 28.61
N ARG A 863 -20.35 6.31 28.90
CA ARG A 863 -21.47 6.90 29.61
C ARG A 863 -22.55 7.33 28.63
N GLN A 864 -23.75 7.59 29.16
CA GLN A 864 -24.85 8.06 28.33
C GLN A 864 -24.56 9.45 27.79
N LEU A 865 -25.00 9.69 26.55
CA LEU A 865 -24.91 11.04 25.99
C LEU A 865 -26.17 11.85 26.30
N GLU A 866 -26.57 11.79 27.54
CA GLU A 866 -27.54 12.69 28.14
C GLU A 866 -27.06 13.24 29.48
N ASP A 867 -26.35 12.42 30.25
CA ASP A 867 -25.74 12.90 31.49
C ASP A 867 -24.52 13.75 31.20
N ILE A 868 -23.72 13.33 30.22
CA ILE A 868 -22.52 14.10 29.85
C ILE A 868 -22.93 15.45 29.29
N LEU A 869 -23.94 15.46 28.42
CA LEU A 869 -24.42 16.73 27.88
C LEU A 869 -24.96 17.63 28.97
N ALA A 870 -25.70 17.06 29.92
CA ALA A 870 -26.22 17.85 31.03
C ALA A 870 -25.09 18.44 31.86
N LEU A 871 -24.07 17.65 32.17
CA LEU A 871 -22.94 18.14 32.94
C LEU A 871 -22.21 19.27 32.22
N VAL A 872 -21.89 19.05 30.94
CA VAL A 872 -21.13 20.05 30.20
C VAL A 872 -21.95 21.33 30.05
N ARG A 873 -23.23 21.21 29.73
CA ARG A 873 -24.08 22.39 29.57
C ARG A 873 -24.21 23.14 30.89
N ALA A 874 -24.37 22.42 32.00
CA ALA A 874 -24.45 23.09 33.30
C ALA A 874 -23.15 23.81 33.62
N TYR A 875 -22.02 23.22 33.23
CA TYR A 875 -20.74 23.88 33.45
C TYR A 875 -20.61 25.15 32.60
N VAL A 876 -21.08 25.09 31.36
CA VAL A 876 -20.87 26.19 30.43
C VAL A 876 -21.99 27.22 30.51
N ASP A 877 -23.24 26.78 30.47
CA ASP A 877 -24.36 27.70 30.44
C ASP A 877 -24.58 28.29 31.83
N LYS A 878 -24.49 29.63 31.92
CA LYS A 878 -24.76 30.30 33.19
C LYS A 878 -26.24 30.34 33.53
N ASP A 879 -27.12 30.20 32.52
CA ASP A 879 -28.55 30.16 32.77
C ASP A 879 -29.01 28.83 33.34
N ASN A 880 -28.16 27.82 33.32
CA ASN A 880 -28.52 26.53 33.88
C ASN A 880 -28.70 26.67 35.39
N PRO A 881 -29.78 26.14 35.97
CA PRO A 881 -29.99 26.29 37.42
C PRO A 881 -28.93 25.62 38.27
N LYS A 882 -28.18 24.66 37.73
CA LYS A 882 -27.15 23.96 38.47
C LYS A 882 -25.74 24.46 38.15
N HIS A 883 -25.63 25.61 37.49
CA HIS A 883 -24.32 26.11 37.10
C HIS A 883 -23.45 26.41 38.32
N GLU A 884 -23.98 27.20 39.27
CA GLU A 884 -23.22 27.50 40.48
C GLU A 884 -23.00 26.25 41.32
N LEU A 885 -24.01 25.39 41.41
CA LEU A 885 -23.84 24.12 42.13
C LEU A 885 -22.78 23.25 41.49
N LEU A 886 -22.76 23.21 40.15
CA LEU A 886 -21.73 22.41 39.47
C LEU A 886 -20.35 22.99 39.69
N HIS A 887 -20.21 24.32 39.68
CA HIS A 887 -18.90 24.91 39.94
C HIS A 887 -18.45 24.63 41.37
N TYR A 888 -19.37 24.69 42.34
CA TYR A 888 -19.02 24.31 43.70
C TYR A 888 -18.62 22.84 43.78
N ALA A 889 -19.30 21.98 43.01
CA ALA A 889 -18.92 20.57 42.95
C ALA A 889 -17.51 20.41 42.38
N ILE A 890 -17.18 21.18 41.35
CA ILE A 890 -15.82 21.19 40.83
C ILE A 890 -14.84 21.58 41.93
N LYS A 891 -15.22 22.57 42.74
CA LYS A 891 -14.35 23.02 43.82
C LYS A 891 -14.12 21.93 44.87
N HIS A 892 -15.17 21.21 45.26
CA HIS A 892 -15.08 20.29 46.39
C HIS A 892 -15.47 18.86 46.06
N LYS A 893 -15.54 18.51 44.77
CA LYS A 893 -15.70 17.12 44.33
C LYS A 893 -16.98 16.47 44.87
N ILE A 894 -18.08 17.22 44.89
CA ILE A 894 -19.35 16.65 45.31
C ILE A 894 -19.88 15.69 44.26
N THR A 895 -19.78 16.06 42.98
CA THR A 895 -20.35 15.29 41.86
C THR A 895 -21.86 15.10 42.05
N ILE A 896 -22.57 16.23 42.02
CA ILE A 896 -24.00 16.22 42.33
C ILE A 896 -24.79 15.51 41.23
N LEU A 897 -24.45 15.75 39.96
CA LEU A 897 -25.20 15.16 38.88
C LEU A 897 -24.71 13.74 38.58
N PRO A 898 -25.58 12.87 38.06
CA PRO A 898 -25.20 11.48 37.82
C PRO A 898 -24.55 11.25 36.47
N LEU A 899 -23.70 10.22 36.43
CA LEU A 899 -23.12 9.69 35.20
C LEU A 899 -23.43 8.21 35.14
N ARG A 900 -24.09 7.80 34.05
CA ARG A 900 -24.54 6.42 33.93
C ARG A 900 -24.06 5.82 32.62
N PRO A 901 -23.86 4.50 32.59
CA PRO A 901 -23.43 3.85 31.35
C PRO A 901 -24.48 3.99 30.25
N SER A 902 -24.01 4.01 29.01
CA SER A 902 -24.91 4.19 27.87
C SER A 902 -25.81 2.98 27.69
N ASN A 903 -27.05 3.25 27.30
CA ASN A 903 -28.02 2.20 26.99
C ASN A 903 -28.21 1.98 25.51
N TYR A 904 -27.54 2.74 24.65
CA TYR A 904 -27.74 2.62 23.22
C TYR A 904 -27.24 1.27 22.72
N ASN A 905 -27.99 0.69 21.78
CA ASN A 905 -27.72 -0.62 21.22
C ASN A 905 -27.61 -1.67 22.33
N PHE A 906 -28.47 -1.54 23.34
CA PHE A 906 -28.49 -2.48 24.45
C PHE A 906 -29.93 -2.59 24.95
N LYS A 907 -30.57 -3.72 24.67
CA LYS A 907 -31.94 -3.95 25.10
C LYS A 907 -32.03 -4.48 26.52
N GLY A 908 -30.90 -4.71 27.18
CA GLY A 908 -30.90 -5.12 28.57
C GLY A 908 -31.05 -3.93 29.50
N HIS A 909 -30.75 -4.18 30.77
CA HIS A 909 -30.87 -3.15 31.79
C HIS A 909 -29.63 -3.15 32.68
N LEU A 910 -29.16 -1.95 33.02
CA LEU A 910 -28.02 -1.78 33.91
C LEU A 910 -28.51 -1.66 35.35
N LYS A 911 -27.75 -2.27 36.27
CA LYS A 911 -28.03 -2.17 37.69
C LYS A 911 -26.75 -1.83 38.44
N ARG A 912 -26.89 -1.17 39.57
CA ARG A 912 -25.75 -0.80 40.40
C ARG A 912 -25.89 -1.46 41.76
N PHE A 913 -24.85 -2.19 42.17
CA PHE A 913 -24.80 -2.81 43.48
C PHE A 913 -23.45 -2.49 44.11
N GLY A 914 -23.48 -2.04 45.35
CA GLY A 914 -22.26 -1.61 46.01
C GLY A 914 -21.58 -0.49 45.26
N GLN A 915 -20.45 -0.79 44.63
CA GLN A 915 -19.73 0.17 43.81
C GLN A 915 -19.49 -0.37 42.40
N TYR A 916 -20.36 -1.27 41.93
CA TYR A 916 -20.15 -1.90 40.64
C TYR A 916 -21.44 -1.92 39.84
N TYR A 917 -21.30 -1.81 38.53
CA TYR A 917 -22.42 -1.87 37.60
C TYR A 917 -22.44 -3.23 36.92
N TYR A 918 -23.64 -3.75 36.72
CA TYR A 918 -23.88 -5.03 36.06
C TYR A 918 -24.84 -4.83 34.91
N SER A 919 -24.51 -5.41 33.76
CA SER A 919 -25.37 -5.41 32.59
C SER A 919 -25.98 -6.79 32.43
N TYR A 920 -27.30 -6.84 32.24
CA TYR A 920 -28.04 -8.09 32.17
C TYR A 920 -28.65 -8.25 30.79
N GLY A 921 -28.52 -9.43 30.22
CA GLY A 921 -29.32 -9.79 29.06
C GLY A 921 -30.73 -10.17 29.47
N THR A 922 -31.63 -10.15 28.49
CA THR A 922 -33.03 -10.47 28.74
C THR A 922 -33.39 -11.80 28.07
N TYR A 923 -34.27 -12.55 28.73
CA TYR A 923 -34.68 -13.86 28.27
C TYR A 923 -36.18 -14.01 28.44
N ASP A 924 -36.78 -14.86 27.60
CA ASP A 924 -38.19 -15.20 27.69
C ASP A 924 -38.34 -16.69 27.90
N ILE A 925 -39.13 -17.08 28.89
CA ILE A 925 -39.36 -18.48 29.22
C ILE A 925 -40.74 -18.89 28.74
N SER A 926 -40.78 -19.96 27.96
CA SER A 926 -42.03 -20.54 27.47
C SER A 926 -42.16 -21.92 28.11
N GLU A 927 -42.84 -21.98 29.25
CA GLU A 927 -42.94 -23.22 30.00
C GLU A 927 -43.66 -24.31 29.22
N GLN A 928 -44.76 -23.94 28.54
CA GLN A 928 -45.48 -24.92 27.73
C GLN A 928 -44.67 -25.38 26.54
N ARG A 929 -43.78 -24.52 26.04
CA ARG A 929 -42.90 -24.87 24.92
C ARG A 929 -41.55 -25.40 25.39
N ASN A 930 -41.16 -25.12 26.63
CA ASN A 930 -39.93 -25.62 27.24
C ASN A 930 -38.69 -25.16 26.49
N ILE A 931 -38.76 -24.00 25.85
CA ILE A 931 -37.63 -23.40 25.15
C ILE A 931 -37.36 -22.04 25.77
N ILE A 932 -36.09 -21.79 26.11
CA ILE A 932 -35.68 -20.50 26.64
C ILE A 932 -35.13 -19.66 25.49
N THR A 933 -35.75 -18.51 25.24
CA THR A 933 -35.35 -17.62 24.17
C THR A 933 -34.62 -16.43 24.78
N ILE A 934 -33.38 -16.22 24.39
CA ILE A 934 -32.60 -15.07 24.83
C ILE A 934 -32.49 -14.10 23.65
N THR A 935 -32.87 -12.85 23.89
CA THR A 935 -32.90 -11.84 22.84
C THR A 935 -31.87 -10.74 23.02
N GLU A 936 -31.29 -10.59 24.21
CA GLU A 936 -30.24 -9.62 24.44
C GLU A 936 -29.24 -10.20 25.41
N LEU A 937 -27.97 -10.15 25.05
CA LEU A 937 -26.87 -10.63 25.88
C LEU A 937 -26.18 -9.44 26.56
N PRO A 938 -25.23 -9.70 27.46
CA PRO A 938 -24.49 -8.59 28.09
C PRO A 938 -23.81 -7.65 27.10
N LEU A 939 -23.27 -6.55 27.63
CA LEU A 939 -22.92 -5.40 26.80
C LEU A 939 -21.96 -5.76 25.67
N ARG A 940 -20.84 -6.40 26.00
CA ARG A 940 -19.76 -6.56 25.04
C ARG A 940 -19.42 -8.02 24.75
N VAL A 941 -20.32 -8.95 25.07
CA VAL A 941 -20.05 -10.35 24.76
C VAL A 941 -20.15 -10.58 23.26
N PRO A 942 -19.28 -11.39 22.67
CA PRO A 942 -19.30 -11.54 21.20
C PRO A 942 -20.53 -12.26 20.67
N THR A 943 -21.33 -12.89 21.52
CA THR A 943 -22.61 -13.51 21.18
C THR A 943 -22.43 -14.78 20.35
N VAL A 944 -21.19 -15.11 19.98
CA VAL A 944 -20.86 -16.40 19.41
C VAL A 944 -19.86 -17.15 20.29
N ALA A 945 -18.85 -16.46 20.82
CA ALA A 945 -18.06 -17.03 21.89
C ALA A 945 -18.89 -17.31 23.13
N TYR A 946 -20.04 -16.61 23.26
CA TYR A 946 -20.93 -16.86 24.38
C TYR A 946 -21.51 -18.26 24.33
N ILE A 947 -21.99 -18.69 23.16
CA ILE A 947 -22.57 -20.02 23.06
C ILE A 947 -21.48 -21.09 23.20
N GLU A 948 -20.25 -20.78 22.78
CA GLU A 948 -19.14 -21.70 23.02
C GLU A 948 -18.88 -21.83 24.51
N SER A 949 -18.94 -20.72 25.25
CA SER A 949 -18.78 -20.77 26.69
C SER A 949 -19.90 -21.57 27.34
N ILE A 950 -21.13 -21.41 26.85
CA ILE A 950 -22.25 -22.11 27.44
C ILE A 950 -22.30 -23.57 27.01
N LYS A 951 -21.66 -23.92 25.89
CA LYS A 951 -21.57 -25.31 25.46
C LYS A 951 -20.39 -26.03 26.09
N LYS A 952 -19.49 -25.32 26.77
CA LYS A 952 -18.31 -25.89 27.38
C LYS A 952 -18.42 -26.01 28.89
N SER A 953 -19.43 -25.36 29.49
CA SER A 953 -19.67 -25.55 30.95
C SER A 953 -20.27 -26.95 31.13
N SER A 954 -19.57 -27.84 31.84
CA SER A 954 -20.02 -29.22 31.94
C SER A 954 -21.41 -29.45 32.47
N ASN A 955 -21.76 -28.85 33.60
CA ASN A 955 -23.11 -29.08 34.11
C ASN A 955 -24.14 -28.19 33.43
N ARG A 956 -23.77 -26.96 33.04
CA ARG A 956 -24.70 -26.09 32.33
C ARG A 956 -25.22 -26.75 31.06
N MET A 957 -24.39 -27.55 30.40
CA MET A 957 -24.81 -28.26 29.20
C MET A 957 -25.69 -29.46 29.52
N THR A 958 -25.58 -30.02 30.74
CA THR A 958 -26.37 -31.20 31.08
C THR A 958 -27.86 -30.89 31.13
N PHE A 959 -28.22 -29.72 31.65
CA PHE A 959 -29.63 -29.35 31.77
C PHE A 959 -30.27 -29.00 30.43
N ILE A 960 -29.49 -28.88 29.35
CA ILE A 960 -30.01 -28.45 28.07
C ILE A 960 -29.69 -29.49 27.02
N GLU A 961 -30.42 -29.42 25.91
CA GLU A 961 -30.28 -30.35 24.80
C GLU A 961 -29.68 -29.70 23.56
N GLU A 962 -30.22 -28.57 23.14
CA GLU A 962 -29.80 -27.94 21.89
C GLU A 962 -29.74 -26.43 22.06
N ILE A 963 -28.84 -25.80 21.32
CA ILE A 963 -28.74 -24.34 21.26
C ILE A 963 -28.69 -23.95 19.78
N ILE A 964 -29.65 -23.13 19.35
CA ILE A 964 -29.72 -22.68 17.96
C ILE A 964 -29.68 -21.17 17.94
N ASP A 965 -28.90 -20.62 17.02
CA ASP A 965 -28.72 -19.18 16.88
C ASP A 965 -29.49 -18.70 15.66
N TYR A 966 -30.63 -18.07 15.89
CA TYR A 966 -31.43 -17.47 14.82
C TYR A 966 -31.19 -15.98 14.70
N SER A 967 -30.19 -15.45 15.39
CA SER A 967 -29.93 -14.01 15.37
C SER A 967 -29.40 -13.58 14.00
N SER A 968 -29.96 -12.52 13.47
CA SER A 968 -29.43 -11.88 12.28
C SER A 968 -28.46 -10.79 12.70
N SER A 969 -28.04 -9.94 11.76
CA SER A 969 -27.14 -8.85 12.09
C SER A 969 -27.86 -7.83 12.96
N GLU A 970 -27.12 -7.25 13.91
CA GLU A 970 -27.54 -6.17 14.79
C GLU A 970 -28.53 -6.62 15.86
N THR A 971 -29.02 -7.85 15.80
CA THR A 971 -29.98 -8.34 16.78
C THR A 971 -29.55 -9.70 17.28
N ILE A 972 -30.08 -10.08 18.44
CA ILE A 972 -29.76 -11.35 19.08
C ILE A 972 -31.07 -12.12 19.27
N GLU A 973 -31.06 -13.39 18.87
CA GLU A 973 -32.22 -14.27 19.06
C GLU A 973 -31.71 -15.70 19.07
N ILE A 974 -31.57 -16.26 20.27
CA ILE A 974 -31.02 -17.60 20.45
C ILE A 974 -32.02 -18.45 21.21
N LEU A 975 -32.31 -19.63 20.70
CA LEU A 975 -33.23 -20.57 21.34
C LEU A 975 -32.44 -21.69 22.01
N VAL A 976 -32.85 -22.04 23.22
CA VAL A 976 -32.23 -23.11 24.00
C VAL A 976 -33.30 -24.12 24.33
N LYS A 977 -33.14 -25.34 23.81
CA LYS A 977 -34.02 -26.46 24.10
C LYS A 977 -33.39 -27.27 25.22
N LEU A 978 -34.12 -27.45 26.31
CA LEU A 978 -33.62 -28.05 27.53
C LEU A 978 -34.49 -29.24 27.92
N LYS A 979 -34.00 -30.01 28.90
CA LYS A 979 -34.66 -31.24 29.30
C LYS A 979 -36.04 -30.96 29.91
N PRO A 980 -37.03 -31.80 29.65
CA PRO A 980 -38.41 -31.49 30.10
C PRO A 980 -38.54 -31.31 31.59
N ASN A 981 -37.80 -32.08 32.40
CA ASN A 981 -37.90 -32.01 33.84
C ASN A 981 -36.85 -31.09 34.47
N SER A 982 -35.98 -30.48 33.67
CA SER A 982 -34.89 -29.68 34.22
C SER A 982 -35.29 -28.25 34.55
N LEU A 983 -36.44 -27.78 34.03
CA LEU A 983 -36.77 -26.36 34.13
C LEU A 983 -36.85 -25.90 35.58
N ASN A 984 -37.48 -26.70 36.44
CA ASN A 984 -37.48 -26.38 37.86
C ASN A 984 -36.15 -26.71 38.52
N ARG A 985 -35.49 -27.79 38.06
CA ARG A 985 -34.25 -28.22 38.69
C ARG A 985 -33.16 -27.16 38.59
N ILE A 986 -33.11 -26.44 37.46
CA ILE A 986 -32.15 -25.34 37.31
C ILE A 986 -32.37 -24.33 38.43
N VAL A 987 -33.63 -24.03 38.74
CA VAL A 987 -33.92 -23.10 39.84
C VAL A 987 -33.34 -23.62 41.14
N GLU A 988 -33.43 -24.94 41.36
CA GLU A 988 -32.82 -25.53 42.55
C GLU A 988 -31.32 -25.69 42.42
N GLU A 989 -30.79 -25.68 41.20
CA GLU A 989 -29.37 -25.94 41.00
C GLU A 989 -28.51 -24.72 41.33
N PHE A 990 -28.98 -23.52 41.01
CA PHE A 990 -28.11 -22.34 41.03
C PHE A 990 -28.39 -21.37 42.17
N LYS A 991 -29.54 -21.46 42.83
CA LYS A 991 -29.82 -20.68 44.04
C LYS A 991 -29.69 -19.18 43.78
N GLU A 992 -30.63 -18.66 42.98
CA GLU A 992 -30.62 -17.27 42.55
C GLU A 992 -30.46 -16.33 43.74
N THR A 993 -29.77 -15.21 43.48
CA THR A 993 -29.56 -14.17 44.47
C THR A 993 -30.45 -12.97 44.17
N GLU A 994 -30.29 -11.92 44.97
CA GLU A 994 -31.11 -10.72 44.79
C GLU A 994 -30.68 -9.88 43.59
N GLU A 995 -29.46 -10.08 43.09
CA GLU A 995 -28.98 -9.31 41.95
C GLU A 995 -29.14 -10.02 40.62
N GLN A 996 -29.11 -11.35 40.61
CA GLN A 996 -29.27 -12.12 39.38
C GLN A 996 -30.24 -13.26 39.62
N ASP A 997 -31.04 -13.58 38.59
CA ASP A 997 -32.00 -14.66 38.68
C ASP A 997 -31.33 -16.01 38.50
N SER A 998 -32.11 -17.07 38.67
CA SER A 998 -31.59 -18.41 38.46
C SER A 998 -31.26 -18.66 36.99
N ILE A 999 -32.13 -18.18 36.09
CA ILE A 999 -31.87 -18.34 34.67
C ILE A 999 -30.69 -17.48 34.24
N GLU A 1000 -30.57 -16.27 34.79
CA GLU A 1000 -29.42 -15.43 34.47
C GLU A 1000 -28.12 -16.07 34.94
N ASN A 1001 -28.13 -16.66 36.13
CA ASN A 1001 -26.95 -17.38 36.61
C ASN A 1001 -26.66 -18.59 35.72
N PHE A 1002 -27.70 -19.31 35.31
CA PHE A 1002 -27.53 -20.51 34.49
C PHE A 1002 -26.97 -20.17 33.12
N LEU A 1003 -27.42 -19.07 32.51
CA LEU A 1003 -27.02 -18.71 31.16
C LEU A 1003 -25.94 -17.65 31.13
N ARG A 1004 -25.38 -17.27 32.28
CA ARG A 1004 -24.33 -16.26 32.36
C ARG A 1004 -24.75 -14.96 31.69
N LEU A 1005 -25.97 -14.50 32.01
CA LEU A 1005 -26.50 -13.29 31.39
C LEU A 1005 -26.12 -12.02 32.14
N ARG A 1006 -25.41 -12.12 33.26
CA ARG A 1006 -24.97 -10.96 34.01
C ARG A 1006 -23.48 -10.72 33.74
N ASN A 1007 -23.13 -9.45 33.58
CA ASN A 1007 -21.76 -9.04 33.31
C ASN A 1007 -21.43 -7.88 34.22
N CYS A 1008 -20.48 -8.08 35.14
CA CYS A 1008 -19.97 -6.99 35.96
C CYS A 1008 -18.97 -6.19 35.13
N LEU A 1009 -19.23 -4.90 34.96
CA LEU A 1009 -18.38 -4.06 34.13
C LEU A 1009 -17.37 -3.33 35.02
N HIS A 1010 -16.10 -3.58 34.77
CA HIS A 1010 -15.00 -2.97 35.52
C HIS A 1010 -14.34 -1.91 34.66
N SER A 1011 -13.89 -0.83 35.30
CA SER A 1011 -13.25 0.27 34.62
C SER A 1011 -11.88 0.51 35.23
N HIS A 1012 -10.85 0.44 34.40
CA HIS A 1012 -9.48 0.79 34.78
C HIS A 1012 -9.16 2.10 34.08
N LEU A 1013 -9.44 3.22 34.75
CA LEU A 1013 -9.31 4.54 34.15
C LEU A 1013 -7.85 4.99 34.23
N ASN A 1014 -7.05 4.46 33.31
CA ASN A 1014 -5.65 4.81 33.19
C ASN A 1014 -5.43 5.46 31.83
N PHE A 1015 -4.95 6.70 31.83
CA PHE A 1015 -4.71 7.46 30.62
C PHE A 1015 -3.30 8.03 30.65
N VAL A 1016 -2.92 8.67 29.56
CA VAL A 1016 -1.60 9.31 29.45
C VAL A 1016 -1.79 10.82 29.46
N LYS A 1017 -0.99 11.51 30.25
CA LYS A 1017 -1.07 12.95 30.34
C LYS A 1017 -0.60 13.59 29.03
N PRO A 1018 -1.03 14.83 28.76
CA PRO A 1018 -0.50 15.53 27.58
C PRO A 1018 1.00 15.71 27.61
N LYS A 1019 1.60 15.88 28.79
CA LYS A 1019 3.05 16.01 28.88
C LYS A 1019 3.76 14.73 28.44
N GLY A 1020 3.23 13.57 28.83
CA GLY A 1020 3.87 12.32 28.47
C GLY A 1020 3.94 11.31 29.59
N GLY A 1021 3.28 11.60 30.70
CA GLY A 1021 3.24 10.70 31.83
C GLY A 1021 2.05 9.75 31.80
N ILE A 1022 1.81 9.12 32.94
CA ILE A 1022 0.65 8.26 33.16
C ILE A 1022 -0.19 8.90 34.25
N ILE A 1023 -1.50 8.75 34.15
CA ILE A 1023 -2.44 9.32 35.12
C ILE A 1023 -3.56 8.32 35.36
N GLU A 1024 -4.00 8.23 36.60
CA GLU A 1024 -5.05 7.28 37.01
C GLU A 1024 -6.19 8.05 37.65
N PHE A 1025 -7.41 7.74 37.21
CA PHE A 1025 -8.61 8.39 37.71
C PHE A 1025 -9.47 7.39 38.46
N ASN A 1026 -10.10 7.85 39.54
CA ASN A 1026 -10.95 6.96 40.34
C ASN A 1026 -12.37 6.90 39.78
N SER A 1027 -12.80 7.90 39.02
CA SER A 1027 -14.15 7.92 38.47
C SER A 1027 -14.15 8.74 37.19
N TYR A 1028 -15.25 8.63 36.45
CA TYR A 1028 -15.39 9.38 35.21
C TYR A 1028 -15.56 10.86 35.46
N TYR A 1029 -16.07 11.23 36.64
CA TYR A 1029 -16.17 12.63 37.00
C TYR A 1029 -14.81 13.30 37.02
N GLU A 1030 -13.80 12.60 37.52
CA GLU A 1030 -12.45 13.16 37.54
C GLU A 1030 -11.94 13.41 36.13
N ILE A 1031 -12.20 12.49 35.21
CA ILE A 1031 -11.76 12.66 33.83
C ILE A 1031 -12.46 13.85 33.19
N LEU A 1032 -13.77 13.98 33.43
CA LEU A 1032 -14.50 15.13 32.88
C LEU A 1032 -13.98 16.44 33.46
N TYR A 1033 -13.71 16.47 34.76
CA TYR A 1033 -13.23 17.69 35.40
C TYR A 1033 -11.83 18.03 34.96
N ALA A 1034 -11.03 17.03 34.57
CA ALA A 1034 -9.72 17.29 34.01
C ALA A 1034 -9.81 17.78 32.57
N TRP A 1035 -10.79 17.28 31.80
CA TRP A 1035 -10.92 17.67 30.41
C TRP A 1035 -11.51 19.06 30.25
N LEU A 1036 -12.34 19.51 31.19
CA LEU A 1036 -12.99 20.82 31.05
C LEU A 1036 -12.03 21.98 30.90
N PRO A 1037 -11.02 22.17 31.77
CA PRO A 1037 -10.17 23.36 31.65
C PRO A 1037 -9.41 23.44 30.35
N TYR A 1038 -9.00 22.31 29.78
CA TYR A 1038 -8.29 22.34 28.51
C TYR A 1038 -9.17 22.92 27.41
N ARG A 1039 -10.42 22.49 27.35
CA ARG A 1039 -11.35 23.04 26.36
C ARG A 1039 -11.62 24.51 26.61
N ARG A 1040 -11.77 24.91 27.88
CA ARG A 1040 -11.96 26.32 28.19
C ARG A 1040 -10.79 27.17 27.69
N GLU A 1041 -9.56 26.74 28.01
CA GLU A 1041 -8.39 27.50 27.61
C GLU A 1041 -8.23 27.53 26.10
N LEU A 1042 -8.56 26.42 25.43
CA LEU A 1042 -8.46 26.43 23.98
C LEU A 1042 -9.45 27.41 23.36
N TYR A 1043 -10.68 27.45 23.90
CA TYR A 1043 -11.65 28.42 23.40
C TYR A 1043 -11.15 29.84 23.60
N GLN A 1044 -10.61 30.13 24.79
CA GLN A 1044 -10.14 31.48 25.09
C GLN A 1044 -9.00 31.89 24.16
N LYS A 1045 -8.01 31.01 23.99
CA LYS A 1045 -6.88 31.35 23.13
C LYS A 1045 -7.26 31.41 21.67
N ARG A 1046 -8.22 30.59 21.24
CA ARG A 1046 -8.71 30.67 19.87
C ARG A 1046 -9.41 31.98 19.60
N LEU A 1047 -10.21 32.46 20.57
CA LEU A 1047 -10.84 33.76 20.41
C LEU A 1047 -9.81 34.88 20.40
N MET A 1048 -8.77 34.79 21.23
CA MET A 1048 -7.71 35.79 21.22
C MET A 1048 -7.02 35.85 19.86
N ARG A 1049 -6.66 34.68 19.32
CA ARG A 1049 -5.98 34.64 18.04
C ARG A 1049 -6.89 35.16 16.93
N GLU A 1050 -8.18 34.82 16.99
CA GLU A 1050 -9.12 35.35 16.00
C GLU A 1050 -9.19 36.87 16.07
N HIS A 1051 -9.23 37.43 17.28
CA HIS A 1051 -9.27 38.88 17.44
C HIS A 1051 -8.03 39.53 16.82
N ALA A 1052 -6.85 38.98 17.12
CA ALA A 1052 -5.62 39.57 16.59
C ALA A 1052 -5.57 39.48 15.08
N VAL A 1053 -5.85 38.30 14.52
CA VAL A 1053 -5.77 38.14 13.07
C VAL A 1053 -6.83 38.97 12.38
N LEU A 1054 -7.97 39.19 13.02
CA LEU A 1054 -9.02 39.99 12.40
C LEU A 1054 -8.63 41.47 12.40
N LYS A 1055 -7.97 41.93 13.46
CA LYS A 1055 -7.43 43.30 13.43
C LYS A 1055 -6.42 43.46 12.30
N LEU A 1056 -5.54 42.48 12.15
CA LEU A 1056 -4.55 42.52 11.08
C LEU A 1056 -5.21 42.55 9.71
N ARG A 1057 -6.23 41.72 9.52
CA ARG A 1057 -6.92 41.66 8.23
C ARG A 1057 -7.67 42.96 7.95
N ILE A 1058 -8.24 43.57 9.00
CA ILE A 1058 -8.91 44.86 8.83
C ILE A 1058 -7.93 45.91 8.33
N ILE A 1059 -6.77 46.01 8.98
CA ILE A 1059 -5.83 47.06 8.57
C ILE A 1059 -5.30 46.78 7.16
N MET A 1060 -5.03 45.51 6.85
CA MET A 1060 -4.56 45.17 5.52
C MET A 1060 -5.59 45.52 4.45
N GLU A 1061 -6.87 45.19 4.71
CA GLU A 1061 -7.90 45.45 3.71
C GLU A 1061 -8.17 46.94 3.56
N THR A 1062 -8.08 47.70 4.64
CA THR A 1062 -8.23 49.15 4.52
C THR A 1062 -7.10 49.73 3.67
N ALA A 1063 -5.87 49.26 3.88
CA ALA A 1063 -4.77 49.73 3.04
C ALA A 1063 -4.99 49.33 1.58
N ILE A 1064 -5.48 48.11 1.35
CA ILE A 1064 -5.73 47.65 -0.01
C ILE A 1064 -6.77 48.53 -0.70
N VAL A 1065 -7.85 48.85 0.01
CA VAL A 1065 -8.90 49.68 -0.56
C VAL A 1065 -8.40 51.09 -0.83
N ARG A 1066 -7.57 51.63 0.08
CA ARG A 1066 -6.98 52.95 -0.15
C ARG A 1066 -6.12 52.95 -1.41
N TYR A 1067 -5.30 51.91 -1.59
CA TYR A 1067 -4.48 51.85 -2.79
C TYR A 1067 -5.33 51.70 -4.05
N ILE A 1068 -6.39 50.90 -3.98
CA ILE A 1068 -7.27 50.74 -5.14
C ILE A 1068 -7.90 52.08 -5.49
N ASN A 1069 -8.25 52.86 -4.47
CA ASN A 1069 -8.83 54.18 -4.72
C ASN A 1069 -7.80 55.13 -5.34
N GLU A 1070 -6.55 55.08 -4.88
CA GLU A 1070 -5.55 56.06 -5.32
C GLU A 1070 -4.67 55.57 -6.48
N SER A 1071 -4.95 54.38 -7.02
CA SER A 1071 -4.07 53.82 -8.05
C SER A 1071 -3.98 54.72 -9.29
N ALA A 1072 -5.05 55.43 -9.62
CA ALA A 1072 -4.99 56.34 -10.75
C ALA A 1072 -3.98 57.46 -10.50
N GLU A 1073 -3.94 57.99 -9.28
CA GLU A 1073 -3.01 59.07 -8.98
C GLU A 1073 -1.58 58.56 -8.86
N LEU A 1074 -1.38 57.42 -8.18
CA LEU A 1074 -0.02 56.90 -7.99
C LEU A 1074 0.61 56.53 -9.33
N ASN A 1075 -0.08 55.71 -10.12
CA ASN A 1075 0.39 55.30 -11.45
C ASN A 1075 1.80 54.69 -11.38
N LEU A 1076 1.89 53.55 -10.70
CA LEU A 1076 3.19 52.90 -10.54
C LEU A 1076 3.70 52.26 -11.83
N SER A 1077 3.06 52.50 -12.97
CA SER A 1077 3.51 51.95 -14.24
C SER A 1077 4.80 52.59 -14.75
N HIS A 1078 5.26 53.67 -14.13
CA HIS A 1078 6.45 54.38 -14.60
C HIS A 1078 7.57 54.30 -13.57
N TYR A 1079 7.58 53.25 -12.77
CA TYR A 1079 8.63 53.01 -11.79
C TYR A 1079 9.45 51.79 -12.20
N GLU A 1080 10.75 51.86 -11.92
CA GLU A 1080 11.68 50.90 -12.51
C GLU A 1080 11.43 49.48 -12.04
N ASP A 1081 11.26 49.28 -10.73
CA ASP A 1081 11.09 47.92 -10.21
C ASP A 1081 10.47 47.99 -8.82
N GLU A 1082 10.45 46.84 -8.15
CA GLU A 1082 9.74 46.71 -6.87
C GLU A 1082 10.37 47.58 -5.79
N LYS A 1083 11.69 47.82 -5.86
CA LYS A 1083 12.34 48.64 -4.84
C LYS A 1083 11.77 50.06 -4.83
N GLU A 1084 11.69 50.69 -6.00
CA GLU A 1084 11.16 52.05 -6.08
C GLU A 1084 9.68 52.08 -5.73
N ALA A 1085 8.93 51.05 -6.15
CA ALA A 1085 7.52 50.98 -5.82
C ALA A 1085 7.30 50.91 -4.32
N SER A 1086 8.06 50.05 -3.64
CA SER A 1086 7.95 49.96 -2.19
C SER A 1086 8.37 51.27 -1.53
N ARG A 1087 9.41 51.91 -2.05
CA ARG A 1087 9.86 53.18 -1.49
C ARG A 1087 8.77 54.24 -1.60
N ILE A 1088 8.13 54.34 -2.77
CA ILE A 1088 7.10 55.36 -2.94
C ILE A 1088 5.85 55.03 -2.16
N LEU A 1089 5.51 53.74 -2.01
CA LEU A 1089 4.39 53.37 -1.17
C LEU A 1089 4.64 53.73 0.29
N SER A 1090 5.86 53.47 0.77
CA SER A 1090 6.23 53.86 2.12
C SER A 1090 6.19 55.37 2.29
N GLU A 1091 6.63 56.10 1.27
CA GLU A 1091 6.56 57.56 1.31
C GLU A 1091 5.12 58.04 1.41
N HIS A 1092 4.21 57.39 0.67
CA HIS A 1092 2.80 57.75 0.73
C HIS A 1092 2.12 57.30 2.02
N GLY A 1093 2.80 56.51 2.85
CA GLY A 1093 2.26 56.10 4.13
C GLY A 1093 1.63 54.74 4.16
N PHE A 1094 1.76 53.95 3.10
CA PHE A 1094 1.18 52.61 3.10
C PHE A 1094 1.91 51.72 4.11
N PRO A 1095 1.18 50.88 4.83
CA PRO A 1095 1.81 50.09 5.90
C PRO A 1095 2.52 48.87 5.35
N PRO A 1096 3.71 48.55 5.87
CA PRO A 1096 4.39 47.31 5.46
C PRO A 1096 3.97 46.14 6.32
N LEU A 1097 3.62 45.02 5.69
CA LEU A 1097 3.15 43.85 6.41
C LEU A 1097 3.13 42.65 5.47
N ASN A 1098 3.50 41.48 5.99
CA ASN A 1098 3.57 40.28 5.17
C ASN A 1098 2.17 39.70 5.01
N HIS A 1099 1.57 39.89 3.83
CA HIS A 1099 0.20 39.46 3.60
C HIS A 1099 0.05 37.95 3.63
N THR A 1100 1.13 37.20 3.40
CA THR A 1100 1.03 35.74 3.43
C THR A 1100 0.64 35.25 4.81
N LEU A 1101 1.19 35.85 5.87
CA LEU A 1101 0.82 35.46 7.22
C LEU A 1101 -0.56 35.99 7.59
N ILE A 1102 -0.92 37.18 7.09
CA ILE A 1102 -2.21 37.77 7.41
C ILE A 1102 -3.34 36.91 6.84
N ILE A 1103 -3.20 36.48 5.59
CA ILE A 1103 -4.28 35.72 4.96
C ILE A 1103 -4.34 34.31 5.51
N SER A 1104 -3.26 33.81 6.10
CA SER A 1104 -3.20 32.45 6.64
C SER A 1104 -2.15 32.40 7.73
N PRO A 1105 -2.53 32.61 9.00
CA PRO A 1105 -1.57 32.50 10.08
C PRO A 1105 -1.21 31.02 10.24
N GLU A 1106 -2.16 30.14 9.91
CA GLU A 1106 -1.92 28.69 10.09
C GLU A 1106 -1.49 28.46 11.53
N PHE A 1107 -0.38 27.77 11.74
CA PHE A 1107 0.07 27.41 13.12
C PHE A 1107 0.90 28.55 13.71
N ALA A 1108 0.29 29.67 14.10
CA ALA A 1108 1.06 30.83 14.60
C ALA A 1108 0.47 31.38 15.89
N SER A 1109 1.31 31.61 16.91
CA SER A 1109 0.88 32.11 18.20
C SER A 1109 0.76 33.63 18.16
N ILE A 1110 0.21 34.18 19.25
CA ILE A 1110 -0.07 35.62 19.30
C ILE A 1110 1.22 36.42 19.20
N GLU A 1111 2.22 36.07 20.01
CA GLU A 1111 3.45 36.86 20.06
C GLU A 1111 4.19 36.81 18.73
N GLU A 1112 4.28 35.63 18.12
CA GLU A 1112 4.96 35.53 16.83
C GLU A 1112 4.14 36.18 15.73
N LEU A 1113 2.80 36.09 15.81
CA LEU A 1113 1.96 36.77 14.84
C LEU A 1113 2.21 38.27 14.87
N ASN A 1114 2.28 38.85 16.07
CA ASN A 1114 2.54 40.28 16.18
C ASN A 1114 3.95 40.62 15.69
N GLN A 1115 4.94 39.85 16.13
CA GLN A 1115 6.32 40.16 15.77
C GLN A 1115 6.60 39.97 14.29
N LYS A 1116 5.79 39.17 13.58
CA LYS A 1116 5.95 39.04 12.15
C LYS A 1116 5.07 40.02 11.36
N ALA A 1117 3.93 40.41 11.93
CA ALA A 1117 3.06 41.36 11.25
C ALA A 1117 3.56 42.79 11.36
N LEU A 1118 4.34 43.11 12.39
CA LEU A 1118 4.87 44.46 12.50
C LEU A 1118 5.78 44.81 11.33
N GLN A 1119 6.45 43.82 10.76
CA GLN A 1119 7.30 44.01 9.59
C GLN A 1119 6.68 43.29 8.38
N GLY A 1120 7.37 43.38 7.26
CA GLY A 1120 6.92 42.73 6.04
C GLY A 1120 7.25 43.57 4.84
N CYS A 1121 6.59 43.24 3.73
CA CYS A 1121 6.78 43.92 2.45
C CYS A 1121 5.44 44.48 1.98
N TYR A 1122 5.47 45.10 0.80
CA TYR A 1122 4.28 45.66 0.19
C TYR A 1122 3.68 44.75 -0.87
N THR A 1123 3.93 43.45 -0.78
CA THR A 1123 3.48 42.52 -1.82
C THR A 1123 1.97 42.55 -2.00
N TYR A 1124 1.25 42.80 -0.91
CA TYR A 1124 -0.20 42.87 -0.95
C TYR A 1124 -0.62 43.85 -2.05
N ILE A 1125 0.10 44.96 -2.16
CA ILE A 1125 -0.21 45.95 -3.18
C ILE A 1125 0.22 45.45 -4.55
N LEU A 1126 1.40 44.84 -4.63
CA LEU A 1126 1.93 44.43 -5.93
C LEU A 1126 1.27 43.17 -6.46
N SER A 1127 0.83 42.27 -5.58
CA SER A 1127 0.31 40.97 -6.02
C SER A 1127 -1.14 41.03 -6.48
N LEU A 1128 -1.85 42.12 -6.20
CA LEU A 1128 -3.25 42.19 -6.59
C LEU A 1128 -3.38 42.38 -8.10
N GLN A 1129 -4.37 41.71 -8.68
CA GLN A 1129 -4.53 41.66 -10.13
C GLN A 1129 -5.25 42.91 -10.64
N ALA A 1130 -5.26 43.06 -11.96
CA ALA A 1130 -5.92 44.20 -12.58
C ALA A 1130 -7.43 44.15 -12.40
N ARG A 1131 -8.01 42.94 -12.42
CA ARG A 1131 -9.45 42.80 -12.28
C ARG A 1131 -9.97 43.34 -10.95
N GLU A 1132 -9.11 43.39 -9.93
CA GLU A 1132 -9.54 43.93 -8.64
C GLU A 1132 -9.69 45.44 -8.67
N LEU A 1133 -9.16 46.11 -9.69
CA LEU A 1133 -9.27 47.56 -9.78
C LEU A 1133 -10.66 48.02 -10.17
N LEU A 1134 -11.53 47.12 -10.62
CA LEU A 1134 -12.89 47.49 -10.97
C LEU A 1134 -13.66 47.92 -9.72
N ILE A 1135 -14.61 48.83 -9.92
CA ILE A 1135 -15.29 49.44 -8.78
C ILE A 1135 -16.16 48.43 -8.03
N ALA A 1136 -16.66 47.41 -8.73
CA ALA A 1136 -17.44 46.38 -8.05
C ALA A 1136 -16.59 45.61 -7.06
N ALA A 1137 -15.34 45.30 -7.44
CA ALA A 1137 -14.43 44.63 -6.53
C ALA A 1137 -14.13 45.50 -5.31
N LYS A 1138 -13.96 46.81 -5.53
CA LYS A 1138 -13.72 47.71 -4.40
C LYS A 1138 -14.92 47.77 -3.46
N THR A 1139 -16.13 47.83 -4.02
CA THR A 1139 -17.32 47.82 -3.17
C THR A 1139 -17.44 46.52 -2.38
N ARG A 1140 -17.14 45.40 -3.04
CA ARG A 1140 -17.15 44.12 -2.34
C ARG A 1140 -16.12 44.10 -1.21
N ARG A 1141 -14.93 44.67 -1.47
CA ARG A 1141 -13.91 44.74 -0.42
C ARG A 1141 -14.38 45.60 0.75
N VAL A 1142 -15.04 46.71 0.46
CA VAL A 1142 -15.53 47.58 1.53
C VAL A 1142 -16.59 46.86 2.36
N GLU A 1143 -17.49 46.13 1.70
CA GLU A 1143 -18.49 45.36 2.43
C GLU A 1143 -17.83 44.27 3.27
N LYS A 1144 -16.77 43.65 2.73
CA LYS A 1144 -16.04 42.65 3.48
C LYS A 1144 -15.39 43.26 4.71
N ILE A 1145 -14.85 44.47 4.58
CA ILE A 1145 -14.27 45.18 5.72
C ILE A 1145 -15.34 45.43 6.78
N LYS A 1146 -16.53 45.87 6.35
CA LYS A 1146 -17.62 46.10 7.30
C LYS A 1146 -17.99 44.82 8.03
N LYS A 1147 -18.11 43.72 7.28
CA LYS A 1147 -18.46 42.44 7.90
C LYS A 1147 -17.40 42.00 8.90
N MET A 1148 -16.12 42.15 8.54
CA MET A 1148 -15.04 41.71 9.42
C MET A 1148 -14.96 42.59 10.66
N GLN A 1149 -15.26 43.88 10.53
CA GLN A 1149 -15.25 44.75 11.70
C GLN A 1149 -16.42 44.44 12.63
N ALA A 1150 -17.58 44.13 12.06
CA ALA A 1150 -18.70 43.68 12.89
C ALA A 1150 -18.35 42.38 13.62
N ARG A 1151 -17.71 41.46 12.92
CA ARG A 1151 -17.26 40.21 13.56
C ARG A 1151 -16.24 40.49 14.66
N LEU A 1152 -15.37 41.49 14.44
CA LEU A 1152 -14.39 41.85 15.46
C LEU A 1152 -15.09 42.39 16.71
N ASP A 1153 -16.11 43.23 16.52
CA ASP A 1153 -16.86 43.72 17.67
C ASP A 1153 -17.56 42.57 18.40
N LYS A 1154 -18.12 41.63 17.65
CA LYS A 1154 -18.76 40.48 18.27
C LYS A 1154 -17.75 39.63 19.05
N VAL A 1155 -16.54 39.48 18.51
CA VAL A 1155 -15.50 38.73 19.21
C VAL A 1155 -15.11 39.44 20.50
N GLU A 1156 -14.95 40.76 20.44
CA GLU A 1156 -14.63 41.52 21.65
C GLU A 1156 -15.73 41.37 22.70
N GLN A 1157 -16.98 41.29 22.26
CA GLN A 1157 -18.06 40.98 23.19
C GLN A 1157 -17.93 39.58 23.75
N LEU A 1158 -17.51 38.62 22.91
CA LEU A 1158 -17.38 37.24 23.35
C LEU A 1158 -16.31 37.10 24.43
N LEU A 1159 -15.20 37.83 24.31
CA LEU A 1159 -14.14 37.73 25.31
C LEU A 1159 -14.57 38.23 26.68
N GLN A 1160 -15.68 38.95 26.77
CA GLN A 1160 -16.15 39.50 28.03
C GLN A 1160 -17.33 38.73 28.62
N GLU A 1161 -17.53 37.49 28.18
CA GLU A 1161 -18.68 36.71 28.63
C GLU A 1161 -18.50 36.28 30.08
N SER A 1162 -19.62 36.17 30.80
CA SER A 1162 -19.55 36.06 32.26
C SER A 1162 -18.87 34.79 32.76
N PRO A 1163 -19.25 33.56 32.36
CA PRO A 1163 -18.57 32.38 32.92
C PRO A 1163 -17.11 32.33 32.52
N PHE A 1164 -16.85 32.35 31.22
CA PHE A 1164 -15.51 32.42 30.66
C PHE A 1164 -15.63 32.78 29.19
N PRO A 1165 -14.57 33.32 28.58
CA PRO A 1165 -14.66 33.71 27.17
C PRO A 1165 -15.02 32.54 26.27
N GLY A 1166 -15.90 32.79 25.32
CA GLY A 1166 -16.32 31.78 24.37
C GLY A 1166 -17.23 30.71 24.90
N ALA A 1167 -17.89 30.94 26.04
CA ALA A 1167 -18.80 29.93 26.58
C ALA A 1167 -20.00 29.71 25.66
N SER A 1168 -20.55 30.80 25.12
CA SER A 1168 -21.68 30.67 24.21
C SER A 1168 -21.30 29.91 22.96
N VAL A 1169 -20.11 30.18 22.41
CA VAL A 1169 -19.62 29.44 21.25
C VAL A 1169 -19.52 27.97 21.56
N TRP A 1170 -19.03 27.64 22.75
CA TRP A 1170 -19.01 26.25 23.21
C TRP A 1170 -20.42 25.68 23.21
N LEU A 1171 -21.41 26.46 23.66
CA LEU A 1171 -22.79 25.95 23.68
C LEU A 1171 -23.30 25.66 22.28
N GLU A 1172 -23.08 26.56 21.32
CA GLU A 1172 -23.56 26.30 19.96
C GLU A 1172 -22.83 25.11 19.34
N GLU A 1173 -21.56 24.96 19.69
CA GLU A 1173 -20.77 23.84 19.19
C GLU A 1173 -21.36 22.54 19.74
N ILE A 1174 -21.68 22.55 21.03
CA ILE A 1174 -22.28 21.39 21.67
C ILE A 1174 -23.59 21.02 20.99
N ASP A 1175 -24.43 22.02 20.71
CA ASP A 1175 -25.69 21.73 20.04
C ASP A 1175 -25.46 21.15 18.65
N ALA A 1176 -24.51 21.71 17.91
CA ALA A 1176 -24.23 21.22 16.56
C ALA A 1176 -23.72 19.78 16.58
N VAL A 1177 -22.79 19.49 17.50
CA VAL A 1177 -22.26 18.13 17.56
C VAL A 1177 -23.33 17.16 18.03
N GLU A 1178 -24.21 17.58 18.93
CA GLU A 1178 -25.31 16.72 19.35
C GLU A 1178 -26.24 16.42 18.18
N LYS A 1179 -26.56 17.44 17.37
CA LYS A 1179 -27.41 17.22 16.20
C LYS A 1179 -26.75 16.26 15.21
N ALA A 1180 -25.45 16.45 14.95
CA ALA A 1180 -24.75 15.55 14.02
C ALA A 1180 -24.70 14.14 14.56
N ILE A 1181 -24.45 13.99 15.87
CA ILE A 1181 -24.44 12.67 16.48
C ILE A 1181 -25.79 11.99 16.35
N ILE A 1182 -26.88 12.72 16.62
CA ILE A 1182 -28.21 12.15 16.49
C ILE A 1182 -28.47 11.72 15.06
N LYS A 1183 -28.07 12.56 14.09
CA LYS A 1183 -28.24 12.22 12.68
C LYS A 1183 -27.52 10.92 12.34
N GLY A 1184 -26.31 10.73 12.87
CA GLY A 1184 -25.63 9.47 12.68
C GLY A 1184 -26.31 8.31 13.38
N ARG A 1185 -26.83 8.55 14.58
CA ARG A 1185 -27.45 7.51 15.39
C ARG A 1185 -28.69 6.96 14.71
N ASN A 1186 -29.49 7.82 14.09
CA ASN A 1186 -30.72 7.37 13.44
C ASN A 1186 -30.52 6.94 11.99
N THR A 1187 -29.29 6.96 11.48
CA THR A 1187 -29.00 6.49 10.13
C THR A 1187 -28.02 5.33 10.12
N GLN A 1188 -27.88 4.62 11.24
CA GLN A 1188 -26.95 3.49 11.38
C GLN A 1188 -25.52 3.92 11.05
N TRP A 1189 -25.18 5.16 11.39
CA TRP A 1189 -23.87 5.76 11.10
C TRP A 1189 -23.56 5.71 9.60
N LYS A 1190 -24.61 5.82 8.79
CA LYS A 1190 -24.50 5.93 7.33
C LYS A 1190 -25.21 7.23 6.97
N PHE A 1191 -24.46 8.34 7.01
CA PHE A 1191 -25.07 9.66 6.94
C PHE A 1191 -25.70 9.95 5.58
N HIS A 1192 -25.29 9.23 4.53
CA HIS A 1192 -25.85 9.45 3.20
C HIS A 1192 -27.31 9.04 3.14
N VAL B 415 -11.28 -31.41 2.78
CA VAL B 415 -11.19 -30.37 1.77
C VAL B 415 -11.23 -28.99 2.43
N ASP B 416 -10.19 -28.19 2.18
CA ASP B 416 -10.11 -26.88 2.79
C ASP B 416 -10.97 -25.87 2.05
N LYS B 417 -11.33 -24.80 2.77
CA LYS B 417 -12.18 -23.72 2.24
C LYS B 417 -13.49 -24.28 1.71
N TYR B 418 -14.04 -25.29 2.38
CA TYR B 418 -15.28 -25.94 1.96
C TYR B 418 -16.20 -26.05 3.18
N THR B 419 -17.23 -25.21 3.22
CA THR B 419 -18.26 -25.29 4.27
C THR B 419 -19.38 -26.17 3.73
N ARG B 420 -19.47 -27.39 4.25
CA ARG B 420 -20.46 -28.34 3.76
C ARG B 420 -21.87 -27.83 3.97
N ALA B 421 -22.69 -27.93 2.93
CA ALA B 421 -24.11 -27.64 3.05
C ALA B 421 -24.81 -28.78 3.79
N ARG B 422 -25.62 -28.43 4.78
CA ARG B 422 -26.42 -29.45 5.44
C ARG B 422 -27.47 -29.99 4.49
N ASN B 423 -27.91 -31.22 4.77
CA ASN B 423 -28.89 -31.92 3.95
C ASN B 423 -28.37 -32.16 2.53
N ALA B 424 -27.04 -32.25 2.39
CA ALA B 424 -26.39 -32.53 1.11
C ALA B 424 -25.69 -33.88 1.19
N GLY B 425 -25.71 -34.60 0.07
CA GLY B 425 -25.18 -35.94 0.02
C GLY B 425 -26.15 -37.02 0.40
N GLY B 426 -27.36 -36.67 0.85
CA GLY B 426 -28.36 -37.66 1.22
C GLY B 426 -29.47 -37.76 0.19
N LYS B 427 -30.68 -38.08 0.65
CA LYS B 427 -31.82 -38.18 -0.26
C LYS B 427 -32.22 -36.84 -0.84
N ARG B 428 -31.85 -35.74 -0.19
CA ARG B 428 -32.16 -34.40 -0.66
C ARG B 428 -31.01 -33.75 -1.42
N ALA B 429 -29.94 -34.51 -1.70
CA ALA B 429 -28.76 -33.95 -2.35
C ALA B 429 -29.08 -33.34 -3.70
N GLN B 430 -30.08 -33.87 -4.40
CA GLN B 430 -30.44 -33.33 -5.71
C GLN B 430 -30.97 -31.90 -5.62
N ASP B 431 -31.39 -31.46 -4.44
CA ASP B 431 -31.87 -30.10 -4.25
C ASP B 431 -30.78 -29.13 -3.78
N CYS B 432 -29.56 -29.61 -3.61
CA CYS B 432 -28.47 -28.77 -3.14
C CYS B 432 -27.58 -28.35 -4.30
N MET B 433 -27.06 -27.12 -4.21
CA MET B 433 -26.15 -26.59 -5.21
C MET B 433 -24.83 -26.23 -4.54
N LEU B 434 -23.75 -26.36 -5.29
CA LEU B 434 -22.41 -26.02 -4.81
C LEU B 434 -21.97 -24.72 -5.45
N LEU B 435 -21.52 -23.78 -4.62
CA LEU B 435 -21.11 -22.46 -5.07
C LEU B 435 -19.59 -22.44 -5.20
N ALA B 436 -19.10 -22.52 -6.43
CA ALA B 436 -17.66 -22.52 -6.70
C ALA B 436 -17.20 -21.07 -6.83
N ALA B 437 -16.41 -20.62 -5.87
CA ALA B 437 -15.91 -19.25 -5.83
C ALA B 437 -14.49 -19.20 -6.36
N GLU B 438 -14.21 -18.19 -7.18
CA GLU B 438 -12.85 -18.03 -7.71
C GLU B 438 -11.88 -17.53 -6.66
N GLY B 439 -12.37 -16.97 -5.55
CA GLY B 439 -11.49 -16.44 -4.53
C GLY B 439 -12.20 -16.26 -3.22
N ASP B 440 -11.46 -15.74 -2.24
CA ASP B 440 -11.99 -15.56 -0.89
C ASP B 440 -12.91 -14.36 -0.77
N SER B 441 -12.76 -13.35 -1.63
CA SER B 441 -13.74 -12.26 -1.63
C SER B 441 -15.12 -12.75 -2.05
N ALA B 442 -15.16 -13.59 -3.09
CA ALA B 442 -16.41 -14.24 -3.45
C ALA B 442 -16.91 -15.12 -2.32
N LEU B 443 -16.00 -15.77 -1.59
CA LEU B 443 -16.39 -16.56 -0.43
C LEU B 443 -17.08 -15.69 0.61
N SER B 444 -16.52 -14.50 0.89
CA SER B 444 -17.12 -13.61 1.88
C SER B 444 -18.49 -13.13 1.41
N LEU B 445 -18.62 -12.79 0.12
CA LEU B 445 -19.92 -12.38 -0.40
C LEU B 445 -20.95 -13.50 -0.25
N LEU B 446 -20.56 -14.73 -0.58
CA LEU B 446 -21.47 -15.86 -0.44
C LEU B 446 -21.83 -16.10 1.02
N ARG B 447 -20.86 -15.95 1.93
CA ARG B 447 -21.15 -16.11 3.35
C ARG B 447 -22.17 -15.07 3.82
N THR B 448 -22.00 -13.82 3.41
CA THR B 448 -22.96 -12.79 3.78
C THR B 448 -24.35 -13.12 3.23
N GLY B 449 -24.41 -13.49 1.95
CA GLY B 449 -25.70 -13.78 1.33
C GLY B 449 -26.42 -14.96 1.97
N LEU B 450 -25.68 -16.02 2.27
CA LEU B 450 -26.30 -17.21 2.87
C LEU B 450 -26.58 -17.03 4.35
N THR B 451 -25.84 -16.17 5.03
CA THR B 451 -26.08 -15.89 6.44
C THR B 451 -27.05 -14.73 6.64
N LEU B 452 -27.59 -14.16 5.56
CA LEU B 452 -28.74 -13.29 5.70
C LEU B 452 -29.84 -13.97 6.52
N GLY B 453 -30.13 -15.23 6.19
CA GLY B 453 -30.98 -16.06 7.02
C GLY B 453 -32.36 -15.52 7.30
N LYS B 454 -32.59 -15.09 8.53
CA LYS B 454 -33.88 -14.54 8.92
C LYS B 454 -34.18 -13.27 8.14
N SER B 455 -35.47 -12.93 8.08
CA SER B 455 -36.01 -11.77 7.38
C SER B 455 -35.84 -11.89 5.87
N ASN B 456 -35.21 -12.97 5.41
CA ASN B 456 -35.07 -13.28 3.99
C ASN B 456 -35.34 -14.76 3.78
N PRO B 457 -36.59 -15.19 3.95
CA PRO B 457 -36.88 -16.63 3.83
C PRO B 457 -36.86 -17.12 2.39
N SER B 458 -37.19 -16.26 1.43
CA SER B 458 -37.17 -16.68 0.02
C SER B 458 -35.76 -16.99 -0.45
N GLY B 459 -34.77 -16.22 0.00
CA GLY B 459 -33.40 -16.42 -0.41
C GLY B 459 -32.80 -17.67 0.19
N PRO B 460 -31.68 -18.12 -0.37
CA PRO B 460 -31.05 -19.36 0.09
C PRO B 460 -30.25 -19.13 1.36
N SER B 461 -30.04 -20.24 2.08
CA SER B 461 -29.16 -20.26 3.25
C SER B 461 -28.13 -21.37 3.06
N PHE B 462 -27.37 -21.67 4.11
CA PHE B 462 -26.34 -22.69 3.99
C PHE B 462 -26.89 -24.08 3.78
N ASP B 463 -28.18 -24.30 4.04
CA ASP B 463 -28.81 -25.54 3.61
C ASP B 463 -29.08 -25.47 2.11
N PHE B 464 -28.86 -26.58 1.41
CA PHE B 464 -29.04 -26.70 -0.03
C PHE B 464 -28.08 -25.81 -0.81
N CYS B 465 -27.07 -25.25 -0.15
CA CYS B 465 -26.10 -24.38 -0.82
C CYS B 465 -24.73 -24.60 -0.20
N GLY B 466 -23.87 -25.36 -0.88
CA GLY B 466 -22.50 -25.55 -0.46
C GLY B 466 -21.61 -24.47 -1.04
N MET B 467 -20.45 -24.29 -0.41
CA MET B 467 -19.52 -23.25 -0.81
C MET B 467 -18.11 -23.81 -0.88
N ILE B 468 -17.42 -23.54 -1.99
CA ILE B 468 -16.07 -24.01 -2.23
C ILE B 468 -15.31 -22.94 -3.01
N SER B 469 -14.01 -22.84 -2.76
CA SER B 469 -13.16 -21.85 -3.40
C SER B 469 -12.32 -22.52 -4.49
N LEU B 470 -12.19 -21.85 -5.63
CA LEU B 470 -11.34 -22.34 -6.70
C LEU B 470 -9.88 -21.98 -6.51
N GLY B 471 -9.56 -21.10 -5.56
CA GLY B 471 -8.19 -20.73 -5.30
C GLY B 471 -7.52 -20.03 -6.45
N GLY B 472 -8.19 -19.05 -7.05
CA GLY B 472 -7.67 -18.41 -8.23
C GLY B 472 -7.98 -19.21 -9.48
N VAL B 473 -7.12 -19.06 -10.49
CA VAL B 473 -7.27 -19.87 -11.70
C VAL B 473 -6.96 -21.32 -11.38
N ILE B 474 -7.52 -22.22 -12.20
CA ILE B 474 -7.33 -23.65 -11.97
C ILE B 474 -6.47 -24.21 -13.09
N MET B 475 -6.03 -25.45 -12.93
CA MET B 475 -5.12 -26.07 -13.88
C MET B 475 -5.87 -26.62 -15.08
N ASN B 476 -5.28 -26.41 -16.26
CA ASN B 476 -5.91 -26.79 -17.53
C ASN B 476 -5.72 -28.29 -17.73
N ALA B 477 -6.80 -29.04 -17.58
CA ALA B 477 -6.73 -30.50 -17.70
C ALA B 477 -6.67 -30.98 -19.14
N CYS B 478 -6.98 -30.12 -20.12
CA CYS B 478 -6.93 -30.55 -21.51
C CYS B 478 -5.50 -30.85 -21.94
N LYS B 479 -4.54 -30.20 -21.31
CA LYS B 479 -3.13 -30.40 -21.64
C LYS B 479 -2.47 -31.44 -20.73
N LYS B 480 -3.24 -32.00 -19.80
CA LYS B 480 -2.72 -33.01 -18.88
C LYS B 480 -3.10 -34.43 -19.28
N VAL B 481 -4.31 -34.60 -19.81
CA VAL B 481 -4.78 -35.92 -20.21
C VAL B 481 -3.97 -36.40 -21.41
N THR B 482 -3.80 -37.73 -21.49
CA THR B 482 -2.94 -38.33 -22.51
C THR B 482 -3.72 -39.08 -23.59
N ASN B 483 -4.86 -39.68 -23.24
CA ASN B 483 -5.68 -40.42 -24.19
C ASN B 483 -4.90 -41.54 -24.87
N ILE B 484 -4.06 -42.22 -24.11
CA ILE B 484 -3.21 -43.29 -24.62
C ILE B 484 -3.99 -44.59 -24.71
N THR B 485 -3.38 -45.60 -25.35
CA THR B 485 -3.88 -46.97 -25.49
C THR B 485 -5.39 -47.02 -25.74
N THR B 486 -5.82 -46.27 -26.76
CA THR B 486 -7.19 -46.34 -27.24
C THR B 486 -7.39 -47.46 -28.26
N ASP B 487 -6.33 -48.22 -28.57
CA ASP B 487 -6.38 -49.26 -29.58
C ASP B 487 -7.10 -50.52 -29.10
N SER B 488 -7.46 -50.61 -27.82
CA SER B 488 -8.11 -51.78 -27.27
C SER B 488 -9.60 -51.83 -27.58
N GLY B 489 -10.07 -51.04 -28.54
CA GLY B 489 -11.48 -50.96 -28.87
C GLY B 489 -12.26 -49.93 -28.10
N GLU B 490 -11.65 -49.33 -27.07
CA GLU B 490 -12.28 -48.27 -26.29
C GLU B 490 -11.27 -47.15 -26.09
N THR B 491 -11.76 -45.91 -26.19
CA THR B 491 -10.90 -44.74 -26.00
C THR B 491 -10.81 -44.44 -24.51
N ILE B 492 -9.70 -44.85 -23.90
CA ILE B 492 -9.45 -44.63 -22.48
C ILE B 492 -8.55 -43.41 -22.34
N MET B 493 -8.92 -42.51 -21.43
CA MET B 493 -8.19 -41.28 -21.20
C MET B 493 -7.49 -41.38 -19.85
N VAL B 494 -6.16 -41.19 -19.86
CA VAL B 494 -5.33 -41.36 -18.67
C VAL B 494 -4.98 -39.98 -18.13
N ARG B 495 -5.31 -39.75 -16.86
CA ARG B 495 -5.03 -38.47 -16.23
C ARG B 495 -3.56 -38.38 -15.82
N ASN B 496 -2.98 -37.20 -16.00
CA ASN B 496 -1.60 -36.96 -15.63
C ASN B 496 -1.42 -37.05 -14.12
N GLU B 497 -0.21 -37.42 -13.70
CA GLU B 497 0.09 -37.47 -12.27
C GLU B 497 -0.01 -36.10 -11.64
N GLN B 498 0.46 -35.06 -12.35
CA GLN B 498 0.21 -33.70 -11.90
C GLN B 498 -1.28 -33.39 -11.89
N LEU B 499 -2.02 -33.91 -12.87
CA LEU B 499 -3.46 -33.74 -12.88
C LEU B 499 -4.12 -34.50 -11.74
N THR B 500 -3.60 -35.67 -11.39
CA THR B 500 -4.19 -36.43 -10.28
C THR B 500 -3.95 -35.75 -8.93
N ASN B 501 -2.77 -35.14 -8.76
CA ASN B 501 -2.35 -34.64 -7.45
C ASN B 501 -2.76 -33.21 -7.18
N ASN B 502 -3.50 -32.56 -8.08
CA ASN B 502 -3.92 -31.19 -7.83
C ASN B 502 -4.92 -31.14 -6.67
N LYS B 503 -4.71 -30.17 -5.78
CA LYS B 503 -5.51 -30.10 -4.56
C LYS B 503 -6.95 -29.67 -4.87
N VAL B 504 -7.12 -28.61 -5.64
CA VAL B 504 -8.44 -28.02 -5.82
C VAL B 504 -9.35 -28.93 -6.64
N LEU B 505 -8.81 -29.52 -7.71
CA LEU B 505 -9.63 -30.38 -8.56
C LEU B 505 -10.05 -31.65 -7.82
N GLN B 506 -9.12 -32.27 -7.08
CA GLN B 506 -9.48 -33.46 -6.33
C GLN B 506 -10.42 -33.12 -5.18
N GLY B 507 -10.30 -31.93 -4.60
CA GLY B 507 -11.26 -31.51 -3.59
C GLY B 507 -12.65 -31.34 -4.16
N ILE B 508 -12.75 -30.74 -5.35
CA ILE B 508 -14.05 -30.61 -6.00
C ILE B 508 -14.62 -31.99 -6.32
N VAL B 509 -13.78 -32.90 -6.83
CA VAL B 509 -14.24 -34.25 -7.15
C VAL B 509 -14.75 -34.95 -5.90
N GLN B 510 -14.03 -34.82 -4.79
CA GLN B 510 -14.49 -35.42 -3.53
C GLN B 510 -15.80 -34.81 -3.07
N VAL B 511 -15.93 -33.49 -3.17
CA VAL B 511 -17.15 -32.82 -2.71
C VAL B 511 -18.35 -33.27 -3.51
N LEU B 512 -18.21 -33.34 -4.84
CA LEU B 512 -19.33 -33.74 -5.67
C LEU B 512 -19.61 -35.23 -5.58
N GLY B 513 -18.63 -36.02 -5.15
CA GLY B 513 -18.81 -37.45 -5.13
C GLY B 513 -18.82 -38.12 -6.49
N LEU B 514 -18.22 -37.47 -7.48
CA LEU B 514 -18.19 -37.98 -8.84
C LEU B 514 -16.92 -38.78 -9.11
N ASP B 515 -17.00 -39.66 -10.11
CA ASP B 515 -15.89 -40.51 -10.51
C ASP B 515 -15.65 -40.35 -12.01
N PHE B 516 -14.40 -40.53 -12.43
CA PHE B 516 -14.03 -40.31 -13.81
C PHE B 516 -14.50 -41.45 -14.72
N ASN B 517 -14.59 -42.67 -14.20
CA ASN B 517 -14.91 -43.82 -15.03
C ASN B 517 -16.35 -43.77 -15.51
N CYS B 518 -17.26 -43.26 -14.70
CA CYS B 518 -18.68 -43.31 -15.01
C CYS B 518 -19.10 -42.22 -15.99
N HIS B 519 -19.95 -42.59 -16.93
CA HIS B 519 -20.62 -41.65 -17.82
C HIS B 519 -22.02 -41.39 -17.29
N TYR B 520 -22.34 -40.12 -17.06
CA TYR B 520 -23.59 -39.74 -16.40
C TYR B 520 -24.71 -39.60 -17.43
N LYS B 521 -25.02 -40.72 -18.09
CA LYS B 521 -26.06 -40.73 -19.10
C LYS B 521 -27.45 -40.68 -18.50
N THR B 522 -27.81 -41.70 -17.72
CA THR B 522 -29.16 -41.81 -17.20
C THR B 522 -29.33 -40.96 -15.94
N GLN B 523 -30.58 -40.89 -15.47
CA GLN B 523 -30.91 -40.05 -14.33
C GLN B 523 -30.27 -40.57 -13.05
N GLU B 524 -30.18 -41.90 -12.89
CA GLU B 524 -29.66 -42.47 -11.65
C GLU B 524 -28.19 -42.07 -11.44
N GLU B 525 -27.41 -42.06 -12.50
CA GLU B 525 -25.99 -41.70 -12.38
C GLU B 525 -25.84 -40.27 -11.86
N ARG B 526 -26.63 -39.34 -12.39
CA ARG B 526 -26.61 -37.98 -11.87
C ARG B 526 -27.16 -37.91 -10.45
N ALA B 527 -28.13 -38.77 -10.12
CA ALA B 527 -28.64 -38.84 -8.75
C ALA B 527 -27.58 -39.32 -7.77
N LYS B 528 -26.58 -40.07 -8.25
CA LYS B 528 -25.48 -40.51 -7.38
C LYS B 528 -24.63 -39.34 -6.91
N LEU B 529 -24.74 -38.18 -7.56
CA LEU B 529 -23.95 -37.02 -7.18
C LEU B 529 -24.34 -36.51 -5.80
N ARG B 530 -23.38 -35.92 -5.10
CA ARG B 530 -23.63 -35.36 -3.77
C ARG B 530 -24.27 -33.98 -3.83
N TYR B 531 -24.30 -33.33 -4.99
CA TYR B 531 -24.95 -32.05 -5.16
C TYR B 531 -25.79 -32.08 -6.44
N GLY B 532 -26.87 -31.29 -6.44
CA GLY B 532 -27.72 -31.23 -7.60
C GLY B 532 -27.05 -30.56 -8.78
N CYS B 533 -26.29 -29.50 -8.53
CA CYS B 533 -25.61 -28.76 -9.59
C CYS B 533 -24.46 -27.97 -8.96
N ILE B 534 -23.57 -27.49 -9.83
CA ILE B 534 -22.45 -26.65 -9.41
C ILE B 534 -22.62 -25.28 -10.03
N VAL B 535 -22.58 -24.25 -9.19
CA VAL B 535 -22.76 -22.86 -9.60
C VAL B 535 -21.44 -22.14 -9.39
N ALA B 536 -20.95 -21.51 -10.46
CA ALA B 536 -19.71 -20.77 -10.41
C ALA B 536 -20.00 -19.28 -10.20
N CYS B 537 -19.29 -18.68 -9.24
CA CYS B 537 -19.38 -17.24 -8.99
C CYS B 537 -17.99 -16.64 -9.19
N VAL B 538 -17.87 -15.75 -10.17
CA VAL B 538 -16.61 -15.12 -10.52
C VAL B 538 -16.84 -13.62 -10.70
N ASP B 539 -15.76 -12.86 -10.62
CA ASP B 539 -15.85 -11.44 -10.89
C ASP B 539 -16.26 -11.21 -12.33
N GLN B 540 -17.07 -10.17 -12.56
CA GLN B 540 -17.54 -9.85 -13.91
C GLN B 540 -16.43 -9.08 -14.63
N ASP B 541 -15.41 -9.83 -15.04
CA ASP B 541 -14.28 -9.26 -15.78
C ASP B 541 -13.66 -10.38 -16.60
N LEU B 542 -12.70 -10.00 -17.44
CA LEU B 542 -12.07 -10.98 -18.31
C LEU B 542 -11.32 -12.04 -17.51
N ASP B 543 -10.64 -11.63 -16.44
CA ASP B 543 -9.94 -12.56 -15.56
C ASP B 543 -10.97 -13.14 -14.59
N GLY B 544 -11.54 -14.29 -14.96
CA GLY B 544 -12.51 -14.95 -14.12
C GLY B 544 -13.78 -15.34 -14.87
N CYS B 545 -14.23 -14.47 -15.76
CA CYS B 545 -15.35 -14.75 -16.65
C CYS B 545 -14.78 -14.91 -18.05
N GLY B 546 -14.32 -16.12 -18.36
CA GLY B 546 -13.63 -16.40 -19.59
C GLY B 546 -12.30 -17.12 -19.41
N LYS B 547 -11.66 -16.97 -18.26
CA LYS B 547 -10.43 -17.68 -17.95
C LYS B 547 -10.64 -18.74 -16.87
N ILE B 548 -11.09 -18.34 -15.68
CA ILE B 548 -11.33 -19.32 -14.63
C ILE B 548 -12.57 -20.14 -14.95
N LEU B 549 -13.66 -19.46 -15.28
CA LEU B 549 -14.88 -20.16 -15.67
C LEU B 549 -14.67 -20.94 -16.96
N GLY B 550 -13.88 -20.40 -17.88
CA GLY B 550 -13.56 -21.13 -19.09
C GLY B 550 -12.80 -22.41 -18.82
N LEU B 551 -11.82 -22.34 -17.91
CA LEU B 551 -11.07 -23.55 -17.55
C LEU B 551 -11.94 -24.57 -16.85
N LEU B 552 -12.82 -24.12 -15.96
CA LEU B 552 -13.72 -25.05 -15.29
C LEU B 552 -14.67 -25.72 -16.28
N LEU B 553 -15.22 -24.93 -17.21
CA LEU B 553 -16.09 -25.48 -18.23
C LEU B 553 -15.35 -26.46 -19.12
N ALA B 554 -14.09 -26.14 -19.47
CA ALA B 554 -13.29 -27.06 -20.27
C ALA B 554 -13.04 -28.37 -19.52
N TYR B 555 -12.75 -28.28 -18.23
CA TYR B 555 -12.56 -29.48 -17.41
C TYR B 555 -13.81 -30.37 -17.44
N PHE B 556 -14.96 -29.77 -17.15
CA PHE B 556 -16.19 -30.55 -17.10
C PHE B 556 -16.56 -31.12 -18.47
N HIS B 557 -16.36 -30.34 -19.54
CA HIS B 557 -16.63 -30.84 -20.88
C HIS B 557 -15.68 -31.97 -21.25
N LEU B 558 -14.41 -31.85 -20.86
CA LEU B 558 -13.43 -32.87 -21.18
C LEU B 558 -13.76 -34.19 -20.50
N PHE B 559 -14.17 -34.14 -19.23
CA PHE B 559 -14.38 -35.40 -18.53
C PHE B 559 -15.82 -35.89 -18.57
N TRP B 560 -16.80 -35.02 -18.30
CA TRP B 560 -18.20 -35.41 -18.23
C TRP B 560 -19.05 -34.46 -19.05
N PRO B 561 -19.10 -34.66 -20.38
CA PRO B 561 -19.97 -33.82 -21.21
C PRO B 561 -21.44 -33.94 -20.86
N GLN B 562 -21.88 -35.11 -20.38
CA GLN B 562 -23.29 -35.31 -20.09
C GLN B 562 -23.77 -34.42 -18.96
N LEU B 563 -22.88 -34.03 -18.05
CA LEU B 563 -23.25 -33.10 -17.00
C LEU B 563 -23.61 -31.74 -17.59
N ILE B 564 -22.79 -31.24 -18.52
CA ILE B 564 -23.11 -29.99 -19.18
C ILE B 564 -24.38 -30.13 -20.02
N ILE B 565 -24.53 -31.26 -20.70
CA ILE B 565 -25.70 -31.47 -21.53
C ILE B 565 -26.98 -31.44 -20.70
N HIS B 566 -26.96 -32.12 -19.56
CA HIS B 566 -28.13 -32.19 -18.68
C HIS B 566 -28.16 -31.06 -17.65
N GLY B 567 -27.48 -29.95 -17.93
CA GLY B 567 -27.59 -28.77 -17.10
C GLY B 567 -27.06 -28.90 -15.68
N PHE B 568 -25.98 -29.64 -15.49
CA PHE B 568 -25.38 -29.74 -14.17
C PHE B 568 -24.52 -28.53 -13.82
N VAL B 569 -23.99 -27.82 -14.83
CA VAL B 569 -23.07 -26.71 -14.62
C VAL B 569 -23.81 -25.41 -14.88
N LYS B 570 -23.69 -24.46 -13.96
CA LYS B 570 -24.31 -23.17 -14.12
C LYS B 570 -23.46 -22.12 -13.42
N ARG B 571 -23.78 -20.86 -13.67
CA ARG B 571 -23.04 -19.76 -13.07
C ARG B 571 -24.01 -18.72 -12.55
N LEU B 572 -23.60 -17.97 -11.53
CA LEU B 572 -24.37 -16.81 -11.11
C LEU B 572 -23.73 -15.56 -11.70
N LEU B 573 -24.55 -14.75 -12.37
CA LEU B 573 -24.07 -13.60 -13.11
C LEU B 573 -24.32 -12.35 -12.28
N THR B 574 -23.30 -11.49 -12.18
CA THR B 574 -23.39 -10.28 -11.38
C THR B 574 -23.27 -9.05 -12.26
N PRO B 575 -23.92 -7.95 -11.89
CA PRO B 575 -23.86 -6.73 -12.71
C PRO B 575 -22.48 -6.08 -12.64
N LEU B 576 -21.90 -5.81 -13.80
CA LEU B 576 -20.63 -5.10 -13.84
C LEU B 576 -20.79 -3.63 -13.53
N ILE B 577 -21.82 -2.99 -14.08
CA ILE B 577 -22.05 -1.56 -13.94
C ILE B 577 -23.49 -1.35 -13.53
N ARG B 578 -23.71 -0.45 -12.56
CA ARG B 578 -25.05 -0.08 -12.13
C ARG B 578 -25.22 1.43 -12.23
N VAL B 579 -26.27 1.86 -12.91
CA VAL B 579 -26.61 3.28 -13.02
C VAL B 579 -27.90 3.50 -12.26
N TYR B 580 -27.85 4.37 -11.25
CA TYR B 580 -29.00 4.70 -10.43
C TYR B 580 -29.51 6.08 -10.81
N GLU B 581 -30.79 6.18 -11.11
CA GLU B 581 -31.43 7.46 -11.35
C GLU B 581 -32.00 8.00 -10.05
N LYS B 582 -31.84 9.30 -9.83
CA LYS B 582 -32.27 9.91 -8.57
C LYS B 582 -33.77 9.76 -8.38
N GLY B 583 -34.17 9.31 -7.20
CA GLY B 583 -35.56 9.06 -6.89
C GLY B 583 -36.06 7.66 -7.21
N LYS B 584 -35.25 6.84 -7.87
CA LYS B 584 -35.61 5.47 -8.20
C LYS B 584 -34.60 4.52 -7.58
N THR B 585 -35.10 3.47 -6.92
CA THR B 585 -34.24 2.55 -6.19
C THR B 585 -33.73 1.39 -7.05
N MET B 586 -34.29 1.18 -8.24
CA MET B 586 -33.87 0.07 -9.08
C MET B 586 -32.78 0.52 -10.05
N PRO B 587 -31.70 -0.23 -10.21
CA PRO B 587 -30.66 0.16 -11.17
C PRO B 587 -30.88 -0.47 -12.54
N VAL B 588 -30.00 -0.16 -13.49
CA VAL B 588 -30.07 -0.77 -14.81
C VAL B 588 -29.20 -2.01 -14.94
N GLU B 589 -28.27 -2.23 -14.00
CA GLU B 589 -27.42 -3.42 -13.89
C GLU B 589 -26.90 -3.93 -15.23
N PHE B 590 -26.11 -3.12 -15.92
CA PHE B 590 -25.51 -3.55 -17.18
C PHE B 590 -24.31 -4.45 -16.92
N TYR B 591 -24.11 -5.41 -17.84
CA TYR B 591 -23.16 -6.49 -17.63
C TYR B 591 -21.87 -6.34 -18.42
N TYR B 592 -21.90 -5.64 -19.55
CA TYR B 592 -20.73 -5.47 -20.39
C TYR B 592 -20.48 -3.98 -20.65
N GLU B 593 -19.22 -3.66 -20.93
CA GLU B 593 -18.86 -2.27 -21.23
C GLU B 593 -19.55 -1.78 -22.50
N GLN B 594 -19.63 -2.63 -23.53
CA GLN B 594 -20.26 -2.24 -24.78
C GLN B 594 -21.73 -1.92 -24.58
N GLU B 595 -22.44 -2.75 -23.80
CA GLU B 595 -23.84 -2.49 -23.53
C GLU B 595 -24.04 -1.17 -22.79
N PHE B 596 -23.19 -0.90 -21.80
CA PHE B 596 -23.29 0.35 -21.05
C PHE B 596 -23.00 1.54 -21.94
N ASP B 597 -22.01 1.43 -22.82
CA ASP B 597 -21.71 2.53 -23.74
C ASP B 597 -22.87 2.78 -24.70
N ALA B 598 -23.48 1.71 -25.21
CA ALA B 598 -24.63 1.87 -26.08
C ALA B 598 -25.80 2.53 -25.35
N TRP B 599 -26.03 2.13 -24.10
CA TRP B 599 -27.09 2.75 -23.31
C TRP B 599 -26.80 4.22 -23.06
N ALA B 600 -25.55 4.54 -22.72
CA ALA B 600 -25.18 5.93 -22.43
C ALA B 600 -25.32 6.81 -23.66
N LYS B 601 -24.86 6.33 -24.82
CA LYS B 601 -25.04 7.12 -26.03
C LYS B 601 -26.50 7.18 -26.46
N LYS B 602 -27.29 6.19 -26.08
CA LYS B 602 -28.73 6.26 -26.33
C LYS B 602 -29.39 7.29 -25.42
N GLN B 603 -28.88 7.44 -24.21
CA GLN B 603 -29.44 8.42 -23.29
C GLN B 603 -29.18 9.84 -23.78
N THR B 604 -30.15 10.72 -23.57
CA THR B 604 -29.99 12.12 -23.97
C THR B 604 -28.89 12.80 -23.18
N SER B 605 -28.85 12.58 -21.86
CA SER B 605 -27.83 13.17 -21.02
C SER B 605 -27.72 12.35 -19.75
N LEU B 606 -26.56 12.49 -19.08
CA LEU B 606 -26.31 11.81 -17.81
C LEU B 606 -26.64 12.76 -16.66
N VAL B 607 -27.94 13.02 -16.49
CA VAL B 607 -28.45 13.91 -15.46
C VAL B 607 -29.13 13.07 -14.39
N ASN B 608 -28.79 13.34 -13.13
CA ASN B 608 -29.31 12.62 -11.97
C ASN B 608 -29.01 11.13 -12.06
N HIS B 609 -27.93 10.77 -12.73
CA HIS B 609 -27.50 9.39 -12.89
C HIS B 609 -26.16 9.18 -12.18
N THR B 610 -26.12 8.21 -11.28
CA THR B 610 -24.89 7.83 -10.59
C THR B 610 -24.44 6.48 -11.13
N VAL B 611 -23.23 6.42 -11.65
CA VAL B 611 -22.67 5.22 -12.26
C VAL B 611 -21.67 4.60 -11.31
N LYS B 612 -21.85 3.32 -11.02
CA LYS B 612 -20.97 2.57 -10.13
C LYS B 612 -20.45 1.35 -10.85
N TYR B 613 -19.12 1.16 -10.78
CA TYR B 613 -18.45 0.03 -11.40
C TYR B 613 -18.10 -0.98 -10.32
N TYR B 614 -18.40 -2.25 -10.58
CA TYR B 614 -18.12 -3.34 -9.65
C TYR B 614 -17.06 -4.23 -10.30
N LYS B 615 -15.79 -3.86 -10.11
CA LYS B 615 -14.68 -4.62 -10.66
C LYS B 615 -14.21 -5.68 -9.66
N GLY B 616 -15.13 -6.58 -9.35
CA GLY B 616 -14.89 -7.62 -8.35
C GLY B 616 -16.15 -7.80 -7.53
N LEU B 617 -16.35 -9.02 -7.03
CA LEU B 617 -17.55 -9.30 -6.25
C LEU B 617 -17.53 -8.56 -4.91
N ALA B 618 -16.36 -8.39 -4.31
CA ALA B 618 -16.27 -7.73 -3.01
C ALA B 618 -16.61 -6.25 -3.08
N ALA B 619 -16.71 -5.66 -4.27
CA ALA B 619 -17.06 -4.25 -4.39
C ALA B 619 -18.52 -3.98 -4.06
N HIS B 620 -19.36 -5.01 -4.06
CA HIS B 620 -20.78 -4.83 -3.77
C HIS B 620 -20.98 -4.50 -2.29
N ASP B 621 -21.99 -3.68 -2.02
CA ASP B 621 -22.28 -3.24 -0.66
C ASP B 621 -23.31 -4.16 0.00
N THR B 622 -23.54 -3.90 1.29
CA THR B 622 -24.42 -4.77 2.08
C THR B 622 -25.85 -4.75 1.55
N HIS B 623 -26.39 -3.55 1.31
CA HIS B 623 -27.73 -3.47 0.74
C HIS B 623 -27.76 -4.06 -0.66
N GLU B 624 -26.67 -3.87 -1.42
CA GLU B 624 -26.61 -4.41 -2.77
C GLU B 624 -26.61 -5.93 -2.76
N VAL B 625 -25.81 -6.54 -1.88
CA VAL B 625 -25.80 -8.01 -1.82
C VAL B 625 -27.11 -8.54 -1.27
N LYS B 626 -27.74 -7.80 -0.35
CA LYS B 626 -29.06 -8.21 0.14
C LYS B 626 -30.09 -8.20 -0.99
N SER B 627 -30.06 -7.16 -1.83
CA SER B 627 -30.98 -7.09 -2.97
C SER B 627 -30.69 -8.21 -3.96
N MET B 628 -29.40 -8.51 -4.18
CA MET B 628 -29.05 -9.59 -5.10
C MET B 628 -29.56 -10.93 -4.59
N PHE B 629 -29.30 -11.24 -3.32
CA PHE B 629 -29.70 -12.53 -2.77
C PHE B 629 -31.19 -12.62 -2.50
N LYS B 630 -31.90 -11.49 -2.50
CA LYS B 630 -33.36 -11.54 -2.47
C LYS B 630 -33.90 -12.20 -3.74
N HIS B 631 -33.29 -11.91 -4.88
CA HIS B 631 -33.63 -12.52 -6.16
C HIS B 631 -32.59 -13.54 -6.58
N PHE B 632 -32.05 -14.31 -5.63
CA PHE B 632 -30.99 -15.25 -5.95
C PHE B 632 -31.47 -16.35 -6.90
N ASP B 633 -32.78 -16.61 -6.93
CA ASP B 633 -33.31 -17.57 -7.90
C ASP B 633 -33.08 -17.08 -9.33
N ASN B 634 -33.02 -15.77 -9.53
CA ASN B 634 -32.64 -15.20 -10.82
C ASN B 634 -31.11 -15.20 -10.92
N MET B 635 -30.59 -14.49 -11.92
CA MET B 635 -29.15 -14.34 -12.18
C MET B 635 -28.39 -15.66 -12.08
N VAL B 636 -29.06 -16.77 -12.37
CA VAL B 636 -28.42 -18.08 -12.38
C VAL B 636 -28.67 -18.68 -13.77
N TYR B 637 -27.60 -18.86 -14.52
CA TYR B 637 -27.67 -19.25 -15.92
C TYR B 637 -27.01 -20.61 -16.10
N THR B 638 -27.74 -21.54 -16.71
CA THR B 638 -27.28 -22.91 -16.91
C THR B 638 -26.52 -23.01 -18.22
N PHE B 639 -25.37 -23.67 -18.20
CA PHE B 639 -24.61 -23.87 -19.43
C PHE B 639 -25.16 -25.04 -20.22
N THR B 640 -25.28 -24.84 -21.53
CA THR B 640 -25.76 -25.85 -22.45
C THR B 640 -24.68 -26.18 -23.46
N LEU B 641 -24.58 -27.45 -23.85
CA LEU B 641 -23.55 -27.92 -24.75
C LEU B 641 -24.13 -28.08 -26.15
N ASP B 642 -23.43 -27.54 -27.14
CA ASP B 642 -23.81 -27.65 -28.54
C ASP B 642 -22.84 -28.58 -29.27
N ASP B 643 -23.22 -28.94 -30.50
CA ASP B 643 -22.35 -29.80 -31.30
C ASP B 643 -21.07 -29.10 -31.71
N SER B 644 -21.12 -27.77 -31.90
CA SER B 644 -19.95 -27.01 -32.30
C SER B 644 -19.03 -26.66 -31.13
N ALA B 645 -19.42 -26.99 -29.89
CA ALA B 645 -18.61 -26.61 -28.74
C ALA B 645 -17.35 -27.44 -28.61
N LYS B 646 -17.33 -28.65 -29.16
CA LYS B 646 -16.16 -29.52 -29.01
C LYS B 646 -14.92 -28.90 -29.66
N GLU B 647 -15.06 -28.47 -30.91
CA GLU B 647 -13.93 -27.87 -31.60
C GLU B 647 -13.51 -26.55 -30.96
N LEU B 648 -14.47 -25.77 -30.46
CA LEU B 648 -14.12 -24.53 -29.78
C LEU B 648 -13.33 -24.81 -28.50
N PHE B 649 -13.76 -25.81 -27.72
CA PHE B 649 -13.03 -26.18 -26.51
C PHE B 649 -11.63 -26.67 -26.84
N HIS B 650 -11.51 -27.45 -27.92
CA HIS B 650 -10.18 -27.91 -28.34
C HIS B 650 -9.30 -26.75 -28.78
N ILE B 651 -9.88 -25.77 -29.48
CA ILE B 651 -9.11 -24.64 -29.97
C ILE B 651 -8.60 -23.79 -28.82
N TYR B 652 -9.51 -23.42 -27.91
CA TYR B 652 -9.15 -22.47 -26.86
C TYR B 652 -8.30 -23.11 -25.76
N PHE B 653 -8.55 -24.37 -25.43
CA PHE B 653 -7.82 -25.05 -24.37
C PHE B 653 -7.24 -26.35 -24.91
N GLY B 654 -5.97 -26.59 -24.60
CA GLY B 654 -5.32 -27.83 -24.98
C GLY B 654 -4.90 -27.85 -26.43
N GLY B 655 -4.12 -28.88 -26.75
CA GLY B 655 -3.69 -29.09 -28.12
C GLY B 655 -2.60 -28.13 -28.56
N GLU B 656 -2.46 -28.04 -29.88
CA GLU B 656 -1.43 -27.21 -30.47
C GLU B 656 -1.77 -25.73 -30.32
N SER B 657 -0.71 -24.91 -30.22
CA SER B 657 -0.91 -23.48 -30.05
C SER B 657 -1.33 -22.82 -31.36
N GLU B 658 -0.78 -23.28 -32.49
CA GLU B 658 -1.06 -22.65 -33.76
C GLU B 658 -2.55 -22.65 -34.07
N LEU B 659 -3.27 -23.70 -33.65
CA LEU B 659 -4.70 -23.78 -33.89
C LEU B 659 -5.44 -22.58 -33.31
N ARG B 660 -4.93 -22.01 -32.21
CA ARG B 660 -5.53 -20.81 -31.67
C ARG B 660 -4.84 -19.53 -32.14
N LYS B 661 -3.62 -19.63 -32.67
CA LYS B 661 -2.97 -18.44 -33.24
C LYS B 661 -3.86 -17.80 -34.30
N ARG B 662 -4.20 -18.57 -35.34
CA ARG B 662 -5.10 -18.06 -36.37
C ARG B 662 -6.49 -17.77 -35.83
N GLU B 663 -6.80 -18.26 -34.63
CA GLU B 663 -8.08 -17.94 -34.01
C GLU B 663 -8.04 -16.62 -33.25
N LEU B 664 -6.85 -16.19 -32.80
CA LEU B 664 -6.73 -14.99 -32.00
C LEU B 664 -6.19 -13.80 -32.78
N CYS B 665 -6.13 -13.89 -34.10
CA CYS B 665 -5.69 -12.78 -34.95
C CYS B 665 -6.85 -12.05 -35.60
N THR B 666 -8.09 -12.33 -35.19
CA THR B 666 -9.27 -11.76 -35.80
C THR B 666 -9.93 -10.71 -34.92
N GLY B 667 -10.28 -11.05 -33.69
CA GLY B 667 -11.00 -10.14 -32.82
C GLY B 667 -12.33 -10.71 -32.35
N VAL B 668 -12.80 -10.23 -31.20
CA VAL B 668 -14.02 -10.79 -30.61
C VAL B 668 -15.23 -10.34 -31.41
N VAL B 669 -16.12 -11.29 -31.71
CA VAL B 669 -17.36 -11.01 -32.41
C VAL B 669 -18.45 -10.82 -31.36
N PRO B 670 -19.07 -9.64 -31.27
CA PRO B 670 -20.09 -9.42 -30.24
C PRO B 670 -21.33 -10.26 -30.50
N LEU B 671 -22.04 -10.58 -29.41
CA LEU B 671 -23.26 -11.35 -29.51
C LEU B 671 -24.35 -10.53 -30.20
N THR B 672 -25.15 -11.20 -31.02
CA THR B 672 -26.29 -10.55 -31.65
C THR B 672 -27.34 -10.21 -30.60
N GLU B 673 -28.20 -9.25 -30.94
CA GLU B 673 -29.24 -8.83 -30.01
C GLU B 673 -30.21 -9.96 -29.71
N THR B 674 -30.55 -10.76 -30.73
CA THR B 674 -31.44 -11.89 -30.52
C THR B 674 -30.82 -12.92 -29.58
N GLN B 675 -29.50 -13.15 -29.70
CA GLN B 675 -28.84 -14.11 -28.83
C GLN B 675 -28.84 -13.64 -27.38
N THR B 676 -28.55 -12.36 -27.14
CA THR B 676 -28.59 -11.84 -25.77
C THR B 676 -30.01 -11.87 -25.22
N GLN B 677 -31.00 -11.57 -26.06
CA GLN B 677 -32.39 -11.65 -25.63
C GLN B 677 -32.76 -13.08 -25.25
N SER B 678 -32.29 -14.06 -26.02
CA SER B 678 -32.53 -15.45 -25.67
C SER B 678 -31.84 -15.82 -24.37
N ILE B 679 -30.62 -15.32 -24.16
CA ILE B 679 -29.89 -15.62 -22.94
C ILE B 679 -30.64 -15.08 -21.71
N HIS B 680 -31.12 -13.85 -21.81
CA HIS B 680 -31.77 -13.23 -20.66
C HIS B 680 -33.20 -13.72 -20.46
N SER B 681 -33.91 -14.06 -21.54
CA SER B 681 -35.28 -14.55 -21.40
C SER B 681 -35.32 -15.89 -20.70
N VAL B 682 -34.54 -16.85 -21.18
CA VAL B 682 -34.35 -18.14 -20.51
C VAL B 682 -32.86 -18.30 -20.24
N ARG B 683 -32.52 -18.61 -19.00
CA ARG B 683 -31.13 -18.59 -18.54
C ARG B 683 -30.44 -19.87 -19.01
N ARG B 684 -30.15 -19.92 -20.30
CA ARG B 684 -29.48 -21.07 -20.93
C ARG B 684 -28.37 -20.51 -21.82
N ILE B 685 -27.15 -20.44 -21.28
CA ILE B 685 -26.01 -19.92 -22.01
C ILE B 685 -25.35 -21.07 -22.75
N PRO B 686 -25.27 -21.05 -24.08
CA PRO B 686 -24.48 -22.05 -24.78
C PRO B 686 -23.01 -21.89 -24.46
N CYS B 687 -22.30 -23.03 -24.40
CA CYS B 687 -20.86 -22.99 -24.15
C CYS B 687 -20.12 -22.35 -25.32
N SER B 688 -20.60 -22.57 -26.55
CA SER B 688 -19.95 -22.00 -27.72
C SER B 688 -19.96 -20.48 -27.68
N LEU B 689 -21.09 -19.89 -27.29
CA LEU B 689 -21.16 -18.43 -27.19
C LEU B 689 -20.22 -17.91 -26.11
N HIS B 690 -20.15 -18.58 -24.97
CA HIS B 690 -19.26 -18.16 -23.90
C HIS B 690 -17.81 -18.19 -24.36
N LEU B 691 -17.41 -19.29 -25.01
CA LEU B 691 -16.04 -19.39 -25.52
C LEU B 691 -15.78 -18.33 -26.58
N GLN B 692 -16.77 -18.08 -27.45
CA GLN B 692 -16.59 -17.10 -28.52
C GLN B 692 -16.41 -15.70 -27.97
N VAL B 693 -17.12 -15.35 -26.90
CA VAL B 693 -17.10 -13.97 -26.43
C VAL B 693 -16.15 -13.78 -25.27
N ASP B 694 -16.44 -14.39 -24.12
CA ASP B 694 -15.71 -14.07 -22.91
C ASP B 694 -14.30 -14.63 -22.93
N THR B 695 -14.17 -15.90 -23.31
CA THR B 695 -12.84 -16.52 -23.34
C THR B 695 -11.96 -15.84 -24.38
N LYS B 696 -12.51 -15.56 -25.56
CA LYS B 696 -11.72 -14.90 -26.59
C LYS B 696 -11.32 -13.49 -26.18
N ALA B 697 -12.23 -12.77 -25.52
CA ALA B 697 -11.88 -11.44 -25.02
C ALA B 697 -10.76 -11.52 -24.00
N TYR B 698 -10.82 -12.51 -23.11
CA TYR B 698 -9.73 -12.68 -22.15
C TYR B 698 -8.42 -13.00 -22.84
N LYS B 699 -8.46 -13.86 -23.87
CA LYS B 699 -7.24 -14.21 -24.58
C LYS B 699 -6.63 -12.99 -25.25
N LEU B 700 -7.46 -12.18 -25.91
CA LEU B 700 -6.95 -10.97 -26.55
C LEU B 700 -6.39 -9.99 -25.53
N ASP B 701 -7.07 -9.83 -24.39
CA ASP B 701 -6.56 -8.93 -23.35
C ASP B 701 -5.24 -9.43 -22.80
N ALA B 702 -5.11 -10.74 -22.59
CA ALA B 702 -3.86 -11.29 -22.07
C ALA B 702 -2.74 -11.12 -23.09
N ILE B 703 -3.05 -11.27 -24.38
CA ILE B 703 -2.05 -11.02 -25.42
C ILE B 703 -1.58 -9.57 -25.36
N GLU B 704 -2.53 -8.63 -25.29
CA GLU B 704 -2.17 -7.22 -25.20
C GLU B 704 -1.51 -6.85 -23.88
N ARG B 705 -1.63 -7.71 -22.86
CA ARG B 705 -1.11 -7.43 -21.54
C ARG B 705 0.28 -8.00 -21.32
N GLN B 706 0.59 -9.14 -21.94
CA GLN B 706 1.86 -9.82 -21.72
C GLN B 706 2.83 -9.71 -22.88
N ILE B 707 2.44 -9.10 -23.99
CA ILE B 707 3.29 -8.96 -25.17
C ILE B 707 3.61 -7.48 -25.34
N PRO B 708 4.88 -7.09 -25.40
CA PRO B 708 5.22 -5.68 -25.48
C PRO B 708 4.86 -5.07 -26.83
N ASN B 709 4.66 -3.76 -26.82
CA ASN B 709 4.46 -3.00 -28.05
C ASN B 709 5.81 -2.66 -28.66
N PHE B 710 5.96 -2.92 -29.96
CA PHE B 710 7.26 -2.77 -30.59
C PHE B 710 7.75 -1.33 -30.61
N LEU B 711 6.85 -0.36 -30.47
CA LEU B 711 7.28 1.04 -30.50
C LEU B 711 8.08 1.40 -29.25
N ASP B 712 7.57 1.03 -28.08
CA ASP B 712 8.26 1.30 -26.83
C ASP B 712 8.87 0.07 -26.18
N GLY B 713 8.67 -1.13 -26.76
CA GLY B 713 9.31 -2.32 -26.24
C GLY B 713 8.84 -2.76 -24.88
N MET B 714 7.70 -2.27 -24.42
CA MET B 714 7.23 -2.53 -23.07
C MET B 714 5.73 -2.71 -23.05
N THR B 715 5.27 -3.53 -22.11
CA THR B 715 3.86 -3.93 -22.05
C THR B 715 3.01 -2.82 -21.43
N ARG B 716 1.71 -3.11 -21.33
CA ARG B 716 0.78 -2.17 -20.70
C ARG B 716 1.15 -1.93 -19.25
N ALA B 717 1.52 -2.99 -18.52
CA ALA B 717 1.90 -2.83 -17.12
C ALA B 717 3.12 -1.94 -16.97
N ARG B 718 4.16 -2.17 -17.78
CA ARG B 718 5.41 -1.45 -17.59
C ARG B 718 5.30 -0.01 -18.10
N ARG B 719 4.54 0.22 -19.17
CA ARG B 719 4.32 1.60 -19.59
C ARG B 719 3.44 2.35 -18.59
N LYS B 720 2.48 1.66 -17.98
CA LYS B 720 1.71 2.26 -16.90
C LYS B 720 2.59 2.63 -15.72
N ILE B 721 3.51 1.73 -15.36
CA ILE B 721 4.44 2.00 -14.27
C ILE B 721 5.35 3.17 -14.60
N LEU B 722 5.82 3.24 -15.85
CA LEU B 722 6.69 4.34 -16.26
C LEU B 722 5.95 5.68 -16.20
N ALA B 723 4.70 5.72 -16.69
CA ALA B 723 3.93 6.95 -16.61
C ALA B 723 3.68 7.36 -15.16
N GLY B 724 3.34 6.39 -14.31
CA GLY B 724 3.15 6.68 -12.90
C GLY B 724 4.41 7.22 -12.25
N GLY B 725 5.56 6.64 -12.58
CA GLY B 725 6.81 7.12 -12.04
C GLY B 725 7.17 8.51 -12.53
N VAL B 726 6.90 8.78 -13.80
CA VAL B 726 7.16 10.12 -14.34
C VAL B 726 6.32 11.15 -13.60
N LYS B 727 5.03 10.84 -13.35
CA LYS B 727 4.19 11.77 -12.61
C LYS B 727 4.63 11.88 -11.15
N CYS B 728 5.04 10.77 -10.53
CA CYS B 728 5.32 10.78 -9.10
C CYS B 728 6.63 11.51 -8.79
N PHE B 729 7.68 11.22 -9.56
CA PHE B 729 9.00 11.76 -9.26
C PHE B 729 9.30 13.06 -10.01
N ALA B 730 8.31 13.61 -10.72
CA ALA B 730 8.54 14.88 -11.42
C ALA B 730 8.81 16.01 -10.44
N SER B 731 8.01 16.10 -9.38
CA SER B 731 8.19 17.17 -8.40
C SER B 731 9.49 16.98 -7.61
N ASN B 732 9.71 15.77 -7.11
CA ASN B 732 10.91 15.48 -6.33
C ASN B 732 11.31 14.03 -6.57
N ASN B 733 12.61 13.81 -6.75
CA ASN B 733 13.15 12.49 -7.02
C ASN B 733 13.49 11.72 -5.76
N ARG B 734 12.82 12.02 -4.65
CA ARG B 734 13.08 11.35 -3.38
C ARG B 734 12.75 9.87 -3.48
N GLU B 735 13.53 9.05 -2.78
CA GLU B 735 13.32 7.61 -2.78
C GLU B 735 11.94 7.27 -2.25
N ARG B 736 11.27 6.35 -2.93
CA ARG B 736 9.94 5.90 -2.54
C ARG B 736 9.95 4.38 -2.41
N LYS B 737 9.30 3.88 -1.36
CA LYS B 737 9.21 2.45 -1.17
C LYS B 737 8.42 1.81 -2.30
N VAL B 738 8.76 0.56 -2.61
CA VAL B 738 8.15 -0.12 -3.77
C VAL B 738 6.65 -0.27 -3.56
N PHE B 739 6.22 -0.63 -2.36
CA PHE B 739 4.78 -0.79 -2.12
C PHE B 739 4.07 0.56 -2.18
N GLN B 740 4.70 1.61 -1.65
CA GLN B 740 4.11 2.95 -1.74
C GLN B 740 4.00 3.40 -3.19
N PHE B 741 5.05 3.18 -3.98
CA PHE B 741 5.01 3.56 -5.38
C PHE B 741 3.98 2.76 -6.16
N GLY B 742 3.85 1.47 -5.84
CA GLY B 742 2.81 0.66 -6.47
C GLY B 742 1.42 1.13 -6.13
N GLY B 743 1.20 1.51 -4.86
CA GLY B 743 -0.08 2.09 -4.49
C GLY B 743 -0.36 3.38 -5.24
N TYR B 744 0.67 4.23 -5.38
CA TYR B 744 0.50 5.46 -6.13
C TYR B 744 0.14 5.18 -7.59
N VAL B 745 0.82 4.20 -8.20
CA VAL B 745 0.53 3.87 -9.60
C VAL B 745 -0.89 3.34 -9.74
N ALA B 746 -1.30 2.46 -8.84
CA ALA B 746 -2.66 1.92 -8.90
C ALA B 746 -3.70 3.02 -8.71
N ASP B 747 -3.42 3.97 -7.81
CA ASP B 747 -4.37 5.04 -7.56
C ASP B 747 -4.48 6.00 -8.74
N HIS B 748 -3.34 6.38 -9.33
CA HIS B 748 -3.34 7.42 -10.34
C HIS B 748 -3.47 6.90 -11.77
N MET B 749 -2.93 5.72 -12.05
CA MET B 749 -2.99 5.14 -13.38
C MET B 749 -4.11 4.12 -13.54
N PHE B 750 -4.93 3.95 -12.52
CA PHE B 750 -6.13 3.10 -12.59
C PHE B 750 -5.77 1.65 -12.92
N TYR B 751 -4.87 1.08 -12.13
CA TYR B 751 -4.51 -0.33 -12.25
C TYR B 751 -5.44 -1.11 -11.32
N HIS B 752 -6.38 -1.86 -11.91
CA HIS B 752 -7.45 -2.50 -11.17
C HIS B 752 -7.28 -4.02 -11.11
N HIS B 753 -6.04 -4.48 -10.92
CA HIS B 753 -5.76 -5.90 -10.82
C HIS B 753 -5.28 -6.30 -9.43
N GLY B 754 -4.31 -5.60 -8.88
CA GLY B 754 -3.77 -5.95 -7.57
C GLY B 754 -2.55 -5.12 -7.26
N ASP B 755 -1.76 -5.60 -6.31
CA ASP B 755 -0.50 -4.92 -6.00
C ASP B 755 0.65 -5.91 -5.86
N MET B 756 0.35 -7.21 -5.77
CA MET B 756 1.41 -8.21 -5.81
C MET B 756 2.12 -8.18 -7.16
N SER B 757 1.35 -8.30 -8.25
CA SER B 757 1.94 -8.30 -9.58
C SER B 757 2.54 -6.94 -9.92
N LEU B 758 1.90 -5.87 -9.47
CA LEU B 758 2.44 -4.54 -9.73
C LEU B 758 3.77 -4.33 -9.05
N ASN B 759 3.88 -4.73 -7.78
CA ASN B 759 5.15 -4.61 -7.07
C ASN B 759 6.21 -5.49 -7.70
N THR B 760 5.84 -6.70 -8.11
CA THR B 760 6.80 -7.58 -8.77
C THR B 760 7.30 -6.95 -10.08
N SER B 761 6.39 -6.35 -10.84
CA SER B 761 6.79 -5.70 -12.08
C SER B 761 7.69 -4.50 -11.83
N ILE B 762 7.40 -3.73 -10.78
CA ILE B 762 8.27 -2.59 -10.43
C ILE B 762 9.66 -3.09 -10.07
N ILE B 763 9.73 -4.16 -9.26
CA ILE B 763 11.03 -4.71 -8.87
C ILE B 763 11.79 -5.19 -10.09
N LYS B 764 11.12 -5.89 -11.01
CA LYS B 764 11.77 -6.37 -12.22
C LYS B 764 12.26 -5.21 -13.08
N ALA B 765 11.45 -4.14 -13.16
CA ALA B 765 11.84 -2.99 -13.97
C ALA B 765 13.05 -2.27 -13.39
N ALA B 766 13.15 -2.23 -12.05
CA ALA B 766 14.26 -1.54 -11.42
C ALA B 766 15.51 -2.41 -11.25
N GLN B 767 15.44 -3.70 -11.60
CA GLN B 767 16.59 -4.57 -11.46
C GLN B 767 17.66 -4.22 -12.49
N TYR B 768 18.93 -4.37 -12.08
CA TYR B 768 20.05 -4.11 -12.98
C TYR B 768 21.21 -4.98 -12.56
N TYR B 769 21.52 -5.99 -13.36
CA TYR B 769 22.66 -6.86 -13.15
C TYR B 769 23.02 -7.52 -14.47
N PRO B 770 24.23 -8.07 -14.60
CA PRO B 770 24.59 -8.76 -15.85
C PRO B 770 23.61 -9.88 -16.17
N GLY B 771 23.05 -9.83 -17.37
CA GLY B 771 22.05 -10.79 -17.79
C GLY B 771 20.63 -10.46 -17.38
N SER B 772 20.39 -9.30 -16.79
CA SER B 772 19.03 -8.92 -16.43
C SER B 772 18.22 -8.59 -17.68
N SER B 773 16.89 -8.65 -17.53
CA SER B 773 16.01 -8.40 -18.66
C SER B 773 16.13 -6.97 -19.16
N HIS B 774 16.27 -6.01 -18.25
CA HIS B 774 16.31 -4.59 -18.62
C HIS B 774 17.76 -4.14 -18.71
N LEU B 775 18.21 -3.89 -19.95
CA LEU B 775 19.55 -3.35 -20.15
C LEU B 775 19.63 -1.88 -19.76
N TYR B 776 18.53 -1.14 -19.95
CA TYR B 776 18.44 0.27 -19.54
C TYR B 776 17.18 0.43 -18.71
N PRO B 777 17.26 0.18 -17.40
CA PRO B 777 16.08 0.28 -16.55
C PRO B 777 15.58 1.72 -16.49
N VAL B 778 14.28 1.86 -16.21
CA VAL B 778 13.68 3.18 -16.03
C VAL B 778 13.78 3.68 -14.61
N PHE B 779 14.24 2.84 -13.68
CA PHE B 779 14.37 3.19 -12.29
C PHE B 779 15.77 2.83 -11.79
N ILE B 780 16.24 3.59 -10.81
CA ILE B 780 17.44 3.25 -10.06
C ILE B 780 17.00 2.77 -8.68
N GLY B 781 17.45 1.58 -8.30
CA GLY B 781 16.95 0.91 -7.12
C GLY B 781 17.88 1.05 -5.94
N ILE B 782 17.30 1.40 -4.79
CA ILE B 782 18.00 1.50 -3.53
C ILE B 782 17.54 0.34 -2.67
N GLY B 783 18.45 -0.59 -2.40
CA GLY B 783 18.15 -1.81 -1.68
C GLY B 783 18.78 -2.99 -2.37
N SER B 784 18.28 -4.18 -2.05
CA SER B 784 18.78 -5.43 -2.63
C SER B 784 17.74 -5.92 -3.64
N PHE B 785 18.01 -5.68 -4.92
CA PHE B 785 17.13 -6.09 -5.99
C PHE B 785 17.47 -7.45 -6.57
N GLY B 786 18.46 -8.14 -6.00
CA GLY B 786 18.82 -9.46 -6.50
C GLY B 786 19.99 -9.43 -7.46
N SER B 787 20.85 -10.44 -7.36
CA SER B 787 22.03 -10.54 -8.20
C SER B 787 21.76 -11.50 -9.35
N ARG B 788 22.75 -11.63 -10.23
CA ARG B 788 22.64 -12.55 -11.36
C ARG B 788 22.62 -14.01 -10.91
N HIS B 789 23.02 -14.30 -9.67
CA HIS B 789 23.14 -15.68 -9.23
C HIS B 789 21.77 -16.33 -9.04
N LEU B 790 20.81 -15.59 -8.49
CA LEU B 790 19.46 -16.13 -8.35
C LEU B 790 18.56 -15.73 -9.49
N GLY B 791 19.08 -15.04 -10.50
CA GLY B 791 18.25 -14.59 -11.61
C GLY B 791 17.20 -13.59 -11.19
N GLY B 792 17.52 -12.72 -10.23
CA GLY B 792 16.58 -11.74 -9.73
C GLY B 792 15.59 -12.27 -8.71
N LYS B 793 15.67 -13.54 -8.34
CA LYS B 793 14.76 -14.11 -7.36
C LYS B 793 15.14 -13.80 -5.92
N ASP B 794 16.34 -13.30 -5.68
CA ASP B 794 16.82 -13.01 -4.33
C ASP B 794 16.54 -11.57 -3.91
N ALA B 795 15.69 -10.87 -4.64
CA ALA B 795 15.33 -9.50 -4.27
C ALA B 795 14.58 -9.49 -2.95
N GLY B 796 14.76 -8.42 -2.19
CA GLY B 796 14.08 -8.28 -0.92
C GLY B 796 12.61 -7.96 -1.10
N SER B 797 11.91 -7.90 0.03
CA SER B 797 10.49 -7.61 0.00
C SER B 797 10.27 -6.17 -0.46
N PRO B 798 9.14 -5.91 -1.14
CA PRO B 798 8.87 -4.53 -1.59
C PRO B 798 8.72 -3.54 -0.45
N ARG B 799 8.46 -4.02 0.77
CA ARG B 799 8.23 -3.12 1.89
C ARG B 799 9.48 -2.34 2.26
N TYR B 800 10.65 -2.99 2.20
CA TYR B 800 11.90 -2.37 2.63
C TYR B 800 12.84 -2.09 1.45
N ILE B 801 12.28 -1.79 0.29
CA ILE B 801 13.05 -1.52 -0.91
C ILE B 801 12.56 -0.23 -1.54
N SER B 802 13.48 0.64 -1.93
CA SER B 802 13.14 1.95 -2.47
C SER B 802 13.55 2.05 -3.94
N VAL B 803 12.88 2.94 -4.66
CA VAL B 803 13.19 3.21 -6.06
C VAL B 803 13.23 4.71 -6.29
N GLN B 804 13.95 5.10 -7.32
CA GLN B 804 13.96 6.48 -7.80
C GLN B 804 13.86 6.46 -9.32
N LEU B 805 13.35 7.54 -9.87
CA LEU B 805 13.26 7.66 -11.33
C LEU B 805 14.61 8.09 -11.88
N ALA B 806 15.07 7.40 -12.92
CA ALA B 806 16.27 7.81 -13.64
C ALA B 806 15.90 9.03 -14.47
N SER B 807 15.86 10.18 -13.79
CA SER B 807 15.23 11.37 -14.36
C SER B 807 15.91 11.82 -15.64
N GLU B 808 17.24 11.85 -15.65
CA GLU B 808 17.97 12.32 -16.82
C GLU B 808 17.87 11.32 -17.98
N PHE B 809 17.99 10.02 -17.69
CA PHE B 809 17.86 9.03 -18.75
C PHE B 809 16.47 9.05 -19.36
N ILE B 810 15.44 9.12 -18.52
CA ILE B 810 14.06 9.15 -19.03
C ILE B 810 13.80 10.45 -19.80
N LYS B 811 14.25 11.59 -19.26
CA LYS B 811 14.00 12.86 -19.91
C LYS B 811 14.76 12.99 -21.22
N THR B 812 15.89 12.30 -21.37
CA THR B 812 16.58 12.28 -22.66
C THR B 812 16.06 11.18 -23.59
N MET B 813 15.33 10.21 -23.06
CA MET B 813 14.86 9.08 -23.84
C MET B 813 13.37 9.16 -24.12
N PHE B 814 12.58 9.70 -23.19
CA PHE B 814 11.15 9.95 -23.37
C PHE B 814 10.90 11.43 -23.10
N PRO B 815 11.06 12.29 -24.11
CA PRO B 815 10.81 13.72 -23.91
C PRO B 815 9.36 14.01 -23.53
N ALA B 816 9.18 15.00 -22.66
CA ALA B 816 7.83 15.36 -22.22
C ALA B 816 7.02 15.97 -23.36
N GLU B 817 7.66 16.79 -24.20
CA GLU B 817 6.95 17.37 -25.34
C GLU B 817 6.42 16.29 -26.27
N ASP B 818 7.14 15.17 -26.39
CA ASP B 818 6.60 14.03 -27.11
C ASP B 818 5.41 13.43 -26.40
N SER B 819 5.51 13.33 -25.07
CA SER B 819 4.40 12.76 -24.26
C SER B 819 3.12 13.56 -24.51
N TRP B 820 3.23 14.89 -24.64
CA TRP B 820 2.03 15.71 -24.80
C TRP B 820 1.24 15.29 -26.04
N LEU B 821 1.91 14.78 -27.06
CA LEU B 821 1.28 14.50 -28.34
C LEU B 821 1.00 13.03 -28.58
N LEU B 822 1.27 12.15 -27.61
CA LEU B 822 1.00 10.75 -27.78
C LEU B 822 -0.50 10.48 -27.66
N PRO B 823 -1.01 9.43 -28.32
CA PRO B 823 -2.37 8.96 -28.01
C PRO B 823 -2.42 8.37 -26.62
N TYR B 824 -3.57 8.53 -25.98
CA TYR B 824 -3.70 8.18 -24.57
C TYR B 824 -4.83 7.19 -24.37
N VAL B 825 -4.70 6.39 -23.31
CA VAL B 825 -5.73 5.45 -22.90
C VAL B 825 -6.61 6.13 -21.85
N PHE B 826 -7.92 6.08 -22.07
CA PHE B 826 -8.89 6.69 -21.16
C PHE B 826 -9.63 5.57 -20.43
N GLU B 827 -9.58 5.60 -19.11
CA GLU B 827 -10.27 4.62 -18.27
C GLU B 827 -11.43 5.31 -17.59
N ASP B 828 -12.65 4.87 -17.92
CA ASP B 828 -13.88 5.44 -17.36
C ASP B 828 -13.94 6.95 -17.59
N GLY B 829 -13.51 7.38 -18.77
CA GLY B 829 -13.54 8.78 -19.13
C GLY B 829 -12.44 9.62 -18.55
N GLN B 830 -11.49 9.02 -17.83
CA GLN B 830 -10.38 9.74 -17.23
C GLN B 830 -9.07 9.32 -17.88
N ARG B 831 -8.20 10.29 -18.12
CA ARG B 831 -6.94 10.02 -18.78
C ARG B 831 -6.04 9.13 -17.92
N ALA B 832 -5.26 8.29 -18.59
CA ALA B 832 -4.41 7.31 -17.93
C ALA B 832 -3.07 7.31 -18.66
N GLU B 833 -2.28 6.26 -18.48
CA GLU B 833 -0.99 6.18 -19.13
C GLU B 833 -1.16 6.20 -20.65
N PRO B 834 -0.15 6.69 -21.39
CA PRO B 834 -0.30 6.79 -22.84
C PRO B 834 -0.53 5.44 -23.49
N GLU B 835 -1.19 5.47 -24.65
CA GLU B 835 -1.42 4.23 -25.39
C GLU B 835 -0.10 3.56 -25.76
N TYR B 836 0.88 4.36 -26.18
CA TYR B 836 2.23 3.86 -26.39
C TYR B 836 3.18 5.05 -26.36
N TYR B 837 4.42 4.78 -25.92
CA TYR B 837 5.49 5.77 -25.98
C TYR B 837 6.26 5.59 -27.28
N VAL B 838 6.85 6.67 -27.76
CA VAL B 838 7.69 6.66 -28.95
C VAL B 838 9.05 7.24 -28.56
N PRO B 839 9.95 6.40 -28.08
CA PRO B 839 11.26 6.88 -27.61
C PRO B 839 12.15 7.26 -28.78
N VAL B 840 13.23 7.97 -28.46
CA VAL B 840 14.18 8.38 -29.50
C VAL B 840 14.99 7.20 -30.02
N LEU B 841 15.04 6.10 -29.28
CA LEU B 841 15.70 4.88 -29.71
C LEU B 841 14.81 3.69 -29.40
N PRO B 842 14.84 2.65 -30.24
CA PRO B 842 13.90 1.52 -30.05
C PRO B 842 14.24 0.65 -28.85
N LEU B 843 13.37 0.63 -27.86
CA LEU B 843 13.59 -0.24 -26.70
C LEU B 843 13.33 -1.70 -27.01
N ALA B 844 12.44 -2.00 -27.96
CA ALA B 844 12.12 -3.38 -28.29
C ALA B 844 13.34 -4.15 -28.80
N ILE B 845 14.35 -3.43 -29.29
CA ILE B 845 15.57 -4.06 -29.78
C ILE B 845 16.67 -4.07 -28.73
N MET B 846 16.54 -3.29 -27.66
CA MET B 846 17.63 -3.03 -26.73
C MET B 846 17.47 -3.76 -25.40
N GLU B 847 16.51 -4.68 -25.28
CA GLU B 847 16.24 -5.32 -24.00
C GLU B 847 16.15 -6.83 -24.21
N TYR B 848 16.02 -7.54 -23.09
CA TYR B 848 15.81 -8.98 -23.09
C TYR B 848 14.40 -9.28 -22.59
N GLY B 849 13.90 -10.46 -22.97
CA GLY B 849 12.59 -10.89 -22.53
C GLY B 849 12.25 -12.28 -23.02
N ALA B 850 11.49 -13.04 -22.22
CA ALA B 850 11.04 -14.36 -22.64
C ALA B 850 9.73 -14.64 -21.92
N ASN B 851 8.62 -14.40 -22.61
CA ASN B 851 7.29 -14.50 -22.00
C ASN B 851 6.33 -15.26 -22.91
N PRO B 852 5.59 -16.24 -22.39
CA PRO B 852 4.47 -16.79 -23.13
C PRO B 852 3.24 -15.93 -22.95
N SER B 853 2.37 -15.93 -23.96
CA SER B 853 1.09 -15.22 -23.84
C SER B 853 0.10 -15.85 -24.83
N GLU B 854 -0.74 -16.74 -24.31
CA GLU B 854 -2.00 -17.18 -24.95
C GLU B 854 -1.88 -17.29 -26.46
N GLY B 855 -0.89 -18.05 -26.91
CA GLY B 855 -0.76 -18.29 -28.34
C GLY B 855 0.55 -17.87 -28.95
N TRP B 856 1.19 -16.84 -28.39
CA TRP B 856 2.44 -16.34 -28.93
C TRP B 856 3.49 -16.23 -27.84
N LYS B 857 4.72 -16.60 -28.18
CA LYS B 857 5.85 -16.43 -27.28
C LYS B 857 6.66 -15.22 -27.74
N TYR B 858 7.21 -14.50 -26.78
CA TYR B 858 8.00 -13.30 -27.04
C TYR B 858 9.38 -13.51 -26.45
N THR B 859 10.39 -13.62 -27.33
CA THR B 859 11.78 -13.71 -26.91
C THR B 859 12.60 -12.71 -27.71
N THR B 860 13.38 -11.90 -27.01
CA THR B 860 14.19 -10.87 -27.65
C THR B 860 15.56 -10.82 -26.99
N TRP B 861 16.59 -10.75 -27.81
CA TRP B 861 17.96 -10.59 -27.35
C TRP B 861 18.47 -9.23 -27.78
N ALA B 862 18.95 -8.45 -26.81
CA ALA B 862 19.29 -7.05 -27.05
C ALA B 862 20.41 -6.93 -28.08
N ARG B 863 20.32 -5.91 -28.92
CA ARG B 863 21.36 -5.62 -29.87
C ARG B 863 22.33 -4.58 -29.30
N GLN B 864 23.52 -4.50 -29.89
CA GLN B 864 24.54 -3.58 -29.43
C GLN B 864 24.09 -2.14 -29.61
N LEU B 865 24.49 -1.28 -28.67
CA LEU B 865 24.25 0.16 -28.81
C LEU B 865 25.41 0.83 -29.52
N GLU B 866 25.83 0.22 -30.61
CA GLU B 866 26.71 0.82 -31.61
C GLU B 866 26.19 0.59 -33.01
N ASP B 867 25.60 -0.57 -33.28
CA ASP B 867 24.98 -0.83 -34.57
C ASP B 867 23.66 -0.09 -34.70
N ILE B 868 22.86 -0.08 -33.63
CA ILE B 868 21.59 0.62 -33.66
C ILE B 868 21.81 2.12 -33.82
N LEU B 869 22.78 2.67 -33.09
CA LEU B 869 23.09 4.08 -33.23
C LEU B 869 23.56 4.40 -34.64
N ALA B 870 24.39 3.54 -35.22
CA ALA B 870 24.84 3.75 -36.59
C ALA B 870 23.68 3.75 -37.56
N LEU B 871 22.77 2.78 -37.42
CA LEU B 871 21.61 2.71 -38.31
C LEU B 871 20.74 3.95 -38.18
N VAL B 872 20.40 4.34 -36.96
CA VAL B 872 19.50 5.47 -36.77
C VAL B 872 20.16 6.76 -37.26
N ARG B 873 21.45 6.95 -36.95
CA ARG B 873 22.13 8.15 -37.41
C ARG B 873 22.22 8.20 -38.93
N ALA B 874 22.50 7.06 -39.57
CA ALA B 874 22.54 7.03 -41.03
C ALA B 874 21.18 7.33 -41.61
N TYR B 875 20.11 6.88 -40.96
CA TYR B 875 18.77 7.20 -41.43
C TYR B 875 18.46 8.68 -41.28
N VAL B 876 18.90 9.29 -40.18
CA VAL B 876 18.53 10.68 -39.89
C VAL B 876 19.53 11.66 -40.47
N ASP B 877 20.82 11.44 -40.25
CA ASP B 877 21.83 12.39 -40.71
C ASP B 877 22.03 12.27 -42.21
N LYS B 878 21.80 13.36 -42.93
CA LYS B 878 22.04 13.37 -44.37
C LYS B 878 23.52 13.41 -44.71
N ASP B 879 24.36 13.87 -43.79
CA ASP B 879 25.80 13.89 -44.02
C ASP B 879 26.42 12.50 -43.89
N ASN B 880 25.68 11.53 -43.38
CA ASN B 880 26.21 10.17 -43.27
C ASN B 880 26.42 9.60 -44.67
N PRO B 881 27.57 9.00 -44.96
CA PRO B 881 27.81 8.47 -46.32
C PRO B 881 26.86 7.36 -46.71
N LYS B 882 26.23 6.68 -45.76
CA LYS B 882 25.31 5.60 -46.05
C LYS B 882 23.85 6.01 -45.97
N HIS B 883 23.57 7.32 -45.93
CA HIS B 883 22.20 7.79 -45.79
C HIS B 883 21.34 7.36 -46.98
N GLU B 884 21.80 7.65 -48.20
CA GLU B 884 21.04 7.24 -49.39
C GLU B 884 20.99 5.73 -49.52
N LEU B 885 22.10 5.05 -49.22
CA LEU B 885 22.11 3.59 -49.24
C LEU B 885 21.14 3.02 -48.22
N LEU B 886 21.07 3.62 -47.03
CA LEU B 886 20.14 3.13 -46.02
C LEU B 886 18.70 3.37 -46.44
N HIS B 887 18.40 4.51 -47.07
CA HIS B 887 17.05 4.74 -47.54
C HIS B 887 16.66 3.76 -48.64
N TYR B 888 17.60 3.45 -49.54
CA TYR B 888 17.35 2.43 -50.55
C TYR B 888 17.11 1.07 -49.90
N ALA B 889 17.87 0.77 -48.84
CA ALA B 889 17.66 -0.47 -48.09
C ALA B 889 16.27 -0.50 -47.46
N ILE B 890 15.82 0.62 -46.92
CA ILE B 890 14.45 0.72 -46.42
C ILE B 890 13.47 0.42 -47.54
N LYS B 891 13.75 0.92 -48.75
CA LYS B 891 12.86 0.69 -49.87
C LYS B 891 12.79 -0.79 -50.25
N HIS B 892 13.94 -1.49 -50.27
CA HIS B 892 13.99 -2.84 -50.81
C HIS B 892 14.56 -3.87 -49.84
N LYS B 893 14.63 -3.54 -48.54
CA LYS B 893 14.94 -4.51 -47.49
C LYS B 893 16.30 -5.19 -47.70
N ILE B 894 17.29 -4.40 -48.12
CA ILE B 894 18.65 -4.94 -48.27
C ILE B 894 19.27 -5.22 -46.92
N THR B 895 19.09 -4.30 -45.96
CA THR B 895 19.72 -4.37 -44.64
C THR B 895 21.25 -4.44 -44.77
N ILE B 896 21.81 -3.36 -45.31
CA ILE B 896 23.24 -3.34 -45.61
C ILE B 896 24.07 -3.33 -44.32
N LEU B 897 23.65 -2.55 -43.32
CA LEU B 897 24.43 -2.46 -42.10
C LEU B 897 24.09 -3.61 -41.15
N PRO B 898 25.03 -4.01 -40.30
CA PRO B 898 24.80 -5.16 -39.42
C PRO B 898 24.12 -4.79 -38.11
N LEU B 899 23.41 -5.76 -37.55
CA LEU B 899 22.86 -5.70 -36.21
C LEU B 899 23.35 -6.92 -35.45
N ARG B 900 24.01 -6.69 -34.31
CA ARG B 900 24.65 -7.78 -33.59
C ARG B 900 24.20 -7.76 -32.13
N PRO B 901 24.19 -8.92 -31.48
CA PRO B 901 23.81 -8.96 -30.06
C PRO B 901 24.77 -8.16 -29.19
N SER B 902 24.24 -7.61 -28.11
CA SER B 902 25.03 -6.77 -27.23
C SER B 902 26.08 -7.61 -26.49
N ASN B 903 27.29 -7.07 -26.39
CA ASN B 903 28.36 -7.68 -25.64
C ASN B 903 28.51 -7.11 -24.24
N TYR B 904 27.68 -6.14 -23.86
CA TYR B 904 27.85 -5.47 -22.58
C TYR B 904 27.54 -6.44 -21.44
N ASN B 905 28.38 -6.38 -20.39
CA ASN B 905 28.29 -7.28 -19.25
C ASN B 905 28.33 -8.74 -19.68
N PHE B 906 29.16 -9.03 -20.68
CA PHE B 906 29.32 -10.40 -21.17
C PHE B 906 30.78 -10.58 -21.56
N LYS B 907 31.51 -11.37 -20.79
CA LYS B 907 32.91 -11.63 -21.08
C LYS B 907 33.11 -12.77 -22.08
N GLY B 908 32.04 -13.43 -22.50
CA GLY B 908 32.13 -14.45 -23.52
C GLY B 908 32.16 -13.84 -24.91
N HIS B 909 31.97 -14.71 -25.90
CA HIS B 909 32.00 -14.30 -27.30
C HIS B 909 30.80 -14.88 -28.04
N LEU B 910 30.20 -14.05 -28.89
CA LEU B 910 29.08 -14.46 -29.72
C LEU B 910 29.58 -14.99 -31.05
N LYS B 911 28.94 -16.04 -31.54
CA LYS B 911 29.26 -16.60 -32.85
C LYS B 911 27.96 -16.82 -33.62
N ARG B 912 28.06 -16.78 -34.94
CA ARG B 912 26.91 -17.01 -35.81
C ARG B 912 27.16 -18.22 -36.70
N PHE B 913 26.24 -19.17 -36.67
CA PHE B 913 26.31 -20.35 -37.52
C PHE B 913 24.96 -20.54 -38.18
N GLY B 914 24.96 -20.74 -39.50
CA GLY B 914 23.73 -20.84 -40.25
C GLY B 914 22.89 -19.59 -40.11
N GLN B 915 21.79 -19.68 -39.37
CA GLN B 915 20.92 -18.54 -39.10
C GLN B 915 20.70 -18.36 -37.61
N TYR B 916 21.66 -18.80 -36.79
CA TYR B 916 21.48 -18.75 -35.35
C TYR B 916 22.75 -18.22 -34.68
N TYR B 917 22.54 -17.51 -33.58
CA TYR B 917 23.62 -16.98 -32.77
C TYR B 917 23.79 -17.83 -31.51
N TYR B 918 25.04 -18.04 -31.12
CA TYR B 918 25.40 -18.80 -29.94
C TYR B 918 26.30 -17.96 -29.06
N SER B 919 26.00 -17.97 -27.76
CA SER B 919 26.82 -17.30 -26.75
C SER B 919 27.58 -18.36 -25.96
N TYR B 920 28.89 -18.15 -25.83
CA TYR B 920 29.78 -19.12 -25.20
C TYR B 920 30.37 -18.52 -23.93
N GLY B 921 30.37 -19.29 -22.86
CA GLY B 921 31.16 -18.95 -21.70
C GLY B 921 32.63 -19.31 -21.93
N THR B 922 33.49 -18.74 -21.09
CA THR B 922 34.93 -18.97 -21.19
C THR B 922 35.40 -19.78 -19.99
N TYR B 923 36.38 -20.65 -20.23
CA TYR B 923 36.89 -21.54 -19.20
C TYR B 923 38.42 -21.58 -19.26
N ASP B 924 39.03 -21.89 -18.12
CA ASP B 924 40.47 -22.03 -18.01
C ASP B 924 40.79 -23.45 -17.55
N ILE B 925 41.74 -24.08 -18.22
CA ILE B 925 42.16 -25.44 -17.90
C ILE B 925 43.56 -25.40 -17.30
N SER B 926 43.72 -25.96 -16.12
CA SER B 926 45.00 -26.10 -15.44
C SER B 926 45.31 -27.59 -15.35
N GLU B 927 46.03 -28.11 -16.34
CA GLU B 927 46.29 -29.55 -16.40
C GLU B 927 47.11 -30.02 -15.21
N GLN B 928 48.14 -29.26 -14.83
CA GLN B 928 48.96 -29.64 -13.69
C GLN B 928 48.17 -29.56 -12.39
N ARG B 929 47.20 -28.65 -12.31
CA ARG B 929 46.35 -28.52 -11.13
C ARG B 929 45.08 -29.36 -11.23
N ASN B 930 44.70 -29.76 -12.45
CA ASN B 930 43.53 -30.62 -12.70
C ASN B 930 42.25 -29.99 -12.19
N ILE B 931 42.14 -28.67 -12.28
CA ILE B 931 40.93 -27.94 -11.92
C ILE B 931 40.50 -27.12 -13.13
N ILE B 932 39.23 -27.21 -13.50
CA ILE B 932 38.67 -26.45 -14.60
C ILE B 932 38.01 -25.21 -14.01
N THR B 933 38.49 -24.03 -14.42
CA THR B 933 37.98 -22.77 -13.91
C THR B 933 37.11 -22.14 -14.99
N ILE B 934 35.85 -21.86 -14.66
CA ILE B 934 34.94 -21.17 -15.56
C ILE B 934 34.66 -19.79 -14.98
N THR B 935 34.88 -18.76 -15.80
CA THR B 935 34.77 -17.37 -15.36
C THR B 935 33.62 -16.62 -16.02
N GLU B 936 33.05 -17.14 -17.10
CA GLU B 936 31.91 -16.52 -17.74
C GLU B 936 31.00 -17.60 -18.30
N LEU B 937 29.73 -17.53 -17.96
CA LEU B 937 28.72 -18.46 -18.42
C LEU B 937 27.93 -17.84 -19.56
N PRO B 938 27.04 -18.61 -20.21
CA PRO B 938 26.19 -18.04 -21.26
C PRO B 938 25.38 -16.82 -20.82
N LEU B 939 24.72 -16.18 -21.80
CA LEU B 939 24.21 -14.82 -21.61
C LEU B 939 23.27 -14.71 -20.42
N ARG B 940 22.24 -15.57 -20.36
CA ARG B 940 21.16 -15.37 -19.42
C ARG B 940 20.98 -16.54 -18.45
N VAL B 941 22.00 -17.38 -18.31
CA VAL B 941 21.88 -18.50 -17.36
C VAL B 941 21.98 -17.96 -15.94
N PRO B 942 21.19 -18.48 -15.00
CA PRO B 942 21.18 -17.90 -13.64
C PRO B 942 22.46 -18.13 -12.86
N THR B 943 23.38 -18.96 -13.35
CA THR B 943 24.71 -19.19 -12.78
C THR B 943 24.64 -19.94 -11.45
N VAL B 944 23.43 -20.21 -10.95
CA VAL B 944 23.23 -21.10 -9.81
C VAL B 944 22.35 -22.29 -10.19
N ALA B 945 21.29 -22.06 -10.96
CA ALA B 945 20.61 -23.17 -11.60
C ALA B 945 21.52 -23.90 -12.58
N TYR B 946 22.56 -23.22 -13.06
CA TYR B 946 23.52 -23.86 -13.96
C TYR B 946 24.26 -24.99 -13.25
N ILE B 947 24.74 -24.74 -12.03
CA ILE B 947 25.47 -25.79 -11.32
C ILE B 947 24.53 -26.91 -10.90
N GLU B 948 23.26 -26.59 -10.64
CA GLU B 948 22.27 -27.64 -10.39
C GLU B 948 22.07 -28.50 -11.63
N SER B 949 22.02 -27.87 -12.80
CA SER B 949 21.91 -28.63 -14.04
C SER B 949 23.15 -29.50 -14.27
N ILE B 950 24.33 -28.98 -13.94
CA ILE B 950 25.55 -29.75 -14.17
C ILE B 950 25.75 -30.80 -13.08
N LYS B 951 25.13 -30.64 -11.92
CA LYS B 951 25.18 -31.66 -10.87
C LYS B 951 24.13 -32.74 -11.05
N LYS B 952 23.16 -32.53 -11.93
CA LYS B 952 22.08 -33.47 -12.15
C LYS B 952 22.24 -34.28 -13.44
N SER B 953 23.18 -33.87 -14.29
CA SER B 953 23.48 -34.70 -15.50
C SER B 953 24.23 -35.94 -15.02
N SER B 954 23.67 -37.14 -15.21
CA SER B 954 24.26 -38.35 -14.67
C SER B 954 25.67 -38.66 -15.08
N ASN B 955 25.97 -38.63 -16.37
CA ASN B 955 27.34 -38.94 -16.73
C ASN B 955 28.27 -37.73 -16.62
N ARG B 956 27.74 -36.52 -16.75
CA ARG B 956 28.58 -35.34 -16.59
C ARG B 956 29.16 -35.25 -15.19
N MET B 957 28.39 -35.65 -14.18
CA MET B 957 28.88 -35.64 -12.81
C MET B 957 29.88 -36.75 -12.53
N THR B 958 29.85 -37.84 -13.31
CA THR B 958 30.77 -38.94 -13.09
C THR B 958 32.22 -38.53 -13.32
N PHE B 959 32.46 -37.71 -14.36
CA PHE B 959 33.81 -37.28 -14.67
C PHE B 959 34.38 -36.27 -13.68
N ILE B 960 33.56 -35.74 -12.78
CA ILE B 960 33.99 -34.69 -11.87
C ILE B 960 33.76 -35.13 -10.43
N GLU B 961 34.42 -34.43 -9.52
CA GLU B 961 34.35 -34.74 -8.10
C GLU B 961 33.65 -33.64 -7.30
N GLU B 962 34.08 -32.39 -7.47
CA GLU B 962 33.55 -31.29 -6.68
C GLU B 962 33.34 -30.07 -7.55
N ILE B 963 32.34 -29.26 -7.19
CA ILE B 963 32.09 -27.98 -7.84
C ILE B 963 31.96 -26.94 -6.75
N ILE B 964 32.81 -25.92 -6.78
CA ILE B 964 32.79 -24.85 -5.78
C ILE B 964 32.55 -23.53 -6.50
N ASP B 965 31.67 -22.70 -5.93
CA ASP B 965 31.30 -21.42 -6.51
C ASP B 965 31.94 -20.32 -5.68
N TYR B 966 33.04 -19.77 -6.18
CA TYR B 966 33.73 -18.65 -5.54
C TYR B 966 33.30 -17.32 -6.15
N SER B 967 32.28 -17.31 -7.00
CA SER B 967 31.86 -16.08 -7.65
C SER B 967 31.23 -15.13 -6.66
N SER B 968 31.66 -13.87 -6.70
CA SER B 968 31.02 -12.82 -5.93
C SER B 968 29.93 -12.18 -6.80
N SER B 969 29.38 -11.06 -6.34
CA SER B 969 28.37 -10.36 -7.11
C SER B 969 28.98 -9.78 -8.40
N GLU B 970 28.21 -9.83 -9.47
CA GLU B 970 28.50 -9.24 -10.78
C GLU B 970 29.57 -10.01 -11.55
N THR B 971 30.21 -11.00 -10.93
CA THR B 971 31.26 -11.77 -11.60
C THR B 971 31.02 -13.25 -11.39
N ILE B 972 31.62 -14.06 -12.24
CA ILE B 972 31.49 -15.51 -12.21
C ILE B 972 32.88 -16.12 -12.05
N GLU B 973 33.01 -17.03 -11.08
CA GLU B 973 34.27 -17.73 -10.85
C GLU B 973 33.93 -19.05 -10.17
N ILE B 974 33.91 -20.13 -10.95
CA ILE B 974 33.54 -21.45 -10.46
C ILE B 974 34.66 -22.43 -10.76
N LEU B 975 35.07 -23.20 -9.75
CA LEU B 975 36.10 -24.20 -9.89
C LEU B 975 35.47 -25.59 -9.90
N VAL B 976 35.95 -26.43 -10.81
CA VAL B 976 35.47 -27.80 -10.94
C VAL B 976 36.68 -28.72 -10.77
N LYS B 977 36.65 -29.53 -9.71
CA LYS B 977 37.66 -30.55 -9.46
C LYS B 977 37.14 -31.87 -10.01
N LEU B 978 37.88 -32.44 -10.96
CA LEU B 978 37.46 -33.64 -11.67
C LEU B 978 38.46 -34.77 -11.42
N LYS B 979 38.13 -35.95 -11.96
CA LYS B 979 38.97 -37.11 -11.75
C LYS B 979 40.32 -36.93 -12.44
N PRO B 980 41.41 -37.45 -11.84
CA PRO B 980 42.73 -37.24 -12.45
C PRO B 980 42.88 -37.79 -13.84
N ASN B 981 42.25 -38.93 -14.14
CA ASN B 981 42.37 -39.55 -15.45
C ASN B 981 41.25 -39.20 -16.41
N SER B 982 40.31 -38.34 -15.99
CA SER B 982 39.14 -38.04 -16.83
C SER B 982 39.40 -36.93 -17.82
N LEU B 983 40.45 -36.14 -17.63
CA LEU B 983 40.64 -34.92 -18.42
C LEU B 983 40.71 -35.23 -19.91
N ASN B 984 41.45 -36.27 -20.28
CA ASN B 984 41.47 -36.69 -21.67
C ASN B 984 40.19 -37.44 -22.04
N ARG B 985 39.66 -38.23 -21.10
CA ARG B 985 38.50 -39.06 -21.41
C ARG B 985 37.30 -38.22 -21.81
N ILE B 986 37.12 -37.06 -21.17
CA ILE B 986 36.04 -36.15 -21.55
C ILE B 986 36.16 -35.78 -23.02
N VAL B 987 37.40 -35.53 -23.48
CA VAL B 987 37.61 -35.22 -24.89
C VAL B 987 37.14 -36.39 -25.76
N GLU B 988 37.39 -37.61 -25.31
CA GLU B 988 36.90 -38.78 -26.03
C GLU B 988 35.42 -39.01 -25.80
N GLU B 989 34.86 -38.48 -24.72
CA GLU B 989 33.47 -38.76 -24.38
C GLU B 989 32.49 -37.97 -25.25
N PHE B 990 32.80 -36.71 -25.53
CA PHE B 990 31.82 -35.79 -26.09
C PHE B 990 32.01 -35.46 -27.57
N LYS B 991 33.19 -35.71 -28.13
CA LYS B 991 33.42 -35.58 -29.57
C LYS B 991 33.10 -34.17 -30.06
N GLU B 992 33.93 -33.23 -29.63
CA GLU B 992 33.74 -31.81 -29.94
C GLU B 992 33.49 -31.59 -31.42
N THR B 993 32.68 -30.57 -31.71
CA THR B 993 32.37 -30.17 -33.08
C THR B 993 33.10 -28.88 -33.41
N GLU B 994 32.86 -28.36 -34.62
CA GLU B 994 33.52 -27.15 -35.05
C GLU B 994 32.96 -25.89 -34.39
N GLU B 995 31.75 -25.95 -33.83
CA GLU B 995 31.16 -24.79 -33.19
C GLU B 995 31.36 -24.76 -31.68
N GLN B 996 31.47 -25.91 -31.02
CA GLN B 996 31.69 -25.98 -29.59
C GLN B 996 32.79 -26.96 -29.28
N ASP B 997 33.60 -26.63 -28.27
CA ASP B 997 34.70 -27.49 -27.86
C ASP B 997 34.18 -28.65 -27.02
N SER B 998 35.09 -29.57 -26.68
CA SER B 998 34.73 -30.71 -25.84
C SER B 998 34.40 -30.24 -24.42
N ILE B 999 35.16 -29.28 -23.90
CA ILE B 999 34.89 -28.76 -22.57
C ILE B 999 33.59 -27.96 -22.56
N GLU B 1000 33.34 -27.21 -23.63
CA GLU B 1000 32.09 -26.46 -23.72
C GLU B 1000 30.89 -27.39 -23.78
N ASN B 1001 31.00 -28.48 -24.55
CA ASN B 1001 29.94 -29.48 -24.58
C ASN B 1001 29.76 -30.13 -23.21
N PHE B 1002 30.87 -30.44 -22.54
CA PHE B 1002 30.82 -31.11 -21.25
C PHE B 1002 30.18 -30.22 -20.18
N LEU B 1003 30.48 -28.92 -20.20
CA LEU B 1003 30.01 -28.00 -19.19
C LEU B 1003 28.80 -27.19 -19.64
N ARG B 1004 28.24 -27.48 -20.81
CA ARG B 1004 27.07 -26.77 -21.34
C ARG B 1004 27.33 -25.26 -21.41
N LEU B 1005 28.48 -24.88 -21.94
CA LEU B 1005 28.86 -23.47 -21.99
C LEU B 1005 28.35 -22.77 -23.24
N ARG B 1006 27.68 -23.48 -24.14
CA ARG B 1006 27.12 -22.87 -25.35
C ARG B 1006 25.62 -22.70 -25.18
N ASN B 1007 25.10 -21.55 -25.61
CA ASN B 1007 23.68 -21.24 -25.54
C ASN B 1007 23.25 -20.70 -26.89
N CYS B 1008 22.37 -21.44 -27.56
CA CYS B 1008 21.76 -20.94 -28.79
C CYS B 1008 20.64 -19.97 -28.43
N LEU B 1009 20.74 -18.74 -28.91
CA LEU B 1009 19.77 -17.70 -28.56
C LEU B 1009 18.72 -17.63 -29.66
N HIS B 1010 17.46 -17.88 -29.28
CA HIS B 1010 16.34 -17.84 -30.20
C HIS B 1010 15.53 -16.58 -29.95
N SER B 1011 14.96 -16.03 -31.02
CA SER B 1011 14.17 -14.81 -30.93
C SER B 1011 12.79 -15.07 -31.53
N HIS B 1012 11.76 -14.82 -30.75
CA HIS B 1012 10.37 -14.86 -31.22
C HIS B 1012 9.88 -13.41 -31.21
N LEU B 1013 10.05 -12.73 -32.33
CA LEU B 1013 9.75 -11.31 -32.44
C LEU B 1013 8.25 -11.13 -32.67
N ASN B 1014 7.50 -11.26 -31.59
CA ASN B 1014 6.05 -11.07 -31.60
C ASN B 1014 5.72 -9.88 -30.71
N PHE B 1015 5.09 -8.87 -31.29
CA PHE B 1015 4.73 -7.65 -30.57
C PHE B 1015 3.27 -7.34 -30.83
N VAL B 1016 2.77 -6.29 -30.18
CA VAL B 1016 1.40 -5.83 -30.35
C VAL B 1016 1.42 -4.52 -31.11
N LYS B 1017 0.52 -4.38 -32.07
CA LYS B 1017 0.43 -3.15 -32.85
C LYS B 1017 -0.13 -2.03 -32.00
N PRO B 1018 0.12 -0.77 -32.39
CA PRO B 1018 -0.51 0.34 -31.68
C PRO B 1018 -2.03 0.28 -31.70
N LYS B 1019 -2.63 -0.23 -32.76
CA LYS B 1019 -4.08 -0.39 -32.79
C LYS B 1019 -4.55 -1.39 -31.73
N GLY B 1020 -3.83 -2.49 -31.57
CA GLY B 1020 -4.17 -3.46 -30.55
C GLY B 1020 -4.02 -4.90 -30.97
N GLY B 1021 -3.67 -5.12 -32.24
CA GLY B 1021 -3.52 -6.46 -32.77
C GLY B 1021 -2.18 -7.08 -32.42
N ILE B 1022 -1.86 -8.15 -33.14
CA ILE B 1022 -0.58 -8.85 -33.00
C ILE B 1022 0.19 -8.68 -34.30
N ILE B 1023 1.51 -8.59 -34.20
CA ILE B 1023 2.38 -8.44 -35.35
C ILE B 1023 3.62 -9.29 -35.13
N GLU B 1024 4.11 -9.93 -36.18
CA GLU B 1024 5.27 -10.81 -36.12
C GLU B 1024 6.33 -10.32 -37.08
N PHE B 1025 7.57 -10.21 -36.59
CA PHE B 1025 8.69 -9.74 -37.38
C PHE B 1025 9.68 -10.88 -37.59
N ASN B 1026 10.20 -10.98 -38.82
CA ASN B 1026 11.18 -12.02 -39.12
C ASN B 1026 12.58 -11.64 -38.64
N SER B 1027 12.85 -10.35 -38.47
CA SER B 1027 14.18 -9.91 -38.06
C SER B 1027 14.06 -8.60 -37.30
N TYR B 1028 15.16 -8.21 -36.66
CA TYR B 1028 15.18 -6.97 -35.90
C TYR B 1028 15.21 -5.75 -36.82
N TYR B 1029 15.74 -5.92 -38.03
CA TYR B 1029 15.69 -4.84 -39.01
C TYR B 1029 14.26 -4.42 -39.30
N GLU B 1030 13.34 -5.40 -39.38
CA GLU B 1030 11.94 -5.09 -39.62
C GLU B 1030 11.36 -4.24 -38.49
N ILE B 1031 11.71 -4.58 -37.24
CA ILE B 1031 11.21 -3.82 -36.10
C ILE B 1031 11.75 -2.40 -36.14
N LEU B 1032 13.05 -2.24 -36.45
CA LEU B 1032 13.61 -0.89 -36.55
C LEU B 1032 12.95 -0.09 -37.66
N TYR B 1033 12.72 -0.72 -38.81
CA TYR B 1033 12.12 -0.03 -39.94
C TYR B 1033 10.66 0.32 -39.68
N ALA B 1034 9.99 -0.46 -38.83
CA ALA B 1034 8.64 -0.12 -38.42
C ALA B 1034 8.63 1.00 -37.39
N TRP B 1035 9.63 1.04 -36.52
CA TRP B 1035 9.67 2.08 -35.48
C TRP B 1035 10.09 3.44 -36.04
N LEU B 1036 10.89 3.47 -37.11
CA LEU B 1036 11.37 4.75 -37.63
C LEU B 1036 10.27 5.72 -38.02
N PRO B 1037 9.28 5.34 -38.85
CA PRO B 1037 8.29 6.35 -39.28
C PRO B 1037 7.47 6.94 -38.15
N TYR B 1038 7.20 6.18 -37.10
CA TYR B 1038 6.45 6.71 -35.97
C TYR B 1038 7.21 7.85 -35.31
N ARG B 1039 8.52 7.66 -35.10
CA ARG B 1039 9.33 8.72 -34.51
C ARG B 1039 9.44 9.91 -35.43
N ARG B 1040 9.57 9.67 -36.74
CA ARG B 1040 9.59 10.78 -37.70
C ARG B 1040 8.32 11.62 -37.62
N GLU B 1041 7.16 10.95 -37.67
CA GLU B 1041 5.90 11.67 -37.63
C GLU B 1041 5.70 12.39 -36.31
N LEU B 1042 6.14 11.77 -35.20
CA LEU B 1042 6.02 12.42 -33.91
C LEU B 1042 6.86 13.70 -33.87
N TYR B 1043 8.09 13.64 -34.39
CA TYR B 1043 8.90 14.85 -34.45
C TYR B 1043 8.24 15.93 -35.30
N GLN B 1044 7.70 15.55 -36.46
CA GLN B 1044 7.09 16.52 -37.35
C GLN B 1044 5.88 17.19 -36.71
N LYS B 1045 5.00 16.40 -36.10
CA LYS B 1045 3.81 16.97 -35.48
C LYS B 1045 4.15 17.77 -34.24
N ARG B 1046 5.19 17.36 -33.49
CA ARG B 1046 5.63 18.14 -32.35
C ARG B 1046 6.15 19.50 -32.78
N LEU B 1047 6.91 19.54 -33.88
CA LEU B 1047 7.39 20.82 -34.38
C LEU B 1047 6.22 21.69 -34.85
N MET B 1048 5.24 21.10 -35.52
CA MET B 1048 4.09 21.87 -35.98
C MET B 1048 3.32 22.46 -34.80
N ARG B 1049 3.07 21.66 -33.76
CA ARG B 1049 2.36 22.16 -32.60
C ARG B 1049 3.17 23.25 -31.90
N GLU B 1050 4.50 23.07 -31.82
CA GLU B 1050 5.34 24.11 -31.24
C GLU B 1050 5.23 25.41 -32.02
N HIS B 1051 5.22 25.32 -33.35
CA HIS B 1051 5.10 26.52 -34.18
C HIS B 1051 3.78 27.24 -33.92
N ALA B 1052 2.68 26.48 -33.89
CA ALA B 1052 1.37 27.10 -33.67
C ALA B 1052 1.29 27.74 -32.29
N VAL B 1053 1.68 27.01 -31.25
CA VAL B 1053 1.57 27.54 -29.90
C VAL B 1053 2.52 28.72 -29.71
N LEU B 1054 3.66 28.72 -30.39
CA LEU B 1054 4.56 29.86 -30.27
C LEU B 1054 4.00 31.08 -30.95
N LYS B 1055 3.33 30.91 -32.09
CA LYS B 1055 2.64 32.04 -32.71
C LYS B 1055 1.60 32.62 -31.77
N LEU B 1056 0.80 31.75 -31.15
CA LEU B 1056 -0.21 32.21 -30.21
C LEU B 1056 0.41 32.94 -29.03
N ARG B 1057 1.51 32.40 -28.49
CA ARG B 1057 2.16 33.04 -27.35
C ARG B 1057 2.75 34.39 -27.71
N ILE B 1058 3.32 34.51 -28.92
CA ILE B 1058 3.87 35.79 -29.35
C ILE B 1058 2.77 36.84 -29.46
N ILE B 1059 1.64 36.48 -30.07
CA ILE B 1059 0.58 37.49 -30.22
C ILE B 1059 0.01 37.85 -28.85
N MET B 1060 -0.15 36.86 -27.96
CA MET B 1060 -0.63 37.16 -26.61
C MET B 1060 0.31 38.10 -25.87
N GLU B 1061 1.63 37.84 -25.96
CA GLU B 1061 2.58 38.67 -25.25
C GLU B 1061 2.67 40.07 -25.84
N THR B 1062 2.54 40.21 -27.16
CA THR B 1062 2.50 41.53 -27.74
C THR B 1062 1.28 42.32 -27.25
N ALA B 1063 0.13 41.67 -27.19
CA ALA B 1063 -1.06 42.33 -26.64
C ALA B 1063 -0.85 42.72 -25.18
N ILE B 1064 -0.23 41.82 -24.40
CA ILE B 1064 0.02 42.10 -22.99
C ILE B 1064 0.94 43.31 -22.84
N VAL B 1065 2.00 43.38 -23.64
CA VAL B 1065 2.92 44.50 -23.55
C VAL B 1065 2.25 45.79 -23.97
N ARG B 1066 1.40 45.73 -25.00
CA ARG B 1066 0.66 46.93 -25.41
C ARG B 1066 -0.25 47.43 -24.28
N TYR B 1067 -0.95 46.51 -23.61
CA TYR B 1067 -1.79 46.92 -22.50
C TYR B 1067 -0.96 47.49 -21.36
N ILE B 1068 0.18 46.87 -21.05
CA ILE B 1068 1.04 47.40 -20.00
C ILE B 1068 1.50 48.80 -20.34
N ASN B 1069 1.78 49.06 -21.62
CA ASN B 1069 2.19 50.39 -22.03
C ASN B 1069 1.04 51.39 -21.90
N GLU B 1070 -0.18 50.99 -22.24
CA GLU B 1070 -1.30 51.93 -22.28
C GLU B 1070 -2.15 51.94 -21.02
N SER B 1071 -1.78 51.18 -19.98
CA SER B 1071 -2.61 51.06 -18.79
C SER B 1071 -2.85 52.41 -18.12
N ALA B 1072 -1.87 53.32 -18.17
CA ALA B 1072 -2.07 54.64 -17.60
C ALA B 1072 -3.19 55.39 -18.33
N GLU B 1073 -3.23 55.27 -19.65
CA GLU B 1073 -4.26 55.97 -20.42
C GLU B 1073 -5.62 55.33 -20.25
N LEU B 1074 -5.69 53.99 -20.31
CA LEU B 1074 -6.98 53.31 -20.19
C LEU B 1074 -7.62 53.55 -18.84
N ASN B 1075 -6.87 53.28 -17.76
CA ASN B 1075 -7.33 53.51 -16.39
C ASN B 1075 -8.65 52.78 -16.12
N LEU B 1076 -8.57 51.44 -16.15
CA LEU B 1076 -9.78 50.65 -15.92
C LEU B 1076 -10.23 50.64 -14.47
N SER B 1077 -9.66 51.49 -13.62
CA SER B 1077 -10.04 51.54 -12.21
C SER B 1077 -11.41 52.15 -11.99
N HIS B 1078 -12.03 52.75 -13.01
CA HIS B 1078 -13.30 53.43 -12.86
C HIS B 1078 -14.37 52.80 -13.74
N TYR B 1079 -14.30 51.48 -13.92
CA TYR B 1079 -15.28 50.74 -14.71
C TYR B 1079 -16.00 49.75 -13.82
N GLU B 1080 -17.26 49.45 -14.20
CA GLU B 1080 -18.16 48.75 -13.29
C GLU B 1080 -17.67 47.35 -12.93
N ASP B 1081 -17.37 46.53 -13.94
CA ASP B 1081 -16.99 45.15 -13.69
C ASP B 1081 -16.31 44.60 -14.94
N GLU B 1082 -16.11 43.27 -14.95
CA GLU B 1082 -15.39 42.63 -16.04
C GLU B 1082 -16.09 42.80 -17.38
N LYS B 1083 -17.42 42.91 -17.38
CA LYS B 1083 -18.14 43.09 -18.63
C LYS B 1083 -17.77 44.40 -19.30
N GLU B 1084 -17.82 45.51 -18.53
CA GLU B 1084 -17.46 46.80 -19.08
C GLU B 1084 -16.01 46.85 -19.50
N ALA B 1085 -15.12 46.27 -18.69
CA ALA B 1085 -13.70 46.26 -19.02
C ALA B 1085 -13.43 45.49 -20.31
N SER B 1086 -14.05 44.31 -20.45
CA SER B 1086 -13.88 43.54 -21.68
C SER B 1086 -14.45 44.29 -22.88
N ARG B 1087 -15.58 44.96 -22.69
CA ARG B 1087 -16.17 45.73 -23.78
C ARG B 1087 -15.23 46.83 -24.25
N ILE B 1088 -14.64 47.58 -23.30
CA ILE B 1088 -13.76 48.67 -23.71
C ILE B 1088 -12.45 48.14 -24.27
N LEU B 1089 -11.95 47.00 -23.76
CA LEU B 1089 -10.75 46.40 -24.34
C LEU B 1089 -10.99 45.98 -25.78
N SER B 1090 -12.16 45.38 -26.05
CA SER B 1090 -12.51 45.02 -27.42
C SER B 1090 -12.66 46.26 -28.28
N GLU B 1091 -13.20 47.34 -27.70
CA GLU B 1091 -13.31 48.60 -28.42
C GLU B 1091 -11.93 49.13 -28.82
N HIS B 1092 -10.95 49.04 -27.92
CA HIS B 1092 -9.61 49.51 -28.21
C HIS B 1092 -8.85 48.58 -29.17
N GLY B 1093 -9.40 47.41 -29.49
CA GLY B 1093 -8.77 46.51 -30.42
C GLY B 1093 -7.98 45.38 -29.82
N PHE B 1094 -8.04 45.20 -28.50
CA PHE B 1094 -7.32 44.10 -27.87
C PHE B 1094 -7.91 42.76 -28.31
N PRO B 1095 -7.08 41.76 -28.58
CA PRO B 1095 -7.58 40.50 -29.13
C PRO B 1095 -8.16 39.62 -28.04
N PRO B 1096 -9.28 38.96 -28.30
CA PRO B 1096 -9.82 38.00 -27.34
C PRO B 1096 -9.25 36.60 -27.54
N LEU B 1097 -8.78 35.99 -26.46
CA LEU B 1097 -8.15 34.68 -26.54
C LEU B 1097 -8.02 34.10 -25.14
N ASN B 1098 -8.23 32.80 -25.01
CA ASN B 1098 -8.18 32.13 -23.70
C ASN B 1098 -6.72 31.90 -23.32
N HIS B 1099 -6.25 32.63 -22.31
CA HIS B 1099 -4.85 32.54 -21.93
C HIS B 1099 -4.50 31.21 -21.29
N THR B 1100 -5.47 30.50 -20.71
CA THR B 1100 -5.18 29.22 -20.08
C THR B 1100 -4.68 28.21 -21.09
N LEU B 1101 -5.28 28.16 -22.28
CA LEU B 1101 -4.82 27.24 -23.30
C LEU B 1101 -3.49 27.68 -23.91
N ILE B 1102 -3.31 29.00 -24.07
CA ILE B 1102 -2.07 29.51 -24.66
C ILE B 1102 -0.88 29.20 -23.77
N ILE B 1103 -1.02 29.42 -22.46
CA ILE B 1103 0.12 29.20 -21.57
C ILE B 1103 0.37 27.70 -21.38
N SER B 1104 -0.63 26.86 -21.62
CA SER B 1104 -0.49 25.42 -21.43
C SER B 1104 -1.50 24.71 -22.33
N PRO B 1105 -1.09 24.27 -23.54
CA PRO B 1105 -2.00 23.59 -24.43
C PRO B 1105 -2.25 22.16 -23.95
N GLU B 1106 -1.31 21.58 -23.21
CA GLU B 1106 -1.46 20.20 -22.71
C GLU B 1106 -1.63 19.26 -23.91
N PHE B 1107 -2.74 18.53 -23.96
CA PHE B 1107 -2.97 17.55 -25.04
C PHE B 1107 -3.89 18.17 -26.09
N ALA B 1108 -3.48 19.30 -26.69
CA ALA B 1108 -4.36 19.98 -27.63
C ALA B 1108 -3.79 19.84 -29.02
N SER B 1109 -4.55 19.19 -29.91
CA SER B 1109 -4.13 19.06 -31.29
C SER B 1109 -4.19 20.40 -32.00
N ILE B 1110 -3.68 20.43 -33.23
CA ILE B 1110 -3.58 21.68 -33.97
C ILE B 1110 -4.96 22.29 -34.23
N GLU B 1111 -5.89 21.47 -34.73
CA GLU B 1111 -7.20 21.99 -35.11
C GLU B 1111 -7.96 22.50 -33.90
N GLU B 1112 -7.93 21.75 -32.79
CA GLU B 1112 -8.62 22.22 -31.60
C GLU B 1112 -7.90 23.40 -30.97
N LEU B 1113 -6.57 23.43 -31.03
CA LEU B 1113 -5.83 24.58 -30.54
C LEU B 1113 -6.25 25.85 -31.27
N ASN B 1114 -6.35 25.77 -32.60
CA ASN B 1114 -6.79 26.93 -33.37
C ASN B 1114 -8.24 27.30 -33.05
N GLN B 1115 -9.13 26.31 -33.04
CA GLN B 1115 -10.55 26.58 -32.83
C GLN B 1115 -10.84 27.10 -31.43
N LYS B 1116 -9.97 26.83 -30.46
CA LYS B 1116 -10.14 27.38 -29.13
C LYS B 1116 -9.40 28.69 -28.92
N ALA B 1117 -8.28 28.90 -29.61
CA ALA B 1117 -7.53 30.14 -29.46
C ALA B 1117 -8.13 31.28 -30.27
N LEU B 1118 -8.95 30.97 -31.28
CA LEU B 1118 -9.61 32.05 -32.01
C LEU B 1118 -10.57 32.82 -31.11
N GLN B 1119 -11.19 32.15 -30.15
CA GLN B 1119 -12.10 32.78 -29.22
C GLN B 1119 -11.49 32.80 -27.82
N GLY B 1120 -12.23 33.32 -26.86
CA GLY B 1120 -11.79 33.38 -25.49
C GLY B 1120 -12.24 34.68 -24.84
N CYS B 1121 -11.60 34.99 -23.72
CA CYS B 1121 -11.91 36.18 -22.94
C CYS B 1121 -10.67 37.06 -22.86
N TYR B 1122 -10.78 38.13 -22.09
CA TYR B 1122 -9.67 39.06 -21.87
C TYR B 1122 -9.00 38.86 -20.52
N THR B 1123 -9.08 37.65 -19.96
CA THR B 1123 -8.55 37.39 -18.62
C THR B 1123 -7.05 37.69 -18.54
N TYR B 1124 -6.35 37.47 -19.64
CA TYR B 1124 -4.92 37.73 -19.70
C TYR B 1124 -4.65 39.15 -19.22
N ILE B 1125 -5.51 40.09 -19.64
CA ILE B 1125 -5.36 41.48 -19.22
C ILE B 1125 -5.77 41.65 -17.77
N LEU B 1126 -6.86 41.01 -17.37
CA LEU B 1126 -7.38 41.21 -16.02
C LEU B 1126 -6.58 40.45 -14.97
N SER B 1127 -6.01 39.30 -15.33
CA SER B 1127 -5.35 38.46 -14.33
C SER B 1127 -3.93 38.92 -14.00
N LEU B 1128 -3.34 39.79 -14.81
CA LEU B 1128 -1.97 40.21 -14.54
C LEU B 1128 -1.92 41.11 -13.31
N GLN B 1129 -0.88 40.92 -12.51
CA GLN B 1129 -0.75 41.59 -11.22
C GLN B 1129 -0.21 43.01 -11.40
N ALA B 1130 -0.25 43.77 -10.30
CA ALA B 1130 0.24 45.15 -10.34
C ALA B 1130 1.75 45.19 -10.51
N ARG B 1131 2.47 44.21 -9.93
CA ARG B 1131 3.92 44.19 -10.02
C ARG B 1131 4.41 44.08 -11.46
N GLU B 1132 3.60 43.54 -12.36
CA GLU B 1132 3.99 43.44 -13.76
C GLU B 1132 3.97 44.81 -14.46
N LEU B 1133 3.34 45.81 -13.86
CA LEU B 1133 3.28 47.13 -14.47
C LEU B 1133 4.59 47.88 -14.40
N LEU B 1134 5.53 47.43 -13.58
CA LEU B 1134 6.84 48.06 -13.51
C LEU B 1134 7.58 47.90 -14.82
N ILE B 1135 8.38 48.91 -15.16
CA ILE B 1135 9.00 48.96 -16.49
C ILE B 1135 10.02 47.83 -16.67
N ALA B 1136 10.63 47.35 -15.57
CA ALA B 1136 11.54 46.22 -15.69
C ALA B 1136 10.81 44.97 -16.15
N ALA B 1137 9.61 44.74 -15.62
CA ALA B 1137 8.81 43.60 -16.07
C ALA B 1137 8.44 43.74 -17.54
N LYS B 1138 8.12 44.95 -17.98
CA LYS B 1138 7.80 45.16 -19.40
C LYS B 1138 9.02 44.90 -20.28
N THR B 1139 10.20 45.35 -19.86
CA THR B 1139 11.41 45.09 -20.63
C THR B 1139 11.71 43.60 -20.70
N ARG B 1140 11.52 42.90 -19.57
CA ARG B 1140 11.69 41.45 -19.57
C ARG B 1140 10.70 40.78 -20.52
N ARG B 1141 9.46 41.26 -20.54
CA ARG B 1141 8.47 40.71 -21.46
C ARG B 1141 8.88 40.95 -22.92
N VAL B 1142 9.41 42.14 -23.21
CA VAL B 1142 9.83 42.44 -24.58
C VAL B 1142 10.98 41.53 -24.99
N GLU B 1143 11.94 41.32 -24.09
CA GLU B 1143 13.05 40.41 -24.39
C GLU B 1143 12.53 38.99 -24.59
N LYS B 1144 11.54 38.59 -23.79
CA LYS B 1144 10.92 37.28 -23.97
C LYS B 1144 10.25 37.16 -25.33
N ILE B 1145 9.60 38.24 -25.78
CA ILE B 1145 8.98 38.24 -27.10
C ILE B 1145 10.05 38.07 -28.18
N LYS B 1146 11.17 38.78 -28.03
CA LYS B 1146 12.25 38.65 -29.00
C LYS B 1146 12.78 37.21 -29.03
N LYS B 1147 12.98 36.61 -27.87
CA LYS B 1147 13.47 35.23 -27.81
C LYS B 1147 12.47 34.27 -28.45
N MET B 1148 11.18 34.46 -28.17
CA MET B 1148 10.17 33.56 -28.74
C MET B 1148 10.08 33.72 -30.25
N GLN B 1149 10.22 34.94 -30.76
CA GLN B 1149 10.17 35.10 -32.22
C GLN B 1149 11.41 34.52 -32.88
N ALA B 1150 12.57 34.64 -32.24
CA ALA B 1150 13.77 33.98 -32.77
C ALA B 1150 13.59 32.46 -32.79
N ARG B 1151 13.02 31.92 -31.72
CA ARG B 1151 12.75 30.48 -31.68
C ARG B 1151 11.73 30.08 -32.74
N LEU B 1152 10.75 30.95 -33.01
CA LEU B 1152 9.78 30.68 -34.06
C LEU B 1152 10.46 30.62 -35.43
N ASP B 1153 11.36 31.56 -35.69
CA ASP B 1153 12.11 31.52 -36.95
C ASP B 1153 12.95 30.26 -37.05
N LYS B 1154 13.59 29.85 -35.95
CA LYS B 1154 14.37 28.62 -35.97
C LYS B 1154 13.49 27.40 -36.21
N VAL B 1155 12.29 27.39 -35.64
CA VAL B 1155 11.36 26.28 -35.85
C VAL B 1155 10.94 26.23 -37.31
N GLU B 1156 10.63 27.40 -37.90
CA GLU B 1156 10.27 27.42 -39.31
C GLU B 1156 11.41 26.92 -40.18
N GLN B 1157 12.65 27.22 -39.79
CA GLN B 1157 13.80 26.63 -40.48
C GLN B 1157 13.83 25.11 -40.30
N LEU B 1158 13.49 24.64 -39.10
CA LEU B 1158 13.53 23.21 -38.82
C LEU B 1158 12.51 22.44 -39.66
N LEU B 1159 11.33 23.03 -39.89
CA LEU B 1159 10.32 22.36 -40.69
C LEU B 1159 10.74 22.18 -42.15
N GLN B 1160 11.78 22.86 -42.60
CA GLN B 1160 12.22 22.79 -43.98
C GLN B 1160 13.51 21.99 -44.15
N GLU B 1161 13.84 21.14 -43.18
CA GLU B 1161 15.09 20.40 -43.23
C GLU B 1161 15.01 19.29 -44.28
N SER B 1162 16.16 18.98 -44.89
CA SER B 1162 16.15 18.18 -46.13
C SER B 1162 15.62 16.77 -45.95
N PRO B 1163 16.12 15.93 -45.01
CA PRO B 1163 15.58 14.57 -44.92
C PRO B 1163 14.12 14.55 -44.51
N PHE B 1164 13.83 15.19 -43.39
CA PHE B 1164 12.47 15.35 -42.89
C PHE B 1164 12.51 16.39 -41.77
N PRO B 1165 11.38 17.03 -41.46
CA PRO B 1165 11.38 18.04 -40.40
C PRO B 1165 11.85 17.47 -39.07
N GLY B 1166 12.66 18.26 -38.38
CA GLY B 1166 13.17 17.87 -37.07
C GLY B 1166 14.22 16.79 -37.07
N ALA B 1167 14.88 16.53 -38.20
CA ALA B 1167 15.93 15.52 -38.22
C ALA B 1167 17.11 15.91 -37.33
N SER B 1168 17.51 17.18 -37.40
CA SER B 1168 18.63 17.63 -36.57
C SER B 1168 18.29 17.52 -35.09
N VAL B 1169 17.05 17.88 -34.72
CA VAL B 1169 16.63 17.74 -33.32
C VAL B 1169 16.71 16.28 -32.89
N TRP B 1170 16.29 15.37 -33.76
CA TRP B 1170 16.47 13.95 -33.50
C TRP B 1170 17.93 13.61 -33.27
N LEU B 1171 18.83 14.21 -34.06
CA LEU B 1171 20.25 13.92 -33.88
C LEU B 1171 20.77 14.39 -32.52
N GLU B 1172 20.40 15.60 -32.11
CA GLU B 1172 20.87 16.08 -30.81
C GLU B 1172 20.28 15.26 -29.68
N GLU B 1173 19.03 14.81 -29.86
CA GLU B 1173 18.37 13.98 -28.87
C GLU B 1173 19.13 12.66 -28.74
N ILE B 1174 19.49 12.09 -29.89
CA ILE B 1174 20.23 10.83 -29.91
C ILE B 1174 21.56 11.00 -29.19
N ASP B 1175 22.26 12.09 -29.44
CA ASP B 1175 23.53 12.33 -28.76
C ASP B 1175 23.33 12.45 -27.25
N ALA B 1176 22.28 13.17 -26.84
CA ALA B 1176 22.02 13.36 -25.42
C ALA B 1176 21.70 12.02 -24.73
N VAL B 1177 20.85 11.21 -25.37
CA VAL B 1177 20.50 9.93 -24.76
C VAL B 1177 21.69 8.99 -24.74
N GLU B 1178 22.55 9.05 -25.76
CA GLU B 1178 23.76 8.23 -25.75
C GLU B 1178 24.68 8.64 -24.61
N LYS B 1179 24.84 9.95 -24.39
CA LYS B 1179 25.67 10.41 -23.29
C LYS B 1179 25.09 9.98 -21.94
N ALA B 1180 23.76 10.08 -21.79
CA ALA B 1180 23.12 9.64 -20.55
C ALA B 1180 23.31 8.14 -20.33
N ILE B 1181 23.18 7.35 -21.40
CA ILE B 1181 23.35 5.91 -21.27
C ILE B 1181 24.79 5.57 -20.89
N ILE B 1182 25.76 6.25 -21.50
CA ILE B 1182 27.16 6.02 -21.14
C ILE B 1182 27.40 6.36 -19.67
N LYS B 1183 26.85 7.50 -19.22
CA LYS B 1183 26.98 7.88 -17.82
C LYS B 1183 26.37 6.83 -16.90
N GLY B 1184 25.24 6.25 -17.30
CA GLY B 1184 24.65 5.19 -16.51
C GLY B 1184 25.49 3.93 -16.48
N ARG B 1185 26.05 3.54 -17.63
CA ARG B 1185 26.85 2.32 -17.69
C ARG B 1185 28.11 2.45 -16.86
N ASN B 1186 28.78 3.60 -16.90
CA ASN B 1186 30.03 3.73 -16.16
C ASN B 1186 29.82 4.02 -14.68
N THR B 1187 28.57 4.09 -14.22
CA THR B 1187 28.27 4.28 -12.80
C THR B 1187 27.44 3.13 -12.24
N GLN B 1188 27.46 1.97 -12.89
CA GLN B 1188 26.68 0.80 -12.46
C GLN B 1188 25.19 1.12 -12.36
N TRP B 1189 24.73 2.03 -13.23
CA TRP B 1189 23.36 2.52 -13.23
C TRP B 1189 22.99 3.14 -11.88
N LYS B 1190 23.99 3.72 -11.21
CA LYS B 1190 23.79 4.50 -10.00
C LYS B 1190 24.35 5.88 -10.30
N PHE B 1191 23.50 6.75 -10.85
CA PHE B 1191 23.97 8.00 -11.41
C PHE B 1191 24.52 8.96 -10.36
N HIS B 1192 24.16 8.78 -9.10
CA HIS B 1192 24.64 9.66 -8.03
C HIS B 1192 26.14 9.49 -7.83
MG MG G . 11.52 -1.75 14.43
MG MG H . -10.77 -9.81 -11.44
C1 EVP I . 3.62 -17.29 13.28
O1 EVP I . 2.54 -16.50 12.81
C2 EVP I . 4.29 -15.17 13.27
O2 EVP I . 4.63 -16.41 13.77
C3 EVP I . 5.03 -14.02 13.28
O3 EVP I . 4.27 -8.45 11.18
C4 EVP I . 4.46 -12.88 12.70
O4 EVP I . 6.01 -8.55 12.56
C5 EVP I . 5.30 -11.61 12.76
O5 EVP I . 7.70 -13.11 8.64
C6 EVP I . 4.42 -10.42 12.42
O6 EVP I . 9.93 -11.90 9.45
C7 EVP I . 5.03 -9.07 12.12
O7 EVP I . 10.04 -10.55 11.74
C8 EVP I . 3.12 -9.28 10.84
O8 EVP I . 1.65 -11.18 12.43
C9 EVP I . 3.61 -10.68 11.16
O9 EVP I . -0.04 -9.98 11.46
C10 EVP I . 2.56 -11.71 11.49
O10 EVP I . -3.11 -8.47 10.27
C11 EVP I . 3.19 -12.93 12.12
O11 EVP I . -3.61 -9.80 12.12
C12 EVP I . 2.47 -14.13 12.12
O12 EVP I . -2.65 -11.27 14.38
C13 EVP I . 3.04 -15.23 12.70
O13 EVP I . -0.24 -12.80 13.80
C14 EVP I . 6.54 -11.71 11.86
C15 EVP I . 6.50 -12.39 10.65
C16 EVP I . 7.63 -12.46 9.85
C17 EVP I . 8.81 -11.83 10.24
C18 EVP I . 8.85 -11.15 11.44
C19 EVP I . 7.72 -11.08 12.25
C20 EVP I . 6.83 -14.23 8.46
C21 EVP I . 9.98 -9.21 12.19
C22 EVP I . 0.31 -11.22 12.06
C23 EVP I . -1.43 -9.90 11.15
C24 EVP I . -1.70 -8.57 10.48
C25 EVP I . -3.82 -8.55 11.50
C26 EVP I . -2.22 -9.98 12.44
C27 EVP I . -1.99 -11.29 13.13
C28 EVP I . -0.50 -11.48 13.33
C29 EVP I . -5.29 -8.42 11.20
C1 EVP J . -1.06 -21.85 -3.25
O1 EVP J . -0.09 -20.81 -3.26
C2 EVP J . -1.99 -20.09 -4.23
O2 EVP J . -2.16 -21.44 -4.07
C3 EVP J . -2.86 -19.19 -4.78
O3 EVP J . -2.84 -13.24 -5.67
C4 EVP J . -2.46 -17.85 -4.84
O4 EVP J . -4.55 -14.21 -6.73
C5 EVP J . -3.46 -16.87 -5.47
O5 EVP J . -5.77 -16.45 -1.07
C6 EVP J . -2.73 -15.57 -5.78
O6 EVP J . -8.12 -16.09 -2.29
C7 EVP J . -3.51 -14.32 -6.13
O7 EVP J . -8.32 -16.08 -4.95
C8 EVP J . -1.62 -13.67 -5.00
O8 EVP J . 0.11 -15.89 -5.52
C9 EVP J . -1.94 -15.09 -4.59
O9 EVP J . 1.63 -14.18 -5.33
C10 EVP J . -0.75 -16.01 -4.41
O10 EVP J . 4.49 -11.96 -5.16
C11 EVP J . -1.21 -17.46 -4.36
O11 EVP J . 5.18 -13.98 -6.11
C12 EVP J . -0.34 -18.42 -3.80
O12 EVP J . 4.44 -16.48 -7.31
C13 EVP J . -0.76 -19.70 -3.75
O13 EVP J . 2.20 -17.76 -5.95
C14 EVP J . -4.71 -16.68 -4.60
C15 EVP J . -4.61 -16.66 -3.21
C16 EVP J . -5.76 -16.48 -2.44
C17 EVP J . -6.98 -16.28 -3.05
C18 EVP J . -7.07 -16.29 -4.43
C19 EVP J . -5.93 -16.48 -5.21
C20 EVP J . -4.75 -17.17 -0.40
C21 EVP J . -8.44 -15.09 -5.97
C22 EVP J . 1.44 -15.60 -5.23
C23 EVP J . 3.00 -13.81 -5.16
C24 EVP J . 3.10 -12.31 -5.24
C25 EVP J . 5.23 -12.57 -6.21
C26 EVP J . 3.83 -14.44 -6.26
C27 EVP J . 3.76 -15.94 -6.18
C28 EVP J . 2.30 -16.36 -6.22
C29 EVP J . 6.67 -12.15 -6.07
#